data_2J4U
#
_entry.id   2J4U
#
_cell.length_a   201.470
_cell.length_b   116.286
_cell.length_c   152.280
_cell.angle_alpha   90.00
_cell.angle_beta   90.03
_cell.angle_gamma   90.00
#
_symmetry.space_group_name_H-M   'C 1 2 1'
#
loop_
_entity.id
_entity.type
_entity.pdbx_description
1 polymer 'OUTER MEMBRANE PROTEIN C PRECURSOR'
2 polymer LACTOTRANSFERRIN
#
loop_
_entity_poly.entity_id
_entity_poly.type
_entity_poly.pdbx_seq_one_letter_code
_entity_poly.pdbx_strand_id
1 'polypeptide(L)'
;AEVYNKDGNKLDLYGKVDGLHYFSDNKDVDGDQTYMRLGFKGETQVTDQLTGYGQWEYQIQGNSAENENNSWTRVAFAGL
KFQDVGSFDYGRNYGVVYDVTSWTDVLPEFGGDTYGSDNFMQQRGNGFATYRNTDFFGLVDGLNFAVQYQGKNGNPSGEG
FTSGVTNNGRDALRQNGDGVGGSITYDYEGFGIGGAISSSKRTDAQNTAAYIGNGDRAETYTGGLKYDANNIYLAAQYTQ
TYNATRVGSLGWANKAQNFEAVAQYQFDFGLRPSLAYLQSKGKNLGRGYDDEDILKYVDVGATYYFNKNMSTYVDYKINL
LDDNQFTRDAGINTDNIVALGLVYQF
;
P,Q,R,U,V,W
2 'polypeptide(L)' ASKKSVRWCTTSPAESKKCAQWQRRMKKVRGPSVTCVKKTSRFEC S,X
#
# COMPACT_ATOMS: atom_id res chain seq x y z
N ALA A 1 34.28 20.91 23.45
CA ALA A 1 35.27 22.03 23.69
C ALA A 1 34.66 23.21 24.41
N GLU A 2 35.24 23.52 25.62
CA GLU A 2 34.86 24.73 26.44
C GLU A 2 34.94 26.09 25.66
N VAL A 3 33.90 26.35 24.83
CA VAL A 3 33.78 27.57 24.00
C VAL A 3 33.45 28.66 24.98
N TYR A 4 32.46 29.55 24.72
CA TYR A 4 31.91 30.48 25.77
C TYR A 4 32.00 29.99 27.27
N ASN A 5 32.45 30.94 28.10
CA ASN A 5 32.43 30.84 29.54
C ASN A 5 32.67 32.21 30.21
N LYS A 6 31.59 32.96 30.40
CA LYS A 6 31.62 34.33 30.86
C LYS A 6 30.54 34.53 31.95
N ASP A 7 30.91 35.20 33.06
CA ASP A 7 29.98 35.46 34.24
C ASP A 7 28.92 34.31 34.52
N GLY A 8 29.29 33.44 35.46
CA GLY A 8 28.37 32.33 35.89
C GLY A 8 28.25 31.23 34.84
N ASN A 9 27.49 31.60 33.79
CA ASN A 9 27.23 30.74 32.57
C ASN A 9 28.39 30.18 31.63
N LYS A 10 28.38 28.85 31.42
CA LYS A 10 29.39 28.29 30.57
C LYS A 10 29.03 27.13 29.68
N LEU A 11 29.44 27.25 28.43
CA LEU A 11 29.09 26.34 27.33
C LEU A 11 30.11 25.38 26.90
N ASP A 12 29.70 24.19 26.54
CA ASP A 12 30.73 23.38 25.94
C ASP A 12 30.19 22.67 24.74
N LEU A 13 30.40 23.25 23.57
CA LEU A 13 30.08 22.64 22.29
C LEU A 13 31.07 21.56 22.11
N TYR A 14 30.60 20.39 21.72
CA TYR A 14 31.54 19.22 21.66
C TYR A 14 31.17 18.11 20.65
N GLY A 15 32.07 17.18 20.36
CA GLY A 15 31.71 16.16 19.45
C GLY A 15 32.89 15.47 18.82
N LYS A 16 32.67 14.68 17.77
CA LYS A 16 33.68 13.76 17.28
C LYS A 16 33.26 13.16 15.98
N VAL A 17 34.25 12.75 15.17
CA VAL A 17 33.98 12.06 13.98
C VAL A 17 34.72 10.83 14.12
N ASP A 18 34.02 9.77 13.80
CA ASP A 18 34.51 8.52 14.11
C ASP A 18 34.43 7.70 12.81
N GLY A 19 35.64 7.36 12.31
CA GLY A 19 35.92 6.86 11.00
C GLY A 19 36.00 5.42 11.26
N LEU A 20 34.89 4.73 11.00
CA LEU A 20 34.71 3.43 11.61
C LEU A 20 34.40 2.47 10.54
N HIS A 21 34.96 1.25 10.66
CA HIS A 21 34.68 0.19 9.67
C HIS A 21 34.59 -1.21 10.38
N TYR A 22 33.69 -2.01 9.83
CA TYR A 22 33.36 -3.30 10.41
C TYR A 22 33.62 -4.40 9.42
N PHE A 23 34.43 -5.42 9.73
CA PHE A 23 34.51 -6.64 8.86
C PHE A 23 33.81 -7.72 9.56
N SER A 24 32.87 -8.32 8.83
CA SER A 24 31.98 -9.32 9.49
C SER A 24 31.48 -10.16 8.45
N ASP A 25 31.22 -11.42 8.71
CA ASP A 25 30.60 -12.27 7.65
C ASP A 25 29.17 -11.85 7.36
N ASN A 26 28.64 -11.13 8.38
CA ASN A 26 27.29 -10.69 8.45
C ASN A 26 27.07 -9.43 7.61
N LYS A 27 26.59 -9.60 6.37
CA LYS A 27 26.73 -8.43 5.37
C LYS A 27 25.68 -7.37 5.62
N ASP A 28 25.20 -7.39 6.85
CA ASP A 28 24.07 -6.64 7.30
C ASP A 28 24.55 -5.74 8.48
N VAL A 29 25.76 -6.10 9.00
CA VAL A 29 26.62 -5.25 9.82
C VAL A 29 27.94 -4.92 8.93
N ASP A 30 28.15 -5.60 7.81
CA ASP A 30 29.42 -5.39 7.18
C ASP A 30 29.73 -3.97 6.74
N GLY A 31 30.97 -3.54 6.94
CA GLY A 31 31.54 -2.54 6.01
C GLY A 31 31.73 -1.18 6.63
N ASP A 32 31.24 -0.16 5.95
CA ASP A 32 31.49 1.10 6.40
C ASP A 32 30.57 1.62 7.43
N GLN A 33 31.12 2.00 8.59
CA GLN A 33 30.34 2.51 9.71
C GLN A 33 30.59 3.87 10.21
N THR A 34 31.41 4.67 9.53
CA THR A 34 31.56 6.15 9.82
C THR A 34 30.34 6.82 10.46
N TYR A 35 30.46 7.51 11.56
CA TYR A 35 29.44 8.40 11.96
C TYR A 35 30.11 9.57 12.70
N MET A 36 29.25 10.43 13.24
CA MET A 36 29.73 11.56 14.02
C MET A 36 28.73 11.89 15.12
N ARG A 37 29.10 12.67 16.13
CA ARG A 37 28.05 13.28 16.99
C ARG A 37 28.46 14.62 17.52
N LEU A 38 27.49 15.53 17.66
CA LEU A 38 27.88 16.68 18.37
C LEU A 38 26.96 17.02 19.53
N GLY A 39 27.37 17.78 20.50
CA GLY A 39 26.40 18.11 21.53
C GLY A 39 26.77 19.29 22.43
N PHE A 40 25.87 19.85 23.16
CA PHE A 40 26.34 20.81 24.06
C PHE A 40 26.11 20.42 25.42
N LYS A 41 27.03 20.89 26.28
CA LYS A 41 26.76 20.82 27.72
C LYS A 41 26.52 22.27 28.09
N GLY A 42 25.68 22.58 29.07
CA GLY A 42 25.60 23.98 29.69
C GLY A 42 25.49 24.23 31.25
N GLU A 43 26.26 25.17 31.83
CA GLU A 43 25.89 25.51 33.21
C GLU A 43 25.80 26.96 33.33
N THR A 44 24.79 27.38 34.05
CA THR A 44 24.67 28.78 34.39
C THR A 44 24.58 28.56 35.82
N GLN A 45 25.20 29.45 36.55
CA GLN A 45 25.29 29.20 38.01
C GLN A 45 24.59 30.34 38.66
N VAL A 46 23.42 30.01 39.22
CA VAL A 46 22.31 30.96 39.61
C VAL A 46 22.51 31.60 40.95
N THR A 47 23.45 31.07 41.78
CA THR A 47 23.55 31.43 43.18
C THR A 47 24.71 30.64 43.54
N ASP A 48 24.84 30.16 44.76
CA ASP A 48 26.02 29.35 45.10
C ASP A 48 25.51 27.97 45.40
N GLN A 49 24.36 27.88 46.10
CA GLN A 49 23.65 26.61 46.16
C GLN A 49 23.28 26.11 44.70
N LEU A 50 22.69 27.02 43.94
CA LEU A 50 21.85 26.56 42.85
C LEU A 50 22.47 26.93 41.58
N THR A 51 22.52 25.88 40.72
CA THR A 51 23.12 25.97 39.37
C THR A 51 22.27 25.22 38.32
N GLY A 52 22.00 25.89 37.19
CA GLY A 52 21.32 25.30 36.01
C GLY A 52 22.08 24.42 34.95
N TYR A 53 21.34 23.59 34.27
CA TYR A 53 22.11 22.93 33.30
C TYR A 53 21.26 22.38 32.21
N GLY A 54 21.97 22.08 31.10
CA GLY A 54 21.51 21.55 29.83
C GLY A 54 22.42 20.58 29.01
N GLN A 55 21.85 19.47 28.59
CA GLN A 55 22.67 18.78 27.67
C GLN A 55 21.92 18.32 26.51
N TRP A 56 22.63 18.19 25.39
CA TRP A 56 22.05 17.79 24.14
C TRP A 56 23.07 17.00 23.33
N GLU A 57 22.88 15.70 23.16
CA GLU A 57 23.80 14.99 22.28
C GLU A 57 23.08 14.40 21.15
N TYR A 58 23.74 14.32 20.01
CA TYR A 58 23.04 14.01 18.72
C TYR A 58 23.92 13.42 17.71
N GLN A 59 23.59 12.24 17.31
CA GLN A 59 24.53 11.59 16.37
C GLN A 59 24.00 11.66 14.93
N ILE A 60 24.88 11.66 13.96
CA ILE A 60 24.42 11.70 12.58
C ILE A 60 25.18 10.68 11.79
N GLN A 61 24.52 9.74 11.13
CA GLN A 61 25.37 8.66 10.50
C GLN A 61 26.27 9.39 9.52
N GLY A 62 27.37 8.76 9.13
CA GLY A 62 28.22 9.43 8.20
C GLY A 62 28.65 8.40 7.24
N ASN A 63 27.93 7.32 7.33
CA ASN A 63 28.11 6.30 6.33
C ASN A 63 27.06 6.06 5.24
N SER A 64 26.23 7.03 4.88
CA SER A 64 25.46 6.83 3.61
C SER A 64 25.40 8.04 2.63
N ALA A 65 24.86 7.81 1.41
CA ALA A 65 24.80 8.74 0.33
C ALA A 65 23.90 9.86 0.74
N GLU A 66 24.23 11.07 0.28
CA GLU A 66 23.49 12.35 0.35
C GLU A 66 22.03 12.23 -0.02
N ASN A 67 21.74 11.01 -0.33
CA ASN A 67 20.48 10.62 -0.67
C ASN A 67 19.57 10.48 0.51
N GLU A 68 20.09 10.45 1.78
CA GLU A 68 19.54 9.50 2.78
C GLU A 68 19.56 9.87 4.21
N ASN A 69 19.95 11.07 4.57
CA ASN A 69 19.15 11.59 5.77
C ASN A 69 19.52 11.46 7.21
N ASN A 70 19.82 10.20 7.52
CA ASN A 70 19.41 9.50 8.67
C ASN A 70 19.57 9.86 10.26
N SER A 71 20.74 9.76 11.01
CA SER A 71 20.79 10.65 12.24
C SER A 71 19.61 11.05 13.29
N TRP A 72 19.53 10.48 14.45
CA TRP A 72 18.59 10.78 15.50
C TRP A 72 19.19 11.55 16.77
N THR A 73 18.33 11.90 17.81
CA THR A 73 18.69 12.60 19.10
C THR A 73 19.02 11.62 20.26
N ARG A 74 20.20 11.77 20.83
CA ARG A 74 20.62 10.90 21.91
C ARG A 74 20.12 11.29 23.28
N VAL A 75 20.21 12.58 23.52
CA VAL A 75 20.00 13.06 24.84
C VAL A 75 19.65 14.54 24.80
N ALA A 76 18.72 14.91 25.68
CA ALA A 76 18.25 16.32 25.68
C ALA A 76 17.43 16.53 26.93
N PHE A 77 18.03 17.32 27.79
CA PHE A 77 17.40 17.66 29.02
C PHE A 77 18.01 18.92 29.68
N ALA A 78 17.22 19.52 30.54
CA ALA A 78 17.66 20.63 31.29
C ALA A 78 17.32 20.08 32.64
N GLY A 79 18.06 20.61 33.62
CA GLY A 79 17.74 20.45 35.06
C GLY A 79 18.48 21.45 35.93
N LEU A 80 18.33 21.20 37.24
CA LEU A 80 18.75 22.08 38.37
C LEU A 80 19.58 21.22 39.35
N LYS A 81 20.70 21.76 39.90
CA LYS A 81 21.69 21.01 40.83
C LYS A 81 21.46 21.94 41.90
N PHE A 82 20.97 21.37 43.01
CA PHE A 82 20.56 22.13 44.18
C PHE A 82 21.64 22.44 45.24
N GLN A 83 22.51 21.49 45.68
CA GLN A 83 23.70 21.78 46.58
C GLN A 83 24.00 20.82 47.76
N ASP A 84 23.07 20.63 48.68
CA ASP A 84 23.20 19.48 49.57
C ASP A 84 22.17 18.64 48.87
N VAL A 85 20.96 19.19 48.80
CA VAL A 85 19.81 18.47 48.19
C VAL A 85 20.03 17.49 47.12
N GLY A 86 20.49 17.91 45.93
CA GLY A 86 20.82 16.99 44.74
C GLY A 86 20.45 17.64 43.40
N SER A 87 20.45 16.89 42.32
CA SER A 87 19.96 17.46 40.98
C SER A 87 18.54 16.90 40.57
N PHE A 88 17.83 17.67 39.71
CA PHE A 88 16.65 17.19 39.02
C PHE A 88 16.69 17.55 37.57
N ASP A 89 16.14 16.68 36.73
CA ASP A 89 16.12 16.90 35.28
C ASP A 89 15.14 16.03 34.57
N TYR A 90 14.34 16.76 33.84
CA TYR A 90 13.35 16.21 33.03
C TYR A 90 14.00 16.12 31.67
N GLY A 91 13.57 15.17 30.83
CA GLY A 91 14.16 15.01 29.51
C GLY A 91 14.30 13.62 28.86
N ARG A 92 14.77 13.57 27.58
CA ARG A 92 15.27 12.30 27.00
C ARG A 92 16.59 12.11 27.69
N ASN A 93 16.75 11.06 28.52
CA ASN A 93 17.94 10.83 29.27
C ASN A 93 18.28 9.36 29.33
N TYR A 94 19.34 8.94 30.09
CA TYR A 94 19.72 7.52 30.34
C TYR A 94 18.88 6.95 31.47
N GLY A 95 18.35 5.74 31.32
CA GLY A 95 17.59 5.18 32.44
C GLY A 95 18.49 4.94 33.64
N VAL A 96 17.93 4.91 34.85
CA VAL A 96 18.85 4.77 36.08
C VAL A 96 19.58 3.43 36.13
N VAL A 97 18.80 2.39 35.74
CA VAL A 97 19.42 1.11 35.67
C VAL A 97 20.84 1.29 35.03
N TYR A 98 21.03 2.42 34.31
CA TYR A 98 22.32 2.61 33.64
C TYR A 98 23.50 3.11 34.56
N ASP A 99 23.15 3.60 35.77
CA ASP A 99 24.16 3.99 36.78
C ASP A 99 25.03 2.83 37.11
N VAL A 100 24.49 1.60 37.13
CA VAL A 100 25.33 0.47 37.47
C VAL A 100 25.72 -0.26 36.23
N THR A 101 24.85 -0.33 35.21
CA THR A 101 25.23 -1.27 34.16
C THR A 101 26.19 -0.66 33.25
N SER A 102 26.20 0.63 33.24
CA SER A 102 27.40 1.37 32.68
C SER A 102 28.81 0.95 33.28
N TRP A 103 28.92 0.60 34.59
CA TRP A 103 30.13 0.01 35.19
C TRP A 103 30.82 -0.87 34.07
N THR A 104 30.07 -1.47 33.14
CA THR A 104 30.87 -2.21 32.21
C THR A 104 30.72 -1.94 30.77
N ASP A 105 30.11 -0.84 30.44
CA ASP A 105 30.05 -0.55 29.05
C ASP A 105 31.17 0.49 28.74
N VAL A 106 32.34 -0.05 28.39
CA VAL A 106 33.54 0.74 28.08
C VAL A 106 34.43 -0.05 27.01
N LEU A 107 33.85 -0.88 26.13
CA LEU A 107 34.81 -1.58 25.24
C LEU A 107 35.25 -0.64 24.13
N PRO A 108 36.35 -0.93 23.42
CA PRO A 108 36.72 0.10 22.43
C PRO A 108 35.58 0.38 21.52
N GLU A 109 34.70 -0.59 21.28
CA GLU A 109 33.51 -0.36 20.38
C GLU A 109 32.21 -1.20 20.74
N PHE A 110 32.36 -2.51 20.89
CA PHE A 110 31.27 -3.37 21.31
C PHE A 110 30.73 -3.25 22.76
N GLY A 111 30.12 -4.33 23.32
CA GLY A 111 29.46 -4.25 24.65
C GLY A 111 28.23 -3.29 24.70
N GLY A 112 27.58 -3.22 25.85
CA GLY A 112 26.49 -2.29 26.10
C GLY A 112 25.24 -2.80 25.45
N ASP A 113 25.20 -4.11 25.21
CA ASP A 113 24.11 -4.74 24.43
C ASP A 113 23.50 -5.98 25.03
N THR A 114 23.37 -5.94 26.35
CA THR A 114 22.47 -6.87 26.94
C THR A 114 21.23 -6.12 27.22
N TYR A 115 21.18 -4.88 26.72
CA TYR A 115 20.08 -3.98 26.81
C TYR A 115 20.28 -3.04 25.68
N GLY A 116 19.36 -2.06 25.53
CA GLY A 116 19.32 -1.20 24.35
C GLY A 116 18.70 0.17 24.53
N SER A 117 18.40 0.93 23.43
CA SER A 117 17.72 2.27 23.60
C SER A 117 16.19 2.25 23.58
N ASP A 118 15.47 3.02 24.43
CA ASP A 118 13.99 3.04 24.42
C ASP A 118 13.66 1.61 24.71
N ASN A 119 14.15 1.15 25.83
CA ASN A 119 14.05 -0.14 26.33
C ASN A 119 13.64 0.04 27.82
N PHE A 120 12.48 0.65 28.06
CA PHE A 120 12.06 1.01 29.41
C PHE A 120 13.12 1.90 30.00
N MET A 121 13.73 1.51 31.14
CA MET A 121 14.73 2.41 31.79
C MET A 121 16.11 1.81 31.83
N GLN A 122 16.27 0.74 31.09
CA GLN A 122 17.51 0.17 31.01
C GLN A 122 18.64 1.11 30.55
N GLN A 123 18.36 1.84 29.50
CA GLN A 123 19.32 2.71 28.83
C GLN A 123 18.32 3.71 28.22
N ARG A 124 18.75 4.94 28.05
CA ARG A 124 18.19 5.93 27.10
C ARG A 124 16.80 5.84 26.53
N GLY A 125 16.06 6.93 26.66
CA GLY A 125 14.70 6.93 26.45
C GLY A 125 14.07 8.29 26.77
N ASN A 126 12.78 8.47 26.33
CA ASN A 126 12.10 9.76 26.46
C ASN A 126 11.32 9.73 27.68
N GLY A 127 11.04 10.91 28.12
CA GLY A 127 10.18 11.09 29.28
C GLY A 127 10.63 10.83 30.69
N PHE A 128 11.92 11.16 30.96
CA PHE A 128 12.57 10.78 32.28
C PHE A 128 12.61 11.93 33.31
N ALA A 129 12.11 11.71 34.50
CA ALA A 129 12.35 12.78 35.48
C ALA A 129 13.33 12.20 36.48
N THR A 130 14.50 12.79 36.58
CA THR A 130 15.48 12.13 37.41
C THR A 130 15.95 12.93 38.60
N TYR A 131 15.99 12.27 39.75
CA TYR A 131 16.64 12.85 40.93
C TYR A 131 17.94 12.13 41.37
N ARG A 132 19.00 12.93 41.50
CA ARG A 132 20.28 12.35 41.92
C ARG A 132 20.86 13.11 43.01
N ASN A 133 21.35 12.33 43.92
CA ASN A 133 22.04 12.80 45.09
C ASN A 133 23.46 12.12 45.21
N THR A 134 24.38 12.97 45.57
CA THR A 134 25.76 12.65 45.50
C THR A 134 26.53 11.96 46.72
N ASP A 135 26.53 12.57 47.90
CA ASP A 135 27.20 11.71 48.91
C ASP A 135 26.20 11.67 50.06
N PHE A 136 25.22 10.81 49.88
CA PHE A 136 24.04 10.87 50.69
C PHE A 136 23.99 12.18 51.51
N PHE A 137 23.78 13.26 50.77
CA PHE A 137 23.70 14.65 51.27
C PHE A 137 24.93 15.28 51.87
N GLY A 138 26.11 14.85 51.42
CA GLY A 138 27.33 15.54 51.78
C GLY A 138 27.81 14.90 53.03
N LEU A 139 26.98 14.05 53.56
CA LEU A 139 27.22 13.49 54.83
C LEU A 139 27.44 11.87 54.81
N VAL A 140 28.44 11.35 54.07
CA VAL A 140 28.75 9.88 53.96
C VAL A 140 29.03 9.86 52.52
N ASP A 141 30.09 9.22 52.21
CA ASP A 141 30.79 9.79 51.14
C ASP A 141 31.05 8.77 50.02
N GLY A 142 30.59 9.09 48.81
CA GLY A 142 30.78 8.16 47.71
C GLY A 142 29.74 7.04 47.85
N LEU A 143 28.69 7.37 48.61
CA LEU A 143 27.35 6.68 48.62
C LEU A 143 26.47 7.61 47.93
N ASN A 144 25.88 7.11 46.85
CA ASN A 144 24.75 7.79 46.30
C ASN A 144 23.74 6.91 45.60
N PHE A 145 22.66 7.62 45.33
CA PHE A 145 21.44 7.08 44.80
C PHE A 145 20.53 8.09 43.94
N ALA A 146 19.58 7.52 43.26
CA ALA A 146 18.94 8.18 42.17
C ALA A 146 17.64 7.47 42.20
N VAL A 147 16.61 8.20 41.86
CA VAL A 147 15.42 7.61 41.70
C VAL A 147 14.95 8.38 40.47
N GLN A 148 14.10 7.71 39.68
CA GLN A 148 13.51 8.31 38.50
C GLN A 148 12.24 7.60 38.08
N TYR A 149 11.41 8.34 37.36
CA TYR A 149 10.08 8.02 37.01
C TYR A 149 10.11 8.39 35.60
N GLN A 150 9.71 7.51 34.73
CA GLN A 150 9.39 8.00 33.31
C GLN A 150 7.91 7.80 32.87
N GLY A 151 7.33 8.83 32.30
CA GLY A 151 6.02 8.77 31.73
C GLY A 151 5.81 7.79 30.58
N LYS A 152 4.59 7.27 30.49
CA LYS A 152 4.19 6.38 29.43
C LYS A 152 4.68 6.89 28.07
N ASN A 153 5.28 6.15 27.16
CA ASN A 153 5.51 6.81 25.77
C ASN A 153 4.89 5.77 24.87
N GLY A 154 3.63 6.04 24.40
CA GLY A 154 2.70 5.00 23.98
C GLY A 154 2.69 4.76 22.49
N ASN A 155 1.51 4.91 21.84
CA ASN A 155 1.32 4.51 20.42
C ASN A 155 1.46 5.67 19.57
N PRO A 156 1.92 5.43 18.34
CA PRO A 156 1.78 6.56 17.56
C PRO A 156 0.32 6.95 17.52
N SER A 157 -0.69 5.90 17.71
CA SER A 157 -2.16 5.32 17.09
C SER A 157 -3.72 5.81 17.06
N GLY A 158 -4.65 5.02 17.73
CA GLY A 158 -6.15 5.25 17.86
C GLY A 158 -6.85 4.60 19.12
N GLU A 159 -5.98 4.32 20.08
CA GLU A 159 -6.28 3.74 21.42
C GLU A 159 -4.95 3.79 22.32
N GLY A 160 -4.81 4.78 23.19
CA GLY A 160 -3.48 5.04 23.86
C GLY A 160 -2.45 5.97 23.06
N PHE A 161 -2.87 6.74 21.94
CA PHE A 161 -1.95 7.66 21.16
C PHE A 161 -1.12 8.17 22.53
N THR A 162 0.10 8.71 22.30
CA THR A 162 0.65 9.82 23.12
C THR A 162 1.28 10.78 22.06
N SER A 163 1.20 12.11 22.30
CA SER A 163 2.03 13.11 21.59
C SER A 163 3.10 12.40 20.86
N GLY A 164 4.16 12.21 21.62
CA GLY A 164 5.49 11.91 21.08
C GLY A 164 5.63 10.51 21.49
N VAL A 165 5.43 9.65 20.46
CA VAL A 165 5.26 8.17 20.39
C VAL A 165 5.51 7.15 19.18
N THR A 166 5.24 5.89 19.43
CA THR A 166 6.28 5.09 18.96
C THR A 166 5.82 3.66 18.73
N ASN A 167 6.57 2.80 18.00
CA ASN A 167 6.25 1.30 17.84
C ASN A 167 6.86 0.71 19.02
N ASN A 168 7.13 -0.58 19.19
CA ASN A 168 7.25 -0.91 20.66
C ASN A 168 8.34 -1.77 21.17
N GLY A 169 9.07 -2.33 20.23
CA GLY A 169 10.45 -2.59 20.54
C GLY A 169 10.46 -1.28 21.45
N ARG A 170 9.75 -0.16 21.12
CA ARG A 170 9.87 1.01 21.95
C ARG A 170 8.85 1.68 22.98
N ASP A 171 7.61 1.16 23.37
CA ASP A 171 6.92 1.77 24.61
C ASP A 171 7.49 1.35 26.04
N GLY A 181 11.83 3.58 38.45
CA GLY A 181 13.24 3.33 38.73
C GLY A 181 14.10 3.91 39.92
N GLY A 182 15.04 3.09 40.42
CA GLY A 182 16.13 3.63 41.30
C GLY A 182 17.54 2.97 41.39
N SER A 183 18.52 3.71 41.97
CA SER A 183 19.89 3.05 42.14
C SER A 183 20.53 3.70 43.26
N ILE A 184 21.43 2.94 43.91
CA ILE A 184 22.33 3.38 45.02
C ILE A 184 23.80 2.86 44.74
N THR A 185 24.88 3.57 45.03
CA THR A 185 26.10 2.89 44.70
C THR A 185 27.22 3.32 45.56
N TYR A 186 28.11 2.35 45.90
CA TYR A 186 29.06 2.65 46.84
C TYR A 186 30.56 2.60 46.46
N ASP A 187 31.29 3.56 47.11
CA ASP A 187 32.74 3.97 46.92
C ASP A 187 34.18 3.67 47.54
N TYR A 188 34.45 3.82 48.85
CA TYR A 188 35.83 3.44 49.39
C TYR A 188 36.97 3.13 48.27
N GLU A 189 37.45 4.22 47.61
CA GLU A 189 38.49 4.29 46.54
C GLU A 189 38.86 3.10 45.65
N GLY A 190 38.31 3.11 44.43
CA GLY A 190 38.33 1.95 43.60
C GLY A 190 37.35 1.01 44.32
N PHE A 191 36.72 0.08 43.59
CA PHE A 191 35.62 -0.75 44.18
C PHE A 191 34.36 0.08 44.10
N GLY A 192 33.35 -0.45 43.40
CA GLY A 192 32.07 0.17 43.44
C GLY A 192 31.31 -1.03 43.71
N ILE A 193 30.28 -0.91 44.54
CA ILE A 193 29.13 -1.84 44.50
C ILE A 193 28.12 -0.89 43.99
N GLY A 194 26.96 -1.41 43.58
CA GLY A 194 25.88 -0.52 43.15
C GLY A 194 24.92 -1.58 42.81
N GLY A 195 23.69 -1.42 43.32
CA GLY A 195 22.46 -2.03 42.85
C GLY A 195 21.60 -0.99 42.07
N ALA A 196 20.77 -1.47 41.17
CA ALA A 196 19.69 -0.62 40.66
C ALA A 196 18.54 -1.58 40.48
N ILE A 197 17.38 -1.09 40.87
CA ILE A 197 16.10 -1.79 40.70
C ILE A 197 15.18 -0.93 39.79
N SER A 198 14.34 -1.51 38.94
CA SER A 198 13.45 -0.59 38.12
C SER A 198 12.24 -1.33 37.74
N SER A 199 11.15 -0.63 37.40
CA SER A 199 9.96 -1.44 37.08
C SER A 199 8.98 -0.69 36.22
N SER A 200 8.42 -1.15 35.04
CA SER A 200 7.56 -0.16 34.24
C SER A 200 6.30 -0.84 33.77
N LYS A 201 5.14 -0.19 33.82
CA LYS A 201 3.93 -0.87 33.41
C LYS A 201 4.18 -1.08 31.92
N ARG A 202 3.73 -2.17 31.30
CA ARG A 202 3.97 -2.34 29.82
C ARG A 202 2.69 -2.10 28.98
N THR A 203 2.66 -1.23 28.01
CA THR A 203 1.39 -0.95 27.31
C THR A 203 0.63 -2.14 26.68
N ASP A 204 -0.67 -2.04 26.54
CA ASP A 204 -1.46 -3.10 25.79
C ASP A 204 -0.92 -3.34 24.42
N ALA A 205 -0.33 -2.34 23.82
CA ALA A 205 0.28 -2.54 22.52
C ALA A 205 1.40 -3.57 22.64
N GLN A 206 2.26 -3.44 23.66
CA GLN A 206 3.42 -4.32 23.69
C GLN A 206 2.98 -5.71 24.13
N ASN A 207 1.74 -5.80 24.58
CA ASN A 207 1.19 -7.07 25.03
C ASN A 207 0.24 -7.86 24.12
N THR A 208 0.70 -8.44 23.03
CA THR A 208 -0.26 -8.98 22.10
C THR A 208 0.25 -10.15 21.24
N ALA A 209 0.74 -11.25 21.81
CA ALA A 209 0.85 -12.47 20.98
C ALA A 209 1.51 -12.14 19.68
N ALA A 210 1.92 -10.90 19.55
CA ALA A 210 2.92 -10.58 18.53
C ALA A 210 4.31 -10.87 19.20
N TYR A 211 5.16 -11.40 18.35
CA TYR A 211 6.11 -12.31 18.88
C TYR A 211 6.10 -12.70 20.53
N ILE A 212 6.52 -11.93 21.60
CA ILE A 212 6.82 -12.56 22.95
C ILE A 212 7.08 -11.83 24.37
N GLY A 213 6.53 -12.25 25.50
CA GLY A 213 6.14 -11.46 26.74
C GLY A 213 4.58 -11.64 27.23
N ASN A 214 4.28 -12.49 28.21
CA ASN A 214 3.02 -12.17 28.95
C ASN A 214 3.45 -10.81 29.67
N GLY A 215 3.45 -9.73 28.95
CA GLY A 215 4.18 -8.62 29.63
C GLY A 215 3.50 -7.71 30.70
N ASP A 216 3.42 -8.10 31.99
CA ASP A 216 2.74 -7.17 32.87
C ASP A 216 3.47 -5.95 33.27
N ARG A 217 4.48 -6.00 34.16
CA ARG A 217 5.42 -4.88 34.29
C ARG A 217 6.73 -5.22 33.56
N ALA A 218 7.76 -4.40 33.62
CA ALA A 218 9.04 -4.84 33.02
C ALA A 218 10.06 -4.63 34.12
N GLU A 219 10.67 -5.70 34.59
CA GLU A 219 11.47 -5.53 35.75
C GLU A 219 12.84 -5.93 35.52
N THR A 220 13.80 -5.08 35.90
CA THR A 220 15.21 -5.42 35.82
C THR A 220 15.86 -5.30 37.16
N TYR A 221 16.86 -6.10 37.53
CA TYR A 221 17.31 -6.16 39.00
C TYR A 221 18.69 -6.39 38.74
N THR A 222 19.47 -5.45 39.33
CA THR A 222 20.82 -5.28 38.97
C THR A 222 21.78 -4.80 40.01
N GLY A 223 22.88 -5.56 40.12
CA GLY A 223 23.96 -5.23 40.99
C GLY A 223 25.19 -5.24 40.11
N GLY A 224 26.17 -4.44 40.53
CA GLY A 224 27.42 -4.32 39.87
C GLY A 224 28.54 -4.02 40.85
N LEU A 225 29.76 -4.31 40.36
CA LEU A 225 31.03 -4.36 41.05
C LEU A 225 32.10 -3.76 40.11
N LYS A 226 32.93 -2.90 40.62
CA LYS A 226 33.98 -2.48 39.74
C LYS A 226 35.10 -2.10 40.56
N TYR A 227 36.24 -1.94 39.93
CA TYR A 227 37.45 -1.79 40.68
C TYR A 227 38.27 -0.95 39.81
N ASP A 228 38.64 0.22 40.29
CA ASP A 228 39.29 1.11 39.28
C ASP A 228 40.35 2.07 39.80
N ALA A 229 41.65 1.87 39.53
CA ALA A 229 42.66 2.70 40.20
C ALA A 229 43.96 2.14 39.83
N ASN A 230 44.93 3.04 39.71
CA ASN A 230 46.22 2.63 39.05
C ASN A 230 46.00 1.83 37.80
N ASN A 231 45.66 2.46 36.70
CA ASN A 231 45.61 1.74 35.43
C ASN A 231 44.78 0.47 35.20
N ILE A 232 44.28 -0.12 36.25
CA ILE A 232 43.56 -1.34 36.12
C ILE A 232 42.15 -0.96 36.09
N TYR A 233 41.46 -1.39 35.07
CA TYR A 233 40.06 -1.28 35.18
C TYR A 233 39.41 -2.64 35.15
N LEU A 234 38.78 -2.94 36.25
CA LEU A 234 38.02 -4.20 36.46
C LEU A 234 36.51 -3.97 36.80
N ALA A 235 35.62 -4.73 36.13
CA ALA A 235 34.16 -4.60 36.48
C ALA A 235 33.19 -5.66 35.93
N ALA A 236 32.06 -5.76 36.62
CA ALA A 236 31.06 -6.78 36.44
C ALA A 236 29.72 -6.15 36.85
N GLN A 237 28.74 -6.56 36.08
CA GLN A 237 27.43 -6.09 36.24
C GLN A 237 26.66 -7.34 35.96
N TYR A 238 25.74 -7.65 36.88
CA TYR A 238 24.84 -8.78 36.68
C TYR A 238 23.47 -8.28 37.00
N THR A 239 22.60 -8.59 36.07
CA THR A 239 21.24 -8.25 36.09
C THR A 239 20.39 -9.23 35.29
N GLN A 240 19.33 -9.67 35.99
CA GLN A 240 18.15 -10.30 35.34
C GLN A 240 16.92 -9.51 35.40
N THR A 241 16.26 -9.62 34.31
CA THR A 241 15.18 -8.86 34.00
C THR A 241 14.00 -9.76 33.78
N TYR A 242 12.83 -9.18 34.00
CA TYR A 242 11.54 -9.80 33.67
C TYR A 242 10.75 -8.94 32.69
N ASN A 243 10.49 -9.57 31.54
CA ASN A 243 9.66 -8.96 30.55
C ASN A 243 10.26 -7.66 30.00
N ALA A 244 11.61 -7.57 29.93
CA ALA A 244 12.31 -6.31 29.54
C ALA A 244 13.57 -6.42 28.61
N THR A 245 14.02 -7.60 28.24
CA THR A 245 15.11 -7.67 27.28
C THR A 245 14.63 -8.00 25.84
N ARG A 246 14.81 -6.98 24.98
CA ARG A 246 14.45 -7.16 23.52
C ARG A 246 15.11 -8.47 23.09
N VAL A 247 14.29 -9.41 22.52
CA VAL A 247 14.86 -10.61 21.85
C VAL A 247 14.53 -10.44 20.44
N GLY A 248 15.48 -9.88 19.75
CA GLY A 248 15.37 -9.71 18.33
C GLY A 248 14.46 -8.58 18.21
N SER A 249 13.61 -8.78 17.22
CA SER A 249 12.43 -7.95 17.00
C SER A 249 11.32 -8.89 17.36
N LEU A 250 11.58 -9.87 18.20
CA LEU A 250 10.50 -10.69 18.59
C LEU A 250 9.72 -10.13 19.78
N GLY A 251 9.91 -8.90 20.22
CA GLY A 251 9.16 -8.57 21.45
C GLY A 251 10.01 -8.95 22.64
N TRP A 252 9.40 -9.18 23.76
CA TRP A 252 10.36 -9.27 24.91
C TRP A 252 10.75 -10.70 25.49
N ALA A 253 11.50 -10.76 26.59
CA ALA A 253 12.01 -12.11 27.05
C ALA A 253 11.53 -12.45 28.46
N ASN A 254 10.66 -13.41 28.65
CA ASN A 254 9.98 -13.47 29.97
C ASN A 254 10.87 -13.33 31.28
N LYS A 255 11.95 -14.08 31.34
CA LYS A 255 13.02 -13.97 32.29
C LYS A 255 14.30 -13.93 31.40
N ALA A 256 15.30 -13.14 31.78
CA ALA A 256 16.59 -13.22 31.07
C ALA A 256 17.65 -12.86 32.13
N GLN A 257 18.82 -13.49 32.08
CA GLN A 257 19.88 -13.26 32.97
C GLN A 257 20.94 -12.74 32.11
N ASN A 258 21.47 -11.57 32.58
CA ASN A 258 22.53 -10.85 31.84
C ASN A 258 23.72 -10.67 32.67
N PHE A 259 24.84 -11.17 32.17
CA PHE A 259 26.12 -11.01 32.81
C PHE A 259 27.16 -10.37 31.87
N GLU A 260 28.06 -9.56 32.44
CA GLU A 260 29.03 -8.75 31.68
C GLU A 260 30.29 -8.36 32.48
N ALA A 261 31.48 -8.86 32.07
CA ALA A 261 32.68 -8.56 32.80
C ALA A 261 33.77 -8.02 31.84
N VAL A 262 34.41 -6.91 32.22
CA VAL A 262 35.46 -6.31 31.43
C VAL A 262 36.76 -6.27 32.22
N ALA A 263 37.86 -6.45 31.48
CA ALA A 263 39.11 -6.17 32.14
C ALA A 263 40.12 -5.25 31.42
N GLN A 264 40.55 -4.20 32.08
CA GLN A 264 41.40 -3.36 31.23
C GLN A 264 42.63 -2.81 31.84
N TYR A 265 43.58 -2.43 31.03
CA TYR A 265 44.74 -1.74 31.60
C TYR A 265 45.16 -0.61 30.79
N GLN A 266 45.28 0.50 31.50
CA GLN A 266 45.55 1.76 30.84
C GLN A 266 47.01 2.14 30.85
N PHE A 267 47.71 1.99 29.74
CA PHE A 267 49.15 2.25 29.75
C PHE A 267 49.54 3.72 29.68
N ASP A 268 50.51 4.04 30.53
CA ASP A 268 51.27 5.28 30.54
C ASP A 268 51.30 5.90 29.10
N PHE A 269 51.67 5.16 28.08
CA PHE A 269 51.90 5.75 26.75
C PHE A 269 50.66 5.87 25.91
N GLY A 270 49.64 5.06 26.18
CA GLY A 270 48.38 5.31 25.42
C GLY A 270 47.48 4.11 25.16
N LEU A 271 48.07 2.92 25.20
CA LEU A 271 47.39 1.85 24.58
C LEU A 271 46.70 1.26 25.76
N ARG A 272 45.55 0.64 25.48
CA ARG A 272 44.70 0.31 26.57
C ARG A 272 43.96 -0.84 26.15
N PRO A 273 44.51 -2.05 26.31
CA PRO A 273 43.87 -3.32 25.96
C PRO A 273 42.58 -3.50 26.78
N SER A 274 41.57 -4.15 26.14
CA SER A 274 40.43 -4.64 26.99
C SER A 274 40.17 -6.10 26.69
N LEU A 275 39.48 -6.84 27.55
CA LEU A 275 39.23 -8.25 27.42
C LEU A 275 37.92 -8.25 28.22
N ALA A 276 36.87 -8.96 27.71
CA ALA A 276 35.53 -8.87 28.29
C ALA A 276 34.63 -9.99 27.85
N TYR A 277 33.68 -10.29 28.69
CA TYR A 277 32.80 -11.35 28.36
C TYR A 277 31.53 -10.77 28.56
N LEU A 278 30.56 -11.25 27.82
CA LEU A 278 29.22 -10.89 28.05
C LEU A 278 28.25 -11.93 27.50
N GLN A 279 27.21 -12.23 28.33
CA GLN A 279 26.16 -12.94 27.70
C GLN A 279 24.85 -12.61 28.22
N SER A 280 23.84 -13.16 27.52
CA SER A 280 22.47 -13.00 27.88
C SER A 280 21.61 -14.26 27.71
N LYS A 281 21.13 -14.77 28.87
CA LYS A 281 20.47 -16.04 28.93
C LYS A 281 18.94 -15.88 28.95
N GLY A 282 18.32 -16.24 27.84
CA GLY A 282 16.88 -16.12 27.79
C GLY A 282 16.28 -17.28 28.60
N LYS A 283 15.50 -16.98 29.62
CA LYS A 283 14.92 -18.10 30.36
C LYS A 283 13.52 -18.27 29.92
N ASN A 284 12.88 -19.36 30.30
CA ASN A 284 11.56 -19.66 29.81
C ASN A 284 10.98 -18.67 28.75
N LEU A 285 11.36 -18.84 27.45
CA LEU A 285 10.90 -17.89 26.40
C LEU A 285 9.56 -18.29 26.03
N GLY A 286 8.88 -17.50 25.23
CA GLY A 286 7.67 -18.15 24.68
C GLY A 286 7.88 -19.19 23.54
N ARG A 287 6.79 -19.38 22.80
CA ARG A 287 6.65 -19.67 21.33
C ARG A 287 7.71 -20.64 20.83
N GLY A 288 7.84 -21.74 21.63
CA GLY A 288 8.81 -22.85 21.37
C GLY A 288 10.05 -22.34 22.04
N TYR A 289 11.21 -22.49 21.46
CA TYR A 289 12.38 -21.73 21.99
C TYR A 289 12.94 -22.03 23.38
N ASP A 290 12.13 -21.87 24.42
CA ASP A 290 12.57 -22.38 25.72
C ASP A 290 13.60 -21.59 26.56
N ASP A 291 14.73 -22.25 26.87
CA ASP A 291 15.85 -21.51 27.36
C ASP A 291 16.63 -21.32 26.08
N GLU A 292 17.35 -20.19 26.01
CA GLU A 292 18.08 -19.80 24.76
C GLU A 292 18.84 -18.48 24.83
N ASP A 293 20.08 -18.44 24.30
CA ASP A 293 20.94 -17.23 24.47
C ASP A 293 20.69 -16.15 23.52
N ILE A 294 20.46 -14.96 24.07
CA ILE A 294 20.14 -13.76 23.30
C ILE A 294 21.42 -13.11 22.69
N LEU A 295 22.50 -13.33 23.40
CA LEU A 295 23.74 -12.81 23.07
C LEU A 295 24.65 -13.62 23.91
N LYS A 296 25.87 -13.84 23.38
CA LYS A 296 26.91 -14.59 24.05
C LYS A 296 28.19 -14.29 23.21
N TYR A 297 29.25 -13.69 23.84
CA TYR A 297 30.46 -13.31 23.01
C TYR A 297 31.68 -12.89 23.80
N VAL A 298 32.88 -13.30 23.37
CA VAL A 298 33.99 -12.82 24.11
C VAL A 298 34.39 -11.71 23.36
N ASP A 299 34.57 -10.59 24.05
CA ASP A 299 35.17 -9.45 23.35
C ASP A 299 36.67 -9.37 23.66
N VAL A 300 37.43 -9.06 22.60
CA VAL A 300 38.88 -8.87 22.69
C VAL A 300 39.21 -7.67 21.81
N GLY A 301 40.00 -6.74 22.33
CA GLY A 301 40.14 -5.56 21.54
C GLY A 301 40.99 -4.57 22.22
N ALA A 302 41.47 -3.56 21.43
CA ALA A 302 42.16 -2.42 22.07
C ALA A 302 41.93 -1.16 21.40
N THR A 303 42.20 -0.08 22.13
CA THR A 303 42.18 1.37 21.60
C THR A 303 43.53 1.97 22.00
N TYR A 304 43.96 3.00 21.29
CA TYR A 304 45.28 3.69 21.58
C TYR A 304 45.09 5.23 21.66
N TYR A 305 45.31 5.89 22.80
CA TYR A 305 45.09 7.37 22.78
C TYR A 305 46.28 8.19 22.26
N PHE A 306 46.10 8.84 21.08
CA PHE A 306 47.23 9.77 20.64
C PHE A 306 47.34 10.80 21.72
N ASN A 307 46.24 11.48 22.04
CA ASN A 307 46.17 12.26 23.24
C ASN A 307 44.72 12.36 23.65
N LYS A 308 44.36 13.37 24.46
CA LYS A 308 42.92 13.39 24.80
C LYS A 308 42.04 14.10 23.84
N ASN A 309 42.04 13.72 22.57
CA ASN A 309 41.47 14.50 21.44
C ASN A 309 41.40 13.61 20.16
N MET A 310 42.16 12.46 20.13
CA MET A 310 42.35 11.57 18.98
C MET A 310 42.85 10.22 19.31
N SER A 311 42.51 9.23 18.47
CA SER A 311 42.91 7.86 18.75
C SER A 311 42.30 6.85 17.79
N THR A 312 42.83 5.63 17.87
CA THR A 312 42.32 4.53 17.05
C THR A 312 42.03 3.43 17.96
N TYR A 313 41.15 2.52 17.48
CA TYR A 313 40.80 1.29 18.19
C TYR A 313 40.54 0.26 17.16
N VAL A 314 40.64 -0.95 17.71
CA VAL A 314 40.39 -2.27 17.12
C VAL A 314 39.48 -2.98 18.07
N ASP A 315 38.51 -3.60 17.47
CA ASP A 315 37.65 -4.32 18.33
C ASP A 315 37.18 -5.54 17.58
N TYR A 316 36.97 -6.61 18.34
CA TYR A 316 36.79 -7.96 17.82
C TYR A 316 35.86 -8.86 18.71
N LYS A 317 34.59 -8.88 18.34
CA LYS A 317 33.59 -9.67 19.05
C LYS A 317 33.75 -11.01 18.41
N ILE A 318 34.27 -11.89 19.25
CA ILE A 318 34.35 -13.34 18.95
C ILE A 318 32.94 -13.88 19.35
N ASN A 319 32.15 -14.19 18.35
CA ASN A 319 30.82 -14.26 18.69
C ASN A 319 30.32 -15.67 19.01
N LEU A 320 30.14 -15.94 20.26
CA LEU A 320 29.89 -17.27 20.61
C LEU A 320 28.48 -17.78 20.50
N LEU A 321 27.59 -17.25 19.68
CA LEU A 321 26.23 -17.96 19.46
C LEU A 321 26.07 -18.82 18.14
N ASP A 322 25.42 -20.00 18.15
CA ASP A 322 25.04 -20.73 16.87
C ASP A 322 23.85 -20.12 16.16
N ASP A 323 23.85 -20.00 14.81
CA ASP A 323 22.56 -20.11 14.03
C ASP A 323 21.41 -21.04 14.44
N ASN A 324 20.17 -20.58 14.53
CA ASN A 324 18.93 -21.50 14.71
C ASN A 324 17.51 -20.88 14.50
N GLN A 325 16.46 -21.71 14.30
CA GLN A 325 15.26 -21.03 13.71
C GLN A 325 15.11 -19.86 14.74
N PHE A 326 15.89 -19.97 15.86
CA PHE A 326 15.83 -18.96 16.93
C PHE A 326 16.44 -17.66 16.60
N THR A 327 17.76 -17.61 16.71
CA THR A 327 18.55 -16.42 16.41
C THR A 327 18.06 -15.80 15.15
N ARG A 328 18.22 -16.57 14.08
CA ARG A 328 17.52 -16.38 12.80
C ARG A 328 16.12 -15.69 13.00
N ASP A 329 15.14 -16.30 13.68
CA ASP A 329 13.81 -15.65 13.90
C ASP A 329 13.96 -14.27 14.43
N ALA A 330 14.71 -14.13 15.49
CA ALA A 330 15.00 -12.86 16.11
C ALA A 330 15.79 -11.83 15.24
N GLY A 331 16.48 -12.31 14.25
CA GLY A 331 17.38 -11.49 13.48
C GLY A 331 18.45 -11.10 14.48
N ILE A 332 19.02 -12.02 15.20
CA ILE A 332 20.14 -11.70 16.13
C ILE A 332 21.44 -12.04 15.40
N ASN A 333 22.37 -11.09 15.28
CA ASN A 333 23.69 -11.41 14.67
C ASN A 333 24.43 -12.43 15.54
N THR A 334 25.09 -13.36 14.85
CA THR A 334 25.67 -14.58 15.39
C THR A 334 27.06 -14.75 14.88
N ASP A 335 27.42 -14.27 13.71
CA ASP A 335 28.91 -14.11 13.37
C ASP A 335 29.75 -13.11 14.16
N ASN A 336 31.07 -13.30 14.10
CA ASN A 336 32.04 -12.33 14.67
C ASN A 336 31.96 -11.00 13.94
N ILE A 337 32.70 -10.03 14.41
CA ILE A 337 32.85 -8.86 13.57
C ILE A 337 34.20 -8.30 13.97
N VAL A 338 34.78 -7.46 13.14
CA VAL A 338 35.89 -6.61 13.72
C VAL A 338 35.74 -5.12 13.50
N ALA A 339 35.98 -4.39 14.52
CA ALA A 339 35.84 -3.02 14.14
C ALA A 339 37.22 -2.36 14.19
N LEU A 340 37.41 -1.39 13.33
CA LEU A 340 38.64 -0.66 13.18
C LEU A 340 38.10 0.75 13.06
N GLY A 341 38.64 1.66 13.85
CA GLY A 341 38.11 3.01 13.86
C GLY A 341 39.27 3.92 14.07
N LEU A 342 39.16 5.14 13.60
CA LEU A 342 40.07 6.23 13.80
C LEU A 342 39.15 7.38 14.24
N VAL A 343 39.36 7.98 15.40
CA VAL A 343 38.41 9.01 15.90
C VAL A 343 39.19 10.23 16.26
N TYR A 344 38.59 11.37 15.97
CA TYR A 344 38.98 12.71 16.35
C TYR A 344 37.78 13.31 17.08
N GLN A 345 38.06 13.83 18.30
CA GLN A 345 37.02 14.40 19.17
C GLN A 345 37.43 15.75 19.74
N PHE A 346 36.50 16.70 19.74
CA PHE A 346 36.60 17.98 20.34
C PHE A 346 35.58 18.18 21.49
N ALA B 1 24.92 32.17 22.51
CA ALA B 1 26.14 32.77 23.23
C ALA B 1 27.03 33.41 22.25
N GLU B 2 27.42 34.67 22.48
CA GLU B 2 28.42 35.37 21.57
C GLU B 2 29.84 34.70 21.65
N VAL B 3 29.99 33.65 20.86
CA VAL B 3 31.25 32.91 20.73
C VAL B 3 32.31 33.82 20.02
N TYR B 4 32.86 33.42 18.86
CA TYR B 4 33.63 34.31 17.96
C TYR B 4 33.07 35.77 17.88
N ASN B 5 34.02 36.71 17.85
CA ASN B 5 33.78 38.14 17.63
C ASN B 5 35.12 38.87 17.41
N LYS B 6 35.64 38.88 16.17
CA LYS B 6 36.99 39.35 15.95
C LYS B 6 37.00 40.16 14.65
N ASP B 7 37.55 41.37 14.66
CA ASP B 7 37.59 42.31 13.46
C ASP B 7 36.30 42.34 12.56
N GLY B 8 35.47 43.37 12.82
CA GLY B 8 34.19 43.54 12.10
C GLY B 8 33.15 42.47 12.39
N ASN B 9 33.40 41.32 11.71
CA ASN B 9 32.67 40.00 11.94
C ASN B 9 32.40 39.32 13.39
N LYS B 10 31.13 39.16 13.76
CA LYS B 10 30.78 38.43 15.01
C LYS B 10 29.63 37.38 15.02
N LEU B 11 29.86 36.28 15.72
CA LEU B 11 28.93 35.09 15.73
C LEU B 11 28.15 34.95 16.97
N ASP B 12 27.00 34.33 16.88
CA ASP B 12 26.42 33.99 18.14
C ASP B 12 25.82 32.63 18.05
N LEU B 13 26.56 31.56 18.34
CA LEU B 13 26.01 30.24 18.31
C LEU B 13 25.03 30.23 19.42
N TYR B 14 23.85 29.64 19.25
CA TYR B 14 22.85 29.70 20.34
C TYR B 14 21.75 28.60 20.43
N GLY B 15 21.07 28.46 21.56
CA GLY B 15 20.14 27.45 21.62
C GLY B 15 19.63 27.21 23.02
N LYS B 16 18.82 26.14 23.20
CA LYS B 16 18.13 25.82 24.43
C LYS B 16 17.60 24.44 24.40
N VAL B 17 17.45 23.82 25.56
CA VAL B 17 16.78 22.56 25.67
C VAL B 17 15.62 22.77 26.56
N ASP B 18 14.54 22.19 26.18
CA ASP B 18 13.40 22.51 26.86
C ASP B 18 12.67 21.17 27.25
N GLY B 19 12.53 20.94 28.56
CA GLY B 19 12.20 19.67 29.10
C GLY B 19 10.82 20.04 29.39
N LEU B 20 9.89 19.46 28.66
CA LEU B 20 8.60 20.09 28.55
C LEU B 20 7.70 18.92 28.53
N HIS B 21 6.59 19.01 29.29
CA HIS B 21 5.58 17.97 29.40
C HIS B 21 4.19 18.60 29.34
N TYR B 22 3.23 17.81 28.79
CA TYR B 22 1.87 18.32 28.58
C TYR B 22 0.85 17.39 29.18
N PHE B 23 -0.01 17.85 30.08
CA PHE B 23 -1.13 16.99 30.56
C PHE B 23 -2.42 17.48 29.92
N SER B 24 -3.17 16.53 29.42
CA SER B 24 -4.24 16.92 28.55
C SER B 24 -5.16 15.82 28.38
N ASP B 25 -6.44 16.04 28.31
CA ASP B 25 -7.23 14.83 28.02
C ASP B 25 -6.98 14.30 26.65
N ASN B 26 -6.43 15.18 25.81
CA ASN B 26 -6.29 14.94 24.40
C ASN B 26 -5.05 14.07 24.09
N LYS B 27 -5.23 12.75 24.09
CA LYS B 27 -3.99 11.91 24.18
C LYS B 27 -3.15 11.94 22.87
N ASP B 28 -3.12 13.12 22.22
CA ASP B 28 -2.69 13.27 20.86
C ASP B 28 -1.88 14.60 20.90
N VAL B 29 -1.97 15.24 22.05
CA VAL B 29 -0.99 16.28 22.52
C VAL B 29 -0.45 15.70 23.91
N ASP B 30 -1.08 14.64 24.43
CA ASP B 30 -0.63 14.18 25.78
C ASP B 30 0.84 13.83 26.02
N GLY B 31 1.35 14.29 27.13
CA GLY B 31 2.59 13.74 27.69
C GLY B 31 3.87 14.49 27.40
N ASP B 32 4.82 13.73 26.85
CA ASP B 32 6.09 14.28 26.69
C ASP B 32 6.36 15.15 25.48
N GLN B 33 6.74 16.38 25.72
CA GLN B 33 7.04 17.28 24.64
C GLN B 33 8.48 17.78 24.66
N THR B 34 9.43 17.07 25.21
CA THR B 34 10.77 17.69 25.22
C THR B 34 11.22 18.21 23.82
N TYR B 35 11.92 19.30 23.73
CA TYR B 35 12.53 19.51 22.44
C TYR B 35 13.71 20.43 22.63
N MET B 36 14.45 20.71 21.55
CA MET B 36 15.54 21.69 21.64
C MET B 36 15.62 22.50 20.35
N ARG B 37 16.32 23.63 20.34
CA ARG B 37 16.74 24.22 19.00
C ARG B 37 18.09 24.82 19.16
N LEU B 38 18.89 24.79 18.09
CA LEU B 38 20.08 25.65 18.11
C LEU B 38 20.01 26.63 16.92
N GLY B 39 20.79 27.72 16.96
CA GLY B 39 20.69 28.68 15.87
C GLY B 39 21.91 29.55 15.80
N PHE B 40 22.24 30.19 14.71
CA PHE B 40 23.26 31.13 14.85
C PHE B 40 22.74 32.40 14.35
N LYS B 41 23.31 33.49 14.86
CA LYS B 41 22.99 34.85 14.32
C LYS B 41 24.34 35.16 13.81
N GLY B 42 24.54 36.00 12.76
CA GLY B 42 25.91 36.51 12.31
C GLY B 42 26.00 37.92 11.68
N GLU B 43 26.98 38.75 12.09
CA GLU B 43 27.15 40.07 11.35
C GLU B 43 28.60 40.30 11.11
N THR B 44 28.88 40.70 9.87
CA THR B 44 30.20 41.13 9.51
C THR B 44 29.82 42.56 9.23
N GLN B 45 30.69 43.46 9.64
CA GLN B 45 30.33 44.85 9.38
C GLN B 45 31.32 45.22 8.30
N VAL B 46 30.79 45.61 7.13
CA VAL B 46 31.46 45.78 5.82
C VAL B 46 32.00 47.24 5.60
N THR B 47 31.59 48.17 6.47
CA THR B 47 31.82 49.60 6.22
C THR B 47 31.17 50.20 7.40
N ASP B 48 30.56 51.36 7.32
CA ASP B 48 30.07 51.91 8.57
C ASP B 48 28.65 52.09 8.26
N GLN B 49 28.36 52.34 6.98
CA GLN B 49 26.96 52.33 6.55
C GLN B 49 26.42 50.92 6.66
N LEU B 50 27.19 50.01 6.01
CA LEU B 50 26.78 48.70 5.48
C LEU B 50 27.32 47.57 6.31
N THR B 51 26.40 46.64 6.64
CA THR B 51 26.72 45.49 7.47
C THR B 51 25.92 44.22 6.97
N GLY B 52 26.57 43.08 6.84
CA GLY B 52 25.96 41.86 6.40
C GLY B 52 25.46 40.98 7.57
N TYR B 53 24.61 40.00 7.26
CA TYR B 53 24.13 39.24 8.31
C TYR B 53 23.47 38.00 7.81
N GLY B 54 23.40 37.08 8.81
CA GLY B 54 22.71 35.81 8.72
C GLY B 54 22.03 35.17 9.93
N GLN B 55 21.05 34.34 9.66
CA GLN B 55 20.46 33.67 10.76
C GLN B 55 19.81 32.35 10.41
N TRP B 56 20.01 31.38 11.31
CA TRP B 56 19.67 30.07 11.08
C TRP B 56 19.14 29.58 12.42
N GLU B 57 17.87 29.16 12.45
CA GLU B 57 17.33 28.60 13.66
C GLU B 57 16.60 27.35 13.29
N TYR B 58 16.68 26.33 14.16
CA TYR B 58 16.44 24.91 13.81
C TYR B 58 16.13 24.08 15.04
N GLN B 59 14.95 23.51 15.01
CA GLN B 59 14.46 22.84 16.20
C GLN B 59 14.57 21.36 15.92
N ILE B 60 14.71 20.53 16.94
CA ILE B 60 14.84 19.15 16.70
C ILE B 60 14.10 18.56 17.82
N GLN B 61 13.06 17.77 17.56
CA GLN B 61 12.28 17.20 18.73
C GLN B 61 13.16 16.32 19.55
N GLY B 62 12.88 16.29 20.86
CA GLY B 62 13.77 15.50 21.77
C GLY B 62 12.83 14.71 22.62
N ASN B 63 11.67 14.45 22.01
CA ASN B 63 10.72 13.60 22.65
C ASN B 63 10.42 12.29 21.89
N SER B 64 11.32 11.76 21.08
CA SER B 64 11.05 10.51 20.48
C SER B 64 12.22 9.51 20.42
N ALA B 65 12.03 8.27 19.96
CA ALA B 65 13.00 7.23 20.10
C ALA B 65 13.96 7.48 19.01
N GLU B 66 15.26 7.13 19.25
CA GLU B 66 16.37 7.10 18.27
C GLU B 66 15.90 6.39 16.99
N ASN B 67 14.73 5.82 17.07
CA ASN B 67 14.10 5.32 15.95
C ASN B 67 13.83 6.32 14.78
N GLU B 68 13.85 7.70 15.04
CA GLU B 68 12.77 8.59 14.49
C GLU B 68 13.07 10.01 14.20
N ASN B 69 14.28 10.47 14.28
CA ASN B 69 14.63 11.47 13.19
C ASN B 69 14.41 12.96 13.23
N ASN B 70 13.13 13.14 13.64
CA ASN B 70 12.24 14.17 13.18
C ASN B 70 12.55 15.68 12.97
N SER B 71 12.50 16.65 13.97
CA SER B 71 13.26 17.97 13.58
C SER B 71 13.26 18.72 12.14
N TRP B 72 12.91 19.98 12.08
CA TRP B 72 12.91 20.81 10.87
C TRP B 72 13.58 22.24 11.00
N THR B 73 13.80 22.99 9.84
CA THR B 73 14.39 24.36 9.77
C THR B 73 13.31 25.44 10.01
N ARG B 74 13.65 26.29 10.99
CA ARG B 74 12.81 27.32 11.38
C ARG B 74 13.02 28.63 10.64
N VAL B 75 14.30 28.95 10.41
CA VAL B 75 14.51 30.26 9.80
C VAL B 75 15.84 30.09 9.15
N ALA B 76 16.02 30.68 7.97
CA ALA B 76 17.34 30.62 7.29
C ALA B 76 17.40 31.66 6.21
N PHE B 77 18.19 32.68 6.53
CA PHE B 77 18.38 33.81 5.63
C PHE B 77 19.68 34.67 5.77
N ALA B 78 20.02 35.44 4.73
CA ALA B 78 21.13 36.29 4.71
C ALA B 78 20.45 37.54 4.31
N GLY B 79 20.96 38.70 4.76
CA GLY B 79 20.68 40.04 4.18
C GLY B 79 21.85 41.01 4.53
N LEU B 80 21.59 42.30 4.29
CA LEU B 80 22.45 43.51 4.30
C LEU B 80 21.63 44.62 4.96
N LYS B 81 22.23 45.39 5.87
CA LYS B 81 21.56 46.45 6.76
C LYS B 81 22.34 47.58 6.17
N PHE B 82 21.58 48.47 5.54
CA PHE B 82 22.16 49.62 4.77
C PHE B 82 22.56 50.91 5.57
N GLN B 83 21.76 51.46 6.49
CA GLN B 83 22.22 52.51 7.50
C GLN B 83 21.21 53.65 7.76
N ASP B 84 20.87 54.43 6.71
CA ASP B 84 19.63 55.24 6.71
C ASP B 84 18.65 54.27 6.04
N VAL B 85 18.88 54.08 4.74
CA VAL B 85 18.07 53.25 3.86
C VAL B 85 17.25 52.16 4.49
N GLY B 86 17.87 51.07 4.98
CA GLY B 86 17.08 49.94 5.64
C GLY B 86 17.80 48.59 5.54
N SER B 87 17.15 47.51 5.95
CA SER B 87 17.74 46.18 5.75
C SER B 87 17.03 45.41 4.56
N PHE B 88 17.75 44.41 3.98
CA PHE B 88 17.14 43.45 3.03
C PHE B 88 17.61 42.02 3.24
N ASP B 89 16.65 41.12 3.14
CA ASP B 89 16.98 39.73 3.32
C ASP B 89 16.10 38.85 2.63
N TYR B 90 16.74 38.02 1.85
CA TYR B 90 16.03 36.97 1.26
C TYR B 90 16.17 35.73 2.15
N GLY B 91 15.27 34.75 1.97
CA GLY B 91 15.32 33.50 2.75
C GLY B 91 14.07 32.95 3.41
N ARG B 92 14.22 31.87 4.20
CA ARG B 92 13.03 31.34 4.93
C ARG B 92 12.90 32.27 6.12
N ASN B 93 11.84 33.11 6.16
CA ASN B 93 11.71 34.03 7.26
C ASN B 93 10.33 34.02 7.86
N TYR B 94 10.08 34.97 8.85
CA TYR B 94 8.72 35.38 9.44
C TYR B 94 8.02 36.26 8.47
N GLY B 95 6.73 36.02 8.22
CA GLY B 95 5.97 36.94 7.31
C GLY B 95 5.87 38.29 7.96
N VAL B 96 5.66 39.37 7.20
CA VAL B 96 5.50 40.69 7.86
C VAL B 96 4.32 40.76 8.80
N VAL B 97 3.21 40.18 8.36
CA VAL B 97 2.03 40.18 9.15
C VAL B 97 2.40 39.83 10.57
N TYR B 98 3.61 39.26 10.74
CA TYR B 98 4.10 38.86 12.08
C TYR B 98 4.69 40.01 12.97
N ASP B 99 5.08 41.14 12.34
CA ASP B 99 5.47 42.40 13.06
C ASP B 99 4.44 42.89 13.98
N VAL B 100 3.17 42.74 13.62
CA VAL B 100 2.16 43.21 14.55
C VAL B 100 1.58 41.97 15.30
N THR B 101 1.37 40.85 14.65
CA THR B 101 0.64 39.82 15.38
C THR B 101 1.46 39.25 16.46
N SER B 102 2.76 39.38 16.30
CA SER B 102 3.69 39.00 17.42
C SER B 102 3.48 39.80 18.71
N TRP B 103 3.01 41.06 18.60
CA TRP B 103 2.70 41.89 19.76
C TRP B 103 2.11 40.91 20.81
N THR B 104 1.37 39.90 20.41
CA THR B 104 0.89 39.10 21.54
C THR B 104 1.23 37.62 21.65
N ASP B 105 2.23 37.20 20.96
CA ASP B 105 2.55 35.84 21.08
C ASP B 105 3.72 35.79 22.00
N VAL B 106 3.41 35.62 23.27
CA VAL B 106 4.41 35.68 24.35
C VAL B 106 3.85 34.86 25.57
N LEU B 107 3.00 33.87 25.37
CA LEU B 107 2.62 33.14 26.61
C LEU B 107 3.69 32.15 27.10
N PRO B 108 3.67 31.77 28.34
CA PRO B 108 4.76 30.89 28.75
C PRO B 108 5.02 29.82 27.77
N GLU B 109 3.96 29.23 27.25
CA GLU B 109 4.06 28.19 26.20
C GLU B 109 3.01 28.36 25.08
N PHE B 110 1.74 28.46 25.45
CA PHE B 110 0.70 28.65 24.45
C PHE B 110 0.61 29.95 23.58
N GLY B 111 -0.65 30.33 23.16
CA GLY B 111 -0.78 31.39 22.14
C GLY B 111 -0.03 31.29 20.77
N GLY B 112 -0.12 32.36 19.94
CA GLY B 112 0.45 32.51 18.64
C GLY B 112 -0.06 31.48 17.64
N ASP B 113 -1.28 30.94 17.92
CA ASP B 113 -2.02 30.00 17.00
C ASP B 113 -3.36 30.50 16.53
N THR B 114 -3.40 31.74 16.04
CA THR B 114 -4.56 32.12 15.28
C THR B 114 -4.07 32.22 13.87
N TYR B 115 -2.81 31.80 13.71
CA TYR B 115 -2.19 31.67 12.43
C TYR B 115 -1.24 30.57 12.71
N GLY B 116 -0.33 30.25 11.77
CA GLY B 116 0.53 29.02 11.78
C GLY B 116 1.71 29.11 10.82
N SER B 117 2.41 28.01 10.54
CA SER B 117 3.63 28.02 9.70
C SER B 117 3.38 27.71 8.25
N ASP B 118 4.04 28.37 7.28
CA ASP B 118 3.80 28.06 5.86
C ASP B 118 2.30 28.30 5.76
N ASN B 119 1.87 29.49 6.14
CA ASN B 119 0.50 29.94 6.13
C ASN B 119 0.46 31.35 5.39
N PHE B 120 0.82 31.33 4.11
CA PHE B 120 1.13 32.57 3.34
C PHE B 120 2.03 33.34 4.17
N MET B 121 1.71 34.57 4.48
CA MET B 121 2.71 35.48 5.16
C MET B 121 2.35 35.84 6.59
N GLN B 122 1.43 35.07 7.14
CA GLN B 122 1.08 35.31 8.45
C GLN B 122 2.27 35.13 9.44
N GLN B 123 3.03 34.07 9.23
CA GLN B 123 4.08 33.59 10.14
C GLN B 123 4.90 32.78 9.13
N ARG B 124 6.22 32.87 9.23
CA ARG B 124 7.18 31.82 8.79
C ARG B 124 6.79 30.86 7.64
N GLY B 125 7.64 30.83 6.64
CA GLY B 125 7.46 29.99 5.51
C GLY B 125 8.57 30.49 4.60
N ASN B 126 8.64 29.89 3.40
CA ASN B 126 9.83 29.92 2.52
C ASN B 126 9.68 31.04 1.54
N GLY B 127 10.84 31.51 1.09
CA GLY B 127 10.93 32.48 -0.04
C GLY B 127 10.60 33.95 0.12
N PHE B 128 11.04 34.49 1.25
CA PHE B 128 10.60 35.86 1.60
C PHE B 128 11.64 36.88 1.21
N ALA B 129 11.25 37.91 0.49
CA ALA B 129 12.21 39.03 0.41
C ALA B 129 11.65 40.19 1.20
N THR B 130 12.40 40.59 2.22
CA THR B 130 11.87 41.59 3.08
C THR B 130 12.68 42.83 3.07
N TYR B 131 11.94 43.92 3.03
CA TYR B 131 12.60 45.22 3.25
C TYR B 131 12.26 45.95 4.56
N ARG B 132 13.25 46.27 5.38
CA ARG B 132 12.89 46.99 6.59
C ARG B 132 13.59 48.29 6.92
N ASN B 133 12.76 49.17 7.44
CA ASN B 133 13.19 50.47 7.72
C ASN B 133 12.76 50.87 9.09
N THR B 134 13.65 51.64 9.74
CA THR B 134 13.62 51.67 11.16
C THR B 134 13.06 52.89 11.93
N ASP B 135 13.55 54.10 11.68
CA ASP B 135 12.69 55.15 12.20
C ASP B 135 12.56 56.02 10.92
N PHE B 136 11.55 55.64 10.12
CA PHE B 136 11.35 56.22 8.80
C PHE B 136 12.55 57.04 8.32
N PHE B 137 13.67 56.35 8.17
CA PHE B 137 14.95 56.84 7.71
C PHE B 137 15.72 57.73 8.65
N GLY B 138 15.43 57.61 9.97
CA GLY B 138 16.29 58.27 11.04
C GLY B 138 15.60 59.60 11.31
N LEU B 139 14.49 59.71 10.60
CA LEU B 139 13.93 60.97 10.56
C LEU B 139 12.44 60.94 11.03
N VAL B 140 12.17 60.43 12.22
CA VAL B 140 10.84 60.37 12.88
C VAL B 140 10.91 59.01 13.51
N ASP B 141 10.44 58.95 14.71
CA ASP B 141 11.20 58.12 15.52
C ASP B 141 10.37 56.98 16.19
N GLY B 142 10.72 55.71 15.94
CA GLY B 142 9.88 54.62 16.47
C GLY B 142 8.57 54.53 15.64
N LEU B 143 8.67 55.13 14.45
CA LEU B 143 7.84 54.82 13.24
C LEU B 143 8.61 53.94 12.31
N ASN B 144 7.98 52.83 11.98
CA ASN B 144 8.58 52.01 10.95
C ASN B 144 7.70 50.96 10.27
N PHE B 145 8.30 50.46 9.21
CA PHE B 145 7.61 49.78 8.20
C PHE B 145 8.51 48.88 7.32
N ALA B 146 7.84 47.98 6.60
CA ALA B 146 8.43 46.76 6.16
C ALA B 146 7.53 46.48 4.99
N VAL B 147 8.11 45.94 3.94
CA VAL B 147 7.32 45.55 2.88
C VAL B 147 8.07 44.28 2.52
N GLN B 148 7.28 43.36 1.97
CA GLN B 148 7.84 42.04 1.66
C GLN B 148 7.00 41.37 0.65
N TYR B 149 7.67 40.53 -0.15
CA TYR B 149 7.23 39.93 -1.35
C TYR B 149 7.62 38.49 -1.11
N GLN B 150 6.66 37.56 -1.22
CA GLN B 150 7.05 36.09 -1.33
C GLN B 150 6.67 35.31 -2.63
N GLY B 151 7.64 34.73 -3.32
CA GLY B 151 7.39 34.00 -4.47
C GLY B 151 6.66 32.73 -4.16
N LYS B 152 5.91 32.25 -5.19
CA LYS B 152 5.06 31.10 -5.14
C LYS B 152 5.79 29.95 -4.49
N ASN B 153 5.29 29.19 -3.51
CA ASN B 153 5.93 27.89 -3.18
C ASN B 153 4.91 26.77 -3.46
N GLY B 154 5.04 26.05 -4.60
CA GLY B 154 3.86 25.42 -5.22
C GLY B 154 3.77 23.98 -4.81
N ASN B 155 3.81 23.10 -5.85
CA ASN B 155 3.49 21.64 -5.70
C ASN B 155 4.77 20.92 -5.58
N PRO B 156 4.78 19.83 -4.80
CA PRO B 156 5.84 18.94 -5.04
C PRO B 156 5.83 18.54 -6.51
N SER B 157 4.54 18.35 -7.17
CA SER B 157 3.74 17.52 -8.47
C SER B 157 3.99 17.31 -10.10
N GLY B 158 2.89 17.49 -10.96
CA GLY B 158 2.95 17.41 -12.46
C GLY B 158 2.12 18.47 -13.26
N GLU B 159 2.14 19.70 -12.69
CA GLU B 159 1.33 20.94 -13.03
C GLU B 159 1.56 22.07 -11.94
N GLY B 160 2.40 23.05 -12.24
CA GLY B 160 2.90 24.02 -11.22
C GLY B 160 3.92 23.47 -10.19
N PHE B 161 4.79 22.43 -10.52
CA PHE B 161 5.87 21.85 -9.56
C PHE B 161 6.48 23.31 -9.04
N THR B 162 7.20 23.28 -7.91
CA THR B 162 8.30 24.28 -7.71
C THR B 162 9.48 23.42 -7.25
N SER B 163 10.70 23.72 -7.68
CA SER B 163 11.86 23.15 -6.98
C SER B 163 11.44 22.61 -5.60
N GLY B 164 11.25 23.58 -4.72
CA GLY B 164 11.27 23.34 -3.27
C GLY B 164 9.94 23.79 -2.97
N VAL B 165 9.15 22.72 -2.73
CA VAL B 165 7.71 22.64 -2.62
C VAL B 165 6.90 21.49 -1.88
N THR B 166 5.55 21.60 -1.96
CA THR B 166 4.93 21.17 -0.81
C THR B 166 3.51 20.73 -0.94
N ASN B 167 2.87 20.10 0.05
CA ASN B 167 1.33 19.94 0.08
C ASN B 167 0.75 21.23 0.50
N ASN B 168 -0.50 21.39 0.94
CA ASN B 168 -0.89 22.88 0.91
C ASN B 168 -1.76 23.41 1.97
N GLY B 169 -2.12 22.59 2.96
CA GLY B 169 -2.12 23.34 4.23
C GLY B 169 -0.83 24.26 3.93
N ARG B 170 0.15 23.88 3.05
CA ARG B 170 1.28 24.80 2.83
C ARG B 170 1.77 25.62 1.57
N ASP B 171 1.05 25.78 0.36
CA ASP B 171 1.44 26.83 -0.71
C ASP B 171 0.99 28.37 -0.46
N GLY B 181 3.23 41.46 1.04
CA GLY B 181 2.67 42.15 2.13
C GLY B 181 3.43 43.36 2.71
N GLY B 182 2.85 43.97 3.76
CA GLY B 182 3.49 45.11 4.41
C GLY B 182 3.06 45.45 5.84
N SER B 183 3.84 46.28 6.55
CA SER B 183 3.35 46.76 7.88
C SER B 183 4.12 48.08 8.27
N ILE B 184 3.45 48.90 9.09
CA ILE B 184 4.04 50.11 9.66
C ILE B 184 3.69 50.03 11.17
N THR B 185 4.43 50.65 12.08
CA THR B 185 4.07 50.53 13.49
C THR B 185 4.68 51.65 14.31
N TYR B 186 3.87 52.09 15.28
CA TYR B 186 4.27 53.33 15.83
C TYR B 186 4.52 53.33 17.34
N ASP B 187 5.55 54.12 17.79
CA ASP B 187 6.10 54.17 19.17
C ASP B 187 5.96 55.11 20.45
N TYR B 188 6.18 56.43 20.43
CA TYR B 188 6.06 57.21 21.76
C TYR B 188 6.03 56.40 23.15
N GLU B 189 7.22 55.97 23.64
CA GLU B 189 7.46 55.11 24.88
C GLU B 189 6.34 54.26 25.54
N GLY B 190 6.45 52.94 25.34
CA GLY B 190 5.34 52.01 25.54
C GLY B 190 4.21 52.52 24.68
N PHE B 191 3.28 51.68 24.35
CA PHE B 191 2.17 52.02 23.41
C PHE B 191 2.67 51.72 22.03
N GLY B 192 2.12 50.74 21.36
CA GLY B 192 2.46 50.55 20.01
C GLY B 192 1.15 50.46 19.34
N ILE B 193 1.09 50.98 18.13
CA ILE B 193 -0.09 50.72 17.28
C ILE B 193 0.71 50.15 16.22
N GLY B 194 0.05 49.37 15.37
CA GLY B 194 0.78 48.81 14.28
C GLY B 194 -0.30 48.23 13.50
N GLY B 195 -0.30 48.56 12.21
CA GLY B 195 -1.03 47.85 11.18
C GLY B 195 -0.15 46.96 10.27
N ALA B 196 -0.78 45.94 9.69
CA ALA B 196 -0.09 45.16 8.64
C ALA B 196 -1.15 44.57 7.75
N ILE B 197 -0.92 44.76 6.46
CA ILE B 197 -1.84 44.27 5.45
C ILE B 197 -1.05 43.26 4.58
N SER B 198 -1.65 42.14 4.15
CA SER B 198 -0.88 41.23 3.24
C SER B 198 -1.84 40.57 2.25
N SER B 199 -1.36 40.03 1.14
CA SER B 199 -2.26 39.46 0.21
C SER B 199 -1.58 38.46 -0.67
N SER B 200 -2.08 37.22 -0.90
CA SER B 200 -1.24 36.26 -1.74
C SER B 200 -1.98 35.53 -2.81
N LYS B 201 -1.49 35.45 -4.04
CA LYS B 201 -2.36 34.80 -5.03
C LYS B 201 -2.43 33.41 -4.45
N ARG B 202 -3.51 32.62 -4.38
CA ARG B 202 -3.38 31.21 -3.85
C ARG B 202 -3.32 30.11 -4.97
N THR B 203 -2.44 29.14 -4.89
CA THR B 203 -2.35 28.18 -6.03
C THR B 203 -3.61 27.29 -6.44
N ASP B 204 -3.75 26.90 -7.72
CA ASP B 204 -4.90 25.99 -8.10
C ASP B 204 -4.89 24.73 -7.26
N ALA B 205 -3.75 24.26 -6.82
CA ALA B 205 -3.84 23.13 -5.90
C ALA B 205 -4.65 23.53 -4.66
N GLN B 206 -4.47 24.72 -4.04
CA GLN B 206 -5.18 24.93 -2.75
C GLN B 206 -6.57 25.30 -3.00
N ASN B 207 -6.97 25.18 -4.26
CA ASN B 207 -8.33 25.56 -4.71
C ASN B 207 -9.20 24.49 -5.33
N THR B 208 -9.57 23.47 -4.58
CA THR B 208 -10.23 22.36 -5.24
C THR B 208 -11.25 21.71 -4.33
N ALA B 209 -12.35 22.33 -4.01
CA ALA B 209 -13.40 21.59 -3.32
C ALA B 209 -12.90 20.42 -2.54
N ALA B 210 -11.62 20.34 -2.24
CA ALA B 210 -11.16 19.51 -1.12
C ALA B 210 -11.16 20.51 0.09
N TYR B 211 -11.19 19.91 1.24
CA TYR B 211 -12.16 20.55 2.13
C TYR B 211 -12.69 22.18 1.87
N ILE B 212 -11.97 23.33 2.01
CA ILE B 212 -12.68 24.65 2.13
C ILE B 212 -12.00 26.02 1.92
N GLY B 213 -12.62 27.02 1.26
CA GLY B 213 -11.99 28.12 0.48
C GLY B 213 -12.43 28.26 -1.07
N ASN B 214 -13.38 29.13 -1.42
CA ASN B 214 -13.36 29.61 -2.85
C ASN B 214 -12.06 30.39 -2.73
N GLY B 215 -10.94 29.75 -2.87
CA GLY B 215 -9.76 30.60 -2.62
C GLY B 215 -9.14 31.49 -3.72
N ASP B 216 -9.54 32.77 -3.82
CA ASP B 216 -8.83 33.61 -4.79
C ASP B 216 -7.46 34.21 -4.44
N ARG B 217 -7.36 35.26 -3.61
CA ARG B 217 -6.04 35.62 -2.99
C ARG B 217 -6.12 35.16 -1.57
N ALA B 218 -5.10 35.30 -0.75
CA ALA B 218 -5.40 35.13 0.70
C ALA B 218 -5.12 36.48 1.41
N GLU B 219 -6.12 36.98 2.15
CA GLU B 219 -5.87 38.29 2.66
C GLU B 219 -6.00 38.34 4.08
N THR B 220 -5.05 38.97 4.80
CA THR B 220 -5.16 39.20 6.30
C THR B 220 -5.03 40.66 6.59
N TYR B 221 -5.72 41.24 7.57
CA TYR B 221 -5.75 42.79 7.71
C TYR B 221 -5.63 42.90 9.13
N THR B 222 -4.59 43.64 9.55
CA THR B 222 -4.27 43.53 10.93
C THR B 222 -3.77 44.73 11.71
N GLY B 223 -4.45 45.00 12.85
CA GLY B 223 -4.16 46.16 13.69
C GLY B 223 -3.78 45.67 15.08
N GLY B 224 -2.78 46.29 15.64
CA GLY B 224 -2.41 45.97 16.94
C GLY B 224 -1.99 47.07 17.85
N LEU B 225 -2.15 46.75 19.12
CA LEU B 225 -1.97 47.66 20.24
C LEU B 225 -1.02 47.10 21.31
N LYS B 226 -0.12 47.90 21.79
CA LYS B 226 0.54 47.39 22.97
C LYS B 226 1.08 48.44 23.80
N TYR B 227 1.45 48.08 25.01
CA TYR B 227 1.78 49.04 26.06
C TYR B 227 2.80 48.37 26.81
N ASP B 228 4.02 48.85 26.79
CA ASP B 228 5.03 48.02 27.49
C ASP B 228 6.09 48.77 28.26
N ALA B 229 6.10 48.73 29.60
CA ALA B 229 7.06 49.58 30.36
C ALA B 229 6.79 49.54 31.83
N ASN B 230 7.84 49.71 32.63
CA ASN B 230 7.71 49.33 34.07
C ASN B 230 6.97 48.02 34.21
N ASN B 231 7.61 46.88 33.99
CA ASN B 231 6.98 45.66 34.38
C ASN B 231 5.60 45.32 33.86
N ILE B 232 4.95 46.19 33.14
CA ILE B 232 3.60 45.82 32.76
C ILE B 232 3.79 45.43 31.34
N TYR B 233 3.21 44.28 30.96
CA TYR B 233 3.08 44.04 29.57
C TYR B 233 1.62 43.82 29.27
N LEU B 234 1.05 44.73 28.50
CA LEU B 234 -0.32 44.69 27.91
C LEU B 234 -0.29 44.84 26.34
N ALA B 235 -1.03 43.93 25.67
CA ALA B 235 -1.11 43.94 24.17
C ALA B 235 -2.31 43.29 23.63
N ALA B 236 -2.65 43.70 22.39
CA ALA B 236 -3.84 43.19 21.65
C ALA B 236 -3.51 43.33 20.22
N GLN B 237 -4.01 42.34 19.50
CA GLN B 237 -3.85 42.20 18.11
C GLN B 237 -5.19 41.73 17.61
N TYR B 238 -5.63 42.35 16.52
CA TYR B 238 -6.92 41.94 15.91
C TYR B 238 -6.69 42.06 14.43
N THR B 239 -7.18 40.99 13.84
CA THR B 239 -6.93 40.75 12.46
C THR B 239 -7.86 39.76 11.94
N GLN B 240 -8.35 40.12 10.77
CA GLN B 240 -9.21 39.24 10.01
C GLN B 240 -8.73 39.03 8.62
N THR B 241 -9.01 37.78 8.29
CA THR B 241 -8.39 37.18 7.23
C THR B 241 -9.48 36.77 6.27
N TYR B 242 -9.17 36.85 5.01
CA TYR B 242 -9.91 36.21 3.99
C TYR B 242 -9.08 35.15 3.27
N ASN B 243 -9.64 33.93 3.32
CA ASN B 243 -9.10 32.74 2.63
C ASN B 243 -7.72 32.34 3.12
N ALA B 244 -7.44 32.52 4.40
CA ALA B 244 -6.02 32.30 4.88
C ALA B 244 -5.86 31.69 6.27
N THR B 245 -6.95 31.43 7.00
CA THR B 245 -6.80 30.80 8.30
C THR B 245 -7.03 29.29 8.19
N ARG B 246 -5.96 28.52 8.33
CA ARG B 246 -6.11 27.08 8.32
C ARG B 246 -7.20 26.72 9.31
N VAL B 247 -8.24 25.97 8.87
CA VAL B 247 -9.36 25.40 9.73
C VAL B 247 -9.17 23.91 9.66
N GLY B 248 -8.32 23.47 10.57
CA GLY B 248 -7.87 22.12 10.72
C GLY B 248 -6.90 21.80 9.61
N SER B 249 -7.31 20.72 8.95
CA SER B 249 -6.70 20.22 7.77
C SER B 249 -7.81 20.27 6.83
N LEU B 250 -8.79 21.09 7.08
CA LEU B 250 -9.88 21.09 6.12
C LEU B 250 -9.66 22.12 5.03
N GLY B 251 -8.48 22.71 4.87
CA GLY B 251 -8.41 23.72 3.84
C GLY B 251 -8.66 25.01 4.61
N TRP B 252 -9.02 26.07 3.93
CA TRP B 252 -8.91 27.31 4.61
C TRP B 252 -10.33 27.92 5.09
N ALA B 253 -10.36 29.15 5.64
CA ALA B 253 -11.54 29.74 6.25
C ALA B 253 -12.09 31.02 5.53
N ASN B 254 -13.13 30.95 4.71
CA ASN B 254 -13.47 32.13 3.89
C ASN B 254 -13.27 33.56 4.53
N LYS B 255 -13.85 33.79 5.70
CA LYS B 255 -13.55 34.97 6.43
C LYS B 255 -13.21 34.36 7.83
N ALA B 256 -12.39 35.03 8.63
CA ALA B 256 -12.27 34.65 9.98
C ALA B 256 -11.79 35.91 10.78
N GLN B 257 -12.35 36.08 11.98
CA GLN B 257 -11.92 37.23 12.78
C GLN B 257 -11.19 36.64 13.90
N ASN B 258 -9.95 37.12 14.01
CA ASN B 258 -9.04 36.67 15.05
C ASN B 258 -8.64 37.81 15.98
N PHE B 259 -8.90 37.53 17.27
CA PHE B 259 -8.63 38.40 18.37
C PHE B 259 -7.72 37.78 19.47
N GLU B 260 -6.80 38.55 20.07
CA GLU B 260 -5.81 38.00 21.03
C GLU B 260 -5.25 39.07 21.98
N ALA B 261 -5.50 38.92 23.29
CA ALA B 261 -5.02 39.92 24.18
C ALA B 261 -4.32 39.17 25.33
N VAL B 262 -3.15 39.76 25.70
CA VAL B 262 -2.31 39.23 26.76
C VAL B 262 -2.16 40.24 27.88
N ALA B 263 -2.01 39.74 29.11
CA ALA B 263 -1.64 40.68 30.13
C ALA B 263 -0.57 40.14 31.10
N GLN B 264 0.41 40.98 31.38
CA GLN B 264 1.54 40.44 32.13
C GLN B 264 2.34 41.41 32.94
N TYR B 265 2.86 40.83 34.00
CA TYR B 265 3.68 41.59 34.90
C TYR B 265 4.93 40.83 35.26
N GLN B 266 6.01 41.54 35.01
CA GLN B 266 7.31 40.95 35.20
C GLN B 266 7.89 41.33 36.51
N PHE B 267 8.00 40.43 37.44
CA PHE B 267 8.48 40.80 38.77
C PHE B 267 10.01 40.86 38.91
N ASP B 268 10.43 41.92 39.60
CA ASP B 268 11.82 42.25 40.04
C ASP B 268 12.49 40.93 40.40
N PHE B 269 11.88 40.04 41.19
CA PHE B 269 12.51 38.69 41.48
C PHE B 269 12.40 37.57 40.42
N GLY B 270 11.47 37.67 39.46
CA GLY B 270 11.64 36.76 38.31
C GLY B 270 10.38 36.07 37.82
N LEU B 271 9.29 36.22 38.57
CA LEU B 271 8.16 35.37 38.25
C LEU B 271 7.45 36.39 37.43
N ARG B 272 6.54 35.92 36.59
CA ARG B 272 5.99 36.70 35.51
C ARG B 272 4.75 35.98 35.09
N PRO B 273 3.62 36.28 35.76
CA PRO B 273 2.32 35.68 35.47
C PRO B 273 1.84 36.26 34.14
N SER B 274 1.04 35.44 33.42
CA SER B 274 0.36 36.08 32.26
C SER B 274 -1.06 35.65 32.30
N LEU B 275 -1.96 36.43 31.75
CA LEU B 275 -3.35 36.09 31.61
C LEU B 275 -3.69 36.46 30.10
N ALA B 276 -4.40 35.61 29.35
CA ALA B 276 -4.66 35.93 27.90
C ALA B 276 -5.91 35.41 27.38
N TYR B 277 -6.45 36.08 26.43
CA TYR B 277 -7.60 35.55 25.81
C TYR B 277 -7.20 35.39 24.41
N LEU B 278 -7.66 34.35 23.74
CA LEU B 278 -7.55 34.38 22.27
C LEU B 278 -8.76 33.70 21.68
N GLN B 279 -9.13 34.19 20.48
CA GLN B 279 -10.06 33.44 19.74
C GLN B 279 -10.06 33.67 18.30
N SER B 280 -10.62 32.70 17.57
CA SER B 280 -10.79 32.81 16.16
C SER B 280 -12.13 32.34 15.68
N LYS B 281 -12.88 33.29 15.11
CA LYS B 281 -14.28 33.06 14.70
C LYS B 281 -14.29 32.90 13.20
N GLY B 282 -14.58 31.67 12.78
CA GLY B 282 -14.78 31.40 11.38
C GLY B 282 -16.09 31.97 10.87
N LYS B 283 -16.01 32.82 9.86
CA LYS B 283 -17.24 33.39 9.30
C LYS B 283 -17.59 32.66 8.04
N ASN B 284 -18.87 32.74 7.64
CA ASN B 284 -19.36 32.00 6.45
C ASN B 284 -18.41 30.87 5.92
N LEU B 285 -18.37 29.73 6.62
CA LEU B 285 -17.43 28.69 6.25
C LEU B 285 -18.08 27.95 5.15
N GLY B 286 -17.32 27.14 4.41
CA GLY B 286 -18.09 26.28 3.52
C GLY B 286 -19.05 25.16 4.12
N ARG B 287 -19.37 24.23 3.23
CA ARG B 287 -19.51 22.78 3.49
C ARG B 287 -20.28 22.44 4.79
N GLY B 288 -21.47 23.09 4.89
CA GLY B 288 -22.28 23.08 6.15
C GLY B 288 -21.56 24.00 7.14
N TYR B 289 -21.59 23.77 8.41
CA TYR B 289 -20.64 24.56 9.25
C TYR B 289 -20.92 26.00 9.52
N ASP B 290 -20.86 26.85 8.51
CA ASP B 290 -21.46 28.17 8.78
C ASP B 290 -20.62 29.23 9.57
N ASP B 291 -21.13 29.70 10.73
CA ASP B 291 -20.33 30.51 11.50
C ASP B 291 -19.86 29.53 12.48
N GLU B 292 -18.58 29.62 12.87
CA GLU B 292 -17.96 28.58 13.71
C GLU B 292 -16.51 28.81 14.25
N ASP B 293 -16.35 28.62 15.56
CA ASP B 293 -15.13 28.97 16.22
C ASP B 293 -13.99 28.00 16.01
N ILE B 294 -12.86 28.55 15.53
CA ILE B 294 -11.64 27.79 15.07
C ILE B 294 -10.71 27.55 16.30
N LEU B 295 -10.85 28.49 17.22
CA LEU B 295 -10.05 28.47 18.41
C LEU B 295 -10.75 29.35 19.33
N LYS B 296 -10.75 28.98 20.59
CA LYS B 296 -11.33 29.82 21.62
C LYS B 296 -10.81 29.38 22.98
N TYR B 297 -10.09 30.24 23.69
CA TYR B 297 -9.47 29.70 24.95
C TYR B 297 -8.89 30.79 25.83
N VAL B 298 -8.87 30.54 27.13
CA VAL B 298 -8.33 31.56 27.99
C VAL B 298 -7.11 30.97 28.36
N ASP B 299 -6.11 31.79 28.24
CA ASP B 299 -4.84 31.24 28.71
C ASP B 299 -4.52 31.75 30.13
N VAL B 300 -4.06 30.87 30.99
CA VAL B 300 -3.59 31.27 32.31
C VAL B 300 -2.27 30.54 32.59
N GLY B 301 -1.28 31.26 33.04
CA GLY B 301 -0.05 30.63 33.22
C GLY B 301 1.02 31.57 33.71
N ALA B 302 2.14 30.95 34.09
CA ALA B 302 3.20 31.77 34.45
C ALA B 302 4.44 31.08 34.20
N THR B 303 5.51 31.87 34.08
CA THR B 303 6.94 31.43 33.95
C THR B 303 7.83 32.14 35.07
N TYR B 304 9.01 31.60 35.36
CA TYR B 304 9.81 32.10 36.46
C TYR B 304 11.26 32.17 35.96
N TYR B 305 11.94 33.32 35.87
CA TYR B 305 13.36 33.23 35.42
C TYR B 305 14.42 33.06 36.52
N PHE B 306 15.05 31.90 36.60
CA PHE B 306 16.19 31.84 37.54
C PHE B 306 17.19 32.93 37.17
N ASN B 307 17.57 32.98 35.89
CA ASN B 307 18.34 34.08 35.45
C ASN B 307 18.13 34.22 33.99
N LYS B 308 18.99 34.95 33.27
CA LYS B 308 18.64 35.07 31.84
C LYS B 308 19.23 33.98 31.06
N ASN B 309 19.02 32.74 31.44
CA ASN B 309 19.84 31.61 30.95
C ASN B 309 19.13 30.27 31.27
N MET B 310 18.10 30.33 32.15
CA MET B 310 17.37 29.18 32.74
C MET B 310 16.07 29.60 33.36
N SER B 311 15.13 28.71 33.50
CA SER B 311 13.80 29.10 34.02
C SER B 311 12.78 27.94 33.86
N THR B 312 11.66 28.12 34.54
CA THR B 312 10.57 27.19 34.46
C THR B 312 9.37 27.93 34.17
N TYR B 313 8.38 27.18 33.60
CA TYR B 313 7.04 27.74 33.34
C TYR B 313 6.03 26.76 33.54
N VAL B 314 4.84 27.28 33.82
CA VAL B 314 3.55 26.60 33.81
C VAL B 314 2.62 27.23 32.76
N ASP B 315 1.84 26.35 32.15
CA ASP B 315 0.90 26.91 31.29
C ASP B 315 -0.32 26.08 31.20
N TYR B 316 -1.42 26.80 31.13
CA TYR B 316 -2.74 26.23 31.30
C TYR B 316 -3.82 26.81 30.33
N LYS B 317 -4.07 26.05 29.25
CA LYS B 317 -5.05 26.45 28.22
C LYS B 317 -6.34 25.93 28.70
N ILE B 318 -7.20 26.85 29.09
CA ILE B 318 -8.60 26.54 29.50
C ILE B 318 -9.39 26.65 28.20
N ASN B 319 -9.77 25.49 27.72
CA ASN B 319 -10.03 25.47 26.32
C ASN B 319 -11.48 25.72 25.98
N LEU B 320 -11.79 26.91 25.54
CA LEU B 320 -13.21 27.24 25.53
C LEU B 320 -14.08 26.67 24.40
N LEU B 321 -13.61 25.74 23.57
CA LEU B 321 -14.47 25.19 22.47
C LEU B 321 -15.27 23.84 22.70
N ASP B 322 -16.53 23.75 22.31
CA ASP B 322 -17.22 22.38 22.22
C ASP B 322 -16.82 21.34 21.09
N ASP B 323 -16.63 20.06 21.39
CA ASP B 323 -16.77 19.07 20.37
C ASP B 323 -17.94 19.09 19.33
N ASN B 324 -17.72 18.92 18.02
CA ASN B 324 -18.87 18.81 16.99
C ASN B 324 -18.49 18.25 15.62
N GLN B 325 -19.43 17.84 14.75
CA GLN B 325 -18.85 17.12 13.61
C GLN B 325 -17.81 18.13 13.02
N PHE B 326 -17.93 19.42 13.44
CA PHE B 326 -16.93 20.47 13.07
C PHE B 326 -15.52 20.30 13.53
N THR B 327 -15.34 20.34 14.81
CA THR B 327 -14.01 20.43 15.31
C THR B 327 -13.36 19.09 14.93
N ARG B 328 -13.90 18.07 15.56
CA ARG B 328 -13.78 16.70 15.03
C ARG B 328 -13.49 16.67 13.46
N ASP B 329 -14.31 17.29 12.62
CA ASP B 329 -13.89 17.24 11.22
C ASP B 329 -12.54 17.67 10.99
N ALA B 330 -12.32 18.94 11.29
CA ALA B 330 -11.03 19.63 11.24
C ALA B 330 -9.86 19.04 12.07
N GLY B 331 -10.19 18.31 13.15
CA GLY B 331 -9.17 17.72 14.03
C GLY B 331 -8.62 18.95 14.73
N ILE B 332 -9.45 19.80 15.29
CA ILE B 332 -9.04 20.90 16.12
C ILE B 332 -9.13 20.44 17.56
N ASN B 333 -8.02 20.50 18.32
CA ASN B 333 -8.10 20.10 19.74
C ASN B 333 -9.03 21.06 20.40
N THR B 334 -9.78 20.50 21.32
CA THR B 334 -10.85 21.19 22.04
C THR B 334 -10.67 21.00 23.52
N ASP B 335 -9.84 20.08 23.98
CA ASP B 335 -9.58 19.97 25.44
C ASP B 335 -8.65 20.98 26.01
N ASN B 336 -8.68 21.17 27.32
CA ASN B 336 -7.60 21.84 28.08
C ASN B 336 -6.28 21.18 27.90
N ILE B 337 -5.23 21.91 28.14
CA ILE B 337 -3.98 21.22 28.33
C ILE B 337 -3.27 21.93 29.45
N VAL B 338 -2.35 21.27 30.09
CA VAL B 338 -1.37 22.06 30.87
C VAL B 338 0.10 21.79 30.48
N ALA B 339 0.88 22.85 30.44
CA ALA B 339 2.25 22.53 30.20
C ALA B 339 3.07 22.84 31.41
N LEU B 340 4.08 22.06 31.61
CA LEU B 340 5.12 22.25 32.65
C LEU B 340 6.41 22.26 31.93
N GLY B 341 7.32 23.18 32.19
CA GLY B 341 8.54 23.19 31.32
C GLY B 341 9.65 23.66 32.20
N LEU B 342 10.84 23.13 31.96
CA LEU B 342 12.14 23.53 32.62
C LEU B 342 13.01 23.78 31.42
N VAL B 343 13.77 24.86 31.38
CA VAL B 343 14.46 25.08 30.13
C VAL B 343 15.71 25.73 30.53
N TYR B 344 16.74 25.44 29.76
CA TYR B 344 18.04 26.00 29.83
C TYR B 344 18.33 26.45 28.39
N GLN B 345 18.62 27.76 28.21
CA GLN B 345 19.11 28.39 26.97
C GLN B 345 20.51 29.06 27.12
N PHE B 346 21.25 28.99 26.02
CA PHE B 346 22.52 29.61 25.85
C PHE B 346 22.44 30.60 24.64
N ALA C 1 34.51 29.78 11.56
CA ALA C 1 35.18 30.67 12.61
C ALA C 1 36.08 29.88 13.54
N GLU C 2 37.38 30.24 13.56
CA GLU C 2 38.31 29.65 14.60
C GLU C 2 37.83 29.94 16.07
N VAL C 3 36.87 29.11 16.49
CA VAL C 3 36.24 29.19 17.85
C VAL C 3 37.30 28.78 18.90
N TYR C 4 37.14 27.75 19.73
CA TYR C 4 38.27 27.18 20.51
C TYR C 4 39.64 27.09 19.75
N ASN C 5 40.71 27.14 20.52
CA ASN C 5 42.08 27.02 20.02
C ASN C 5 43.13 27.19 21.22
N LYS C 6 43.28 26.13 22.03
CA LYS C 6 44.03 26.21 23.25
C LYS C 6 44.93 24.96 23.38
N ASP C 7 46.22 25.16 23.66
CA ASP C 7 47.20 24.04 23.82
C ASP C 7 47.03 22.90 22.75
N GLY C 8 47.86 23.03 21.69
CA GLY C 8 47.89 22.01 20.63
C GLY C 8 46.63 22.03 19.80
N ASN C 9 45.61 21.34 20.34
CA ASN C 9 44.20 21.30 19.76
C ASN C 9 43.33 22.61 19.33
N LYS C 10 42.87 22.62 18.08
CA LYS C 10 42.06 23.77 17.64
C LYS C 10 40.83 23.58 16.71
N LEU C 11 39.69 24.14 17.06
CA LEU C 11 38.45 23.95 16.36
C LEU C 11 38.10 24.99 15.42
N ASP C 12 37.40 24.64 14.37
CA ASP C 12 36.79 25.73 13.60
C ASP C 12 35.36 25.43 13.16
N LEU C 13 34.39 25.84 14.00
CA LEU C 13 32.97 25.76 13.70
C LEU C 13 32.75 26.72 12.64
N TYR C 14 32.06 26.28 11.60
CA TYR C 14 31.84 27.11 10.39
C TYR C 14 30.55 26.86 9.53
N GLY C 15 30.20 27.82 8.67
CA GLY C 15 29.14 27.58 7.82
C GLY C 15 28.57 28.83 7.22
N LYS C 16 27.41 28.67 6.54
CA LYS C 16 26.92 29.80 5.76
C LYS C 16 25.49 29.71 5.60
N VAL C 17 24.80 30.81 5.31
CA VAL C 17 23.43 30.71 4.81
C VAL C 17 23.38 31.37 3.51
N ASP C 18 22.73 30.73 2.63
CA ASP C 18 22.81 31.19 1.33
C ASP C 18 21.32 31.29 0.77
N GLY C 19 20.93 32.58 0.50
CA GLY C 19 19.62 33.03 0.26
C GLY C 19 19.70 33.02 -1.23
N LEU C 20 18.99 32.07 -1.85
CA LEU C 20 19.31 31.63 -3.21
C LEU C 20 18.02 31.42 -3.88
N HIS C 21 17.87 32.05 -5.06
CA HIS C 21 16.77 31.87 -5.96
C HIS C 21 17.15 31.39 -7.45
N TYR C 22 16.28 30.52 -7.99
CA TYR C 22 16.40 30.04 -9.38
C TYR C 22 15.36 30.51 -10.31
N PHE C 23 15.61 31.21 -11.42
CA PHE C 23 14.48 31.45 -12.34
C PHE C 23 14.80 30.54 -13.52
N SER C 24 13.80 29.77 -13.93
CA SER C 24 14.08 28.76 -14.90
C SER C 24 12.85 28.38 -15.52
N ASP C 25 12.80 28.13 -16.82
CA ASP C 25 11.52 27.55 -17.35
C ASP C 25 11.13 26.20 -16.71
N ASN C 26 12.12 25.55 -16.10
CA ASN C 26 12.03 24.21 -15.75
C ASN C 26 11.48 24.16 -14.37
N LYS C 27 10.13 24.02 -14.27
CA LYS C 27 9.40 24.34 -12.98
C LYS C 27 9.64 23.31 -11.86
N ASP C 28 10.89 22.82 -11.82
CA ASP C 28 11.27 21.58 -11.23
C ASP C 28 12.68 21.74 -10.70
N VAL C 29 13.36 22.78 -11.24
CA VAL C 29 14.49 23.48 -10.57
C VAL C 29 13.98 24.93 -10.12
N ASP C 30 12.90 25.42 -10.68
CA ASP C 30 12.49 26.78 -10.45
C ASP C 30 12.27 27.23 -8.99
N GLY C 31 12.38 28.48 -8.81
CA GLY C 31 12.01 29.06 -7.56
C GLY C 31 13.09 29.25 -6.47
N ASP C 32 12.64 28.93 -5.26
CA ASP C 32 13.39 29.18 -4.16
C ASP C 32 14.35 28.01 -3.83
N GLN C 33 15.66 28.35 -3.76
CA GLN C 33 16.69 27.42 -3.33
C GLN C 33 17.45 27.75 -2.04
N THR C 34 16.93 28.60 -1.19
CA THR C 34 17.63 28.78 0.10
C THR C 34 18.32 27.50 0.62
N TYR C 35 19.47 27.59 1.19
CA TYR C 35 19.87 26.44 1.93
C TYR C 35 20.96 26.97 2.78
N MET C 36 21.52 26.12 3.67
CA MET C 36 22.65 26.47 4.58
C MET C 36 23.59 25.25 4.74
N ARG C 37 24.80 25.45 5.18
CA ARG C 37 25.47 24.28 5.78
C ARG C 37 26.29 24.72 6.98
N LEU C 38 26.43 23.83 7.96
CA LEU C 38 27.52 24.09 8.87
C LEU C 38 28.60 22.96 8.94
N GLY C 39 29.69 23.15 9.65
CA GLY C 39 30.70 22.15 9.55
C GLY C 39 31.84 22.44 10.51
N PHE C 40 32.71 21.49 10.78
CA PHE C 40 33.73 21.76 11.72
C PHE C 40 34.96 21.20 11.20
N LYS C 41 36.06 21.86 11.49
CA LYS C 41 37.34 21.31 10.99
C LYS C 41 37.90 21.20 12.34
N GLY C 42 38.86 20.31 12.63
CA GLY C 42 39.57 20.17 13.95
C GLY C 42 41.03 19.67 13.84
N GLU C 43 41.99 20.23 14.58
CA GLU C 43 43.36 19.60 14.62
C GLU C 43 43.85 19.66 16.03
N THR C 44 44.39 18.55 16.45
CA THR C 44 45.00 18.49 17.72
C THR C 44 46.31 18.21 17.19
N GLN C 45 47.32 18.80 17.81
CA GLN C 45 48.67 18.56 17.21
C GLN C 45 49.32 17.74 18.27
N VAL C 46 49.81 16.54 17.88
CA VAL C 46 50.11 15.43 18.82
C VAL C 46 51.60 15.36 19.13
N THR C 47 52.41 16.10 18.38
CA THR C 47 53.88 15.87 18.42
C THR C 47 54.28 16.91 17.47
N ASP C 48 55.36 16.80 16.75
CA ASP C 48 55.74 17.94 15.92
C ASP C 48 55.72 17.42 14.56
N GLN C 49 55.86 16.09 14.47
CA GLN C 49 55.63 15.33 13.21
C GLN C 49 54.10 15.19 12.94
N LEU C 50 53.41 14.71 13.99
CA LEU C 50 52.11 14.06 13.88
C LEU C 50 51.01 14.97 14.39
N THR C 51 49.96 15.08 13.61
CA THR C 51 48.89 15.94 14.00
C THR C 51 47.55 15.25 13.59
N GLY C 52 46.57 15.27 14.50
CA GLY C 52 45.22 14.73 14.33
C GLY C 52 44.18 15.71 13.66
N TYR C 53 43.25 15.17 12.89
CA TYR C 53 42.32 16.04 12.39
C TYR C 53 40.99 15.36 12.21
N GLY C 54 39.99 16.26 12.22
CA GLY C 54 38.60 16.04 11.85
C GLY C 54 37.74 17.01 11.00
N GLN C 55 36.90 16.46 10.16
CA GLN C 55 36.06 17.37 9.45
C GLN C 55 34.62 16.78 9.12
N TRP C 56 33.59 17.63 9.14
CA TRP C 56 32.29 17.18 9.07
C TRP C 56 31.62 18.39 8.55
N GLU C 57 30.91 18.23 7.43
CA GLU C 57 30.25 19.32 6.77
C GLU C 57 28.96 18.81 6.39
N TYR C 58 27.94 19.66 6.42
CA TYR C 58 26.53 19.16 6.42
C TYR C 58 25.59 20.24 6.00
N GLN C 59 24.79 19.90 5.00
CA GLN C 59 23.93 20.93 4.48
C GLN C 59 22.48 20.67 4.91
N ILE C 60 21.63 21.66 4.94
CA ILE C 60 20.26 21.45 5.44
C ILE C 60 19.47 22.40 4.64
N GLN C 61 18.55 21.87 3.84
CA GLN C 61 17.88 22.72 2.82
C GLN C 61 17.08 23.75 3.56
N GLY C 62 16.87 24.94 3.00
CA GLY C 62 16.31 25.96 3.87
C GLY C 62 15.24 26.57 3.08
N ASN C 63 14.90 25.79 2.04
CA ASN C 63 13.81 26.15 1.21
C ASN C 63 12.59 25.31 1.37
N SER C 64 12.31 24.65 2.48
CA SER C 64 10.93 24.03 2.63
C SER C 64 10.12 24.15 3.96
N ALA C 65 8.89 23.64 3.99
CA ALA C 65 7.99 23.93 5.08
C ALA C 65 8.44 23.05 6.20
N GLU C 66 8.33 23.56 7.46
CA GLU C 66 8.60 22.83 8.68
C GLU C 66 8.04 21.41 8.68
N ASN C 67 7.30 21.15 7.64
CA ASN C 67 6.74 19.91 7.36
C ASN C 67 7.73 18.80 7.08
N GLU C 68 9.04 19.09 6.85
CA GLU C 68 9.73 18.42 5.71
C GLU C 68 11.16 18.27 5.84
N ASN C 69 11.82 18.62 6.93
CA ASN C 69 12.97 17.69 7.32
C ASN C 69 14.40 17.74 6.86
N ASN C 70 14.34 17.84 5.47
CA ASN C 70 15.22 17.27 4.50
C ASN C 70 16.86 17.13 4.53
N SER C 71 17.75 18.12 4.14
CA SER C 71 19.15 17.96 4.76
C SER C 71 20.00 16.62 5.00
N TRP C 72 21.12 16.41 4.31
CA TRP C 72 22.00 15.26 4.37
C TRP C 72 23.49 15.52 4.78
N THR C 73 24.34 14.46 5.08
CA THR C 73 25.79 14.58 5.43
C THR C 73 26.73 14.71 4.21
N ARG C 74 27.57 15.78 4.22
CA ARG C 74 28.44 16.04 3.12
C ARG C 74 29.83 15.37 3.17
N VAL C 75 30.43 15.47 4.37
CA VAL C 75 31.74 14.96 4.51
C VAL C 75 31.84 14.65 5.96
N ALA C 76 32.59 13.59 6.23
CA ALA C 76 32.81 13.17 7.63
C ALA C 76 33.95 12.20 7.78
N PHE C 77 35.08 12.72 8.25
CA PHE C 77 36.28 11.87 8.44
C PHE C 77 37.25 12.39 9.53
N ALA C 78 38.16 11.50 9.88
CA ALA C 78 39.13 11.77 10.83
C ALA C 78 40.27 11.24 10.07
N GLY C 79 41.45 11.88 10.22
CA GLY C 79 42.77 11.33 9.74
C GLY C 79 43.92 11.77 10.62
N LEU C 80 45.11 11.62 10.07
CA LEU C 80 46.41 11.73 10.71
C LEU C 80 47.32 12.26 9.60
N LYS C 81 48.06 13.38 9.89
CA LYS C 81 48.98 14.13 8.90
C LYS C 81 50.20 13.67 9.62
N PHE C 82 51.08 13.04 8.86
CA PHE C 82 52.32 12.45 9.43
C PHE C 82 53.57 13.34 9.57
N GLN C 83 53.89 14.22 8.57
CA GLN C 83 55.01 15.25 8.57
C GLN C 83 55.89 15.22 7.32
N ASP C 84 56.75 14.20 7.08
CA ASP C 84 57.37 14.05 5.71
C ASP C 84 56.40 13.12 5.02
N VAL C 85 56.35 11.87 5.51
CA VAL C 85 55.35 10.85 5.11
C VAL C 85 54.17 11.29 4.31
N GLY C 86 53.14 11.91 4.98
CA GLY C 86 51.82 12.40 4.35
C GLY C 86 50.61 12.35 5.25
N SER C 87 49.41 12.57 4.72
CA SER C 87 48.23 12.35 5.63
C SER C 87 47.51 11.02 5.26
N PHE C 88 46.74 10.43 6.22
CA PHE C 88 45.65 9.39 5.99
C PHE C 88 44.30 9.64 6.69
N ASP C 89 43.21 9.31 6.00
CA ASP C 89 41.87 9.50 6.55
C ASP C 89 40.92 8.58 5.96
N TYR C 90 40.28 7.83 6.83
CA TYR C 90 39.13 7.12 6.49
C TYR C 90 37.91 7.99 6.71
N GLY C 91 36.86 7.71 5.94
CA GLY C 91 35.54 8.37 6.05
C GLY C 91 34.77 8.75 4.80
N ARG C 92 33.76 9.58 5.02
CA ARG C 92 32.96 10.12 3.88
C ARG C 92 33.69 11.30 3.38
N ASN C 93 34.31 11.09 2.22
CA ASN C 93 35.14 12.12 1.62
C ASN C 93 34.88 12.37 0.21
N TYR C 94 35.72 13.27 -0.42
CA TYR C 94 35.75 13.61 -1.90
C TYR C 94 36.66 12.62 -2.50
N GLY C 95 36.28 12.09 -3.63
CA GLY C 95 37.11 11.05 -4.24
C GLY C 95 38.29 11.64 -4.93
N VAL C 96 39.34 10.86 -5.22
CA VAL C 96 40.61 11.52 -5.73
C VAL C 96 40.45 12.12 -7.13
N VAL C 97 39.65 11.44 -7.94
CA VAL C 97 39.41 12.04 -9.18
C VAL C 97 39.09 13.56 -8.98
N TYR C 98 38.70 13.96 -7.75
CA TYR C 98 38.29 15.34 -7.55
C TYR C 98 39.48 16.32 -7.36
N ASP C 99 40.66 15.82 -6.97
CA ASP C 99 41.92 16.61 -7.05
C ASP C 99 42.10 17.34 -8.33
N VAL C 100 41.77 16.73 -9.44
CA VAL C 100 41.99 17.44 -10.65
C VAL C 100 40.66 18.03 -11.16
N THR C 101 39.57 17.36 -10.97
CA THR C 101 38.47 17.91 -11.75
C THR C 101 37.93 19.14 -11.07
N SER C 102 38.34 19.31 -9.84
CA SER C 102 37.89 20.43 -9.10
C SER C 102 38.55 21.66 -9.70
N TRP C 103 39.74 21.55 -10.31
CA TRP C 103 40.48 22.67 -10.91
C TRP C 103 39.37 23.49 -11.60
N THR C 104 38.25 22.91 -11.94
CA THR C 104 37.34 23.84 -12.59
C THR C 104 35.99 24.12 -12.08
N ASP C 105 35.69 23.57 -10.95
CA ASP C 105 34.43 23.70 -10.37
C ASP C 105 34.71 24.86 -9.34
N VAL C 106 34.44 26.06 -9.79
CA VAL C 106 34.46 27.27 -9.05
C VAL C 106 33.42 28.29 -9.73
N LEU C 107 32.29 27.88 -10.36
CA LEU C 107 31.36 28.97 -10.87
C LEU C 107 30.59 29.75 -9.75
N PRO C 108 30.06 30.92 -10.06
CA PRO C 108 29.45 31.47 -8.83
C PRO C 108 28.48 30.48 -8.25
N GLU C 109 27.79 29.69 -9.08
CA GLU C 109 26.82 28.65 -8.60
C GLU C 109 26.81 27.27 -9.39
N PHE C 110 26.50 27.33 -10.68
CA PHE C 110 26.63 26.16 -11.52
C PHE C 110 28.01 25.39 -11.60
N GLY C 111 28.25 24.67 -12.73
CA GLY C 111 29.44 23.79 -12.85
C GLY C 111 29.52 22.56 -11.91
N GLY C 112 30.55 21.71 -12.07
CA GLY C 112 30.90 20.62 -11.17
C GLY C 112 29.92 19.49 -11.33
N ASP C 113 29.33 19.41 -12.56
CA ASP C 113 28.23 18.50 -12.90
C ASP C 113 28.41 17.77 -14.21
N THR C 114 29.63 17.37 -14.46
CA THR C 114 29.79 16.29 -15.40
C THR C 114 30.10 15.10 -14.58
N TYR C 115 29.95 15.18 -13.27
CA TYR C 115 30.07 14.04 -12.43
C TYR C 115 29.14 14.39 -11.33
N GLY C 116 29.00 13.52 -10.31
CA GLY C 116 28.04 13.71 -9.22
C GLY C 116 28.47 13.20 -7.81
N SER C 117 27.51 13.17 -6.82
CA SER C 117 27.76 12.58 -5.47
C SER C 117 27.54 11.08 -5.39
N ASP C 118 28.35 10.29 -4.71
CA ASP C 118 28.06 8.87 -4.61
C ASP C 118 27.96 8.33 -5.99
N ASN C 119 29.00 8.51 -6.77
CA ASN C 119 29.20 8.23 -8.16
C ASN C 119 30.70 7.61 -8.25
N PHE C 120 30.88 6.43 -7.66
CA PHE C 120 32.22 5.83 -7.51
C PHE C 120 33.08 6.78 -6.87
N MET C 121 34.21 7.14 -7.50
CA MET C 121 35.19 8.07 -6.83
C MET C 121 35.27 9.44 -7.46
N GLN C 122 34.38 9.75 -8.35
CA GLN C 122 34.47 10.95 -9.04
C GLN C 122 34.43 12.19 -8.07
N GLN C 123 33.53 12.14 -7.09
CA GLN C 123 33.25 13.28 -6.21
C GLN C 123 32.67 12.50 -5.05
N ARG C 124 33.01 12.85 -3.82
CA ARG C 124 32.10 12.55 -2.65
C ARG C 124 31.22 11.26 -2.62
N GLY C 125 31.45 10.45 -1.60
CA GLY C 125 30.75 9.23 -1.43
C GLY C 125 31.39 8.62 -0.21
N ASN C 126 30.78 7.52 0.30
CA ASN C 126 31.06 6.92 1.60
C ASN C 126 32.17 5.97 1.48
N GLY C 127 32.91 5.79 2.55
CA GLY C 127 34.02 4.74 2.61
C GLY C 127 35.40 4.81 1.96
N PHE C 128 35.99 5.97 2.14
CA PHE C 128 37.19 6.32 1.40
C PHE C 128 38.41 6.26 2.28
N ALA C 129 39.37 5.49 1.88
CA ALA C 129 40.61 5.62 2.63
C ALA C 129 41.59 6.35 1.82
N THR C 130 42.14 7.41 2.41
CA THR C 130 42.99 8.30 1.61
C THR C 130 44.34 8.66 2.14
N TYR C 131 45.26 8.68 1.20
CA TYR C 131 46.64 8.96 1.51
C TYR C 131 47.06 10.06 0.62
N ARG C 132 47.61 11.08 1.25
CA ARG C 132 48.04 12.20 0.43
C ARG C 132 49.32 12.70 0.93
N ASN C 133 50.08 13.02 -0.08
CA ASN C 133 51.44 13.48 0.04
C ASN C 133 51.68 14.82 -0.68
N THR C 134 52.41 15.66 0.02
CA THR C 134 52.52 17.05 -0.39
C THR C 134 53.62 17.60 -1.42
N ASP C 135 54.90 17.45 -1.14
CA ASP C 135 55.74 17.84 -2.26
C ASP C 135 56.67 16.69 -2.27
N PHE C 136 56.25 15.71 -3.08
CA PHE C 136 56.84 14.37 -3.08
C PHE C 136 57.91 14.22 -2.02
N PHE C 137 57.43 14.15 -0.78
CA PHE C 137 58.18 14.01 0.51
C PHE C 137 59.05 15.20 1.00
N GLY C 138 58.74 16.39 0.50
CA GLY C 138 59.46 17.53 1.00
C GLY C 138 60.60 17.73 0.02
N LEU C 139 60.67 16.74 -0.85
CA LEU C 139 61.80 16.63 -1.68
C LEU C 139 61.55 16.77 -3.27
N VAL C 140 60.67 17.66 -3.69
CA VAL C 140 60.41 18.11 -5.10
C VAL C 140 59.06 18.68 -4.85
N ASP C 141 58.78 19.76 -5.51
CA ASP C 141 58.08 20.76 -4.76
C ASP C 141 56.86 21.30 -5.51
N GLY C 142 55.66 21.11 -4.93
CA GLY C 142 54.44 21.39 -5.68
C GLY C 142 54.15 20.29 -6.72
N LEU C 143 54.71 19.11 -6.42
CA LEU C 143 54.39 17.80 -6.99
C LEU C 143 53.90 17.14 -5.79
N ASN C 144 52.63 16.74 -5.92
CA ASN C 144 52.05 15.73 -5.06
C ASN C 144 51.06 14.91 -5.76
N PHE C 145 50.66 13.94 -4.91
CA PHE C 145 49.92 12.74 -5.26
C PHE C 145 49.12 12.04 -4.08
N ALA C 146 48.17 11.20 -4.47
CA ALA C 146 47.14 10.80 -3.57
C ALA C 146 46.86 9.45 -4.14
N VAL C 147 46.57 8.51 -3.29
CA VAL C 147 46.14 7.31 -3.79
C VAL C 147 45.04 7.04 -2.76
N GLN C 148 43.99 6.30 -3.22
CA GLN C 148 42.85 6.02 -2.38
C GLN C 148 42.08 4.81 -2.78
N TYR C 149 41.40 4.19 -1.80
CA TYR C 149 40.77 2.89 -1.92
C TYR C 149 39.40 3.09 -1.34
N GLN C 150 38.36 2.75 -2.08
CA GLN C 150 36.99 2.68 -1.43
C GLN C 150 36.22 1.32 -1.29
N GLY C 151 35.87 1.02 -0.08
CA GLY C 151 35.12 -0.21 0.09
C GLY C 151 33.74 -0.15 -0.53
N LYS C 152 33.32 -1.32 -1.00
CA LYS C 152 32.02 -1.56 -1.61
C LYS C 152 30.90 -0.85 -0.83
N ASN C 153 29.97 -0.06 -1.43
CA ASN C 153 28.81 0.45 -0.58
C ASN C 153 27.61 -0.06 -1.39
N GLY C 154 27.00 -1.21 -0.92
CA GLY C 154 26.27 -2.17 -1.85
C GLY C 154 24.78 -1.91 -1.80
N ASN C 155 24.01 -2.95 -1.37
CA ASN C 155 22.51 -2.87 -1.47
C ASN C 155 22.07 -2.60 -0.17
N PRO C 156 20.83 -2.00 -0.10
CA PRO C 156 20.26 -1.98 1.19
C PRO C 156 19.95 -3.47 1.47
N SER C 157 19.45 -4.28 0.40
CA SER C 157 18.62 -5.75 0.05
C SER C 157 18.67 -7.25 0.67
N GLY C 158 18.80 -8.30 -0.23
CA GLY C 158 18.77 -9.76 0.16
C GLY C 158 19.80 -10.64 -0.61
N GLU C 159 20.76 -9.92 -1.14
CA GLU C 159 21.93 -10.47 -1.88
C GLU C 159 23.07 -9.37 -2.07
N GLY C 160 24.08 -9.35 -1.22
CA GLY C 160 25.07 -8.22 -1.25
C GLY C 160 24.72 -7.06 -0.23
N PHE C 161 23.75 -7.25 0.79
CA PHE C 161 23.37 -6.12 1.77
C PHE C 161 24.89 -5.40 1.94
N THR C 162 24.90 -4.21 2.50
CA THR C 162 26.04 -3.74 3.29
C THR C 162 25.34 -2.94 4.43
N SER C 163 25.83 -3.03 5.67
CA SER C 163 25.61 -2.00 6.66
C SER C 163 24.96 -0.86 6.01
N GLY C 164 25.76 -0.07 5.39
CA GLY C 164 25.41 1.33 5.19
C GLY C 164 25.51 1.28 3.78
N VAL C 165 24.30 1.30 3.21
CA VAL C 165 23.88 1.06 1.84
C VAL C 165 22.56 1.59 1.11
N THR C 166 22.42 1.21 -0.17
CA THR C 166 21.93 2.25 -0.93
C THR C 166 21.35 1.77 -2.22
N ASN C 167 20.54 2.55 -2.98
CA ASN C 167 20.06 2.19 -4.38
C ASN C 167 21.17 2.42 -5.25
N ASN C 168 21.09 2.73 -6.56
CA ASN C 168 22.46 2.75 -7.27
C ASN C 168 22.90 3.73 -8.30
N GLY C 169 22.02 4.57 -8.81
CA GLY C 169 22.56 5.83 -9.11
C GLY C 169 23.72 5.69 -7.96
N ARG C 170 23.56 4.98 -6.77
CA ARG C 170 24.65 5.03 -5.79
C ARG C 170 25.68 3.89 -5.27
N ASP C 171 25.78 2.60 -5.80
CA ASP C 171 26.97 1.71 -5.37
C ASP C 171 28.37 1.99 -6.10
N GLY C 181 41.48 4.13 -6.73
CA GLY C 181 41.94 5.36 -7.35
C GLY C 181 43.27 6.10 -7.03
N GLY C 182 43.77 6.91 -7.98
CA GLY C 182 44.90 7.89 -7.60
C GLY C 182 45.13 9.22 -8.39
N SER C 183 45.97 10.14 -7.91
CA SER C 183 46.26 11.30 -8.80
C SER C 183 47.61 11.82 -8.34
N ILE C 184 48.27 12.54 -9.28
CA ILE C 184 49.50 13.29 -9.10
C ILE C 184 49.24 14.72 -9.77
N THR C 185 49.93 15.82 -9.33
CA THR C 185 49.65 17.13 -9.96
C THR C 185 50.80 18.13 -9.76
N TYR C 186 51.06 18.92 -10.80
CA TYR C 186 52.22 19.61 -10.68
C TYR C 186 52.05 21.15 -10.72
N ASP C 187 53.02 21.81 -10.02
CA ASP C 187 53.06 23.28 -9.81
C ASP C 187 53.88 24.49 -10.31
N TYR C 188 55.18 24.48 -10.61
CA TYR C 188 55.87 25.81 -11.00
C TYR C 188 54.94 27.10 -11.11
N GLU C 189 54.69 27.79 -9.96
CA GLU C 189 53.85 29.08 -9.78
C GLU C 189 52.71 29.48 -10.82
N GLY C 190 51.47 29.22 -10.38
CA GLY C 190 50.38 29.21 -11.31
C GLY C 190 50.73 28.14 -12.35
N PHE C 191 49.75 27.53 -12.98
CA PHE C 191 50.06 26.47 -13.92
C PHE C 191 49.95 25.26 -13.11
N GLY C 192 48.96 24.42 -13.39
CA GLY C 192 48.89 23.15 -12.74
C GLY C 192 48.71 22.23 -13.87
N ILE C 193 49.33 21.06 -13.82
CA ILE C 193 48.83 19.97 -14.63
C ILE C 193 48.41 19.10 -13.51
N GLY C 194 47.51 18.19 -13.84
CA GLY C 194 47.20 17.16 -12.89
C GLY C 194 46.64 16.10 -13.76
N GLY C 195 46.95 14.84 -13.41
CA GLY C 195 46.31 13.64 -13.86
C GLY C 195 45.61 12.87 -12.70
N ALA C 196 44.48 12.24 -12.98
CA ALA C 196 43.91 11.38 -11.93
C ALA C 196 43.40 10.22 -12.69
N ILE C 197 43.57 9.04 -12.14
CA ILE C 197 43.09 7.79 -12.83
C ILE C 197 42.31 7.02 -11.74
N SER C 198 41.22 6.40 -12.09
CA SER C 198 40.48 5.72 -10.98
C SER C 198 39.67 4.50 -11.45
N SER C 199 39.52 3.43 -10.67
CA SER C 199 38.75 2.30 -11.30
C SER C 199 37.82 1.57 -10.36
N SER C 200 36.52 1.31 -10.52
CA SER C 200 35.82 0.63 -9.37
C SER C 200 34.98 -0.59 -9.72
N LYS C 201 35.09 -1.72 -9.00
CA LYS C 201 34.42 -2.88 -9.50
C LYS C 201 33.01 -2.38 -9.41
N ARG C 202 32.08 -2.65 -10.33
CA ARG C 202 30.67 -2.18 -10.10
C ARG C 202 29.74 -3.33 -9.59
N THR C 203 28.79 -3.09 -8.70
CA THR C 203 27.94 -4.17 -8.15
C THR C 203 26.97 -4.84 -9.11
N ASP C 204 26.60 -6.09 -8.81
CA ASP C 204 25.55 -6.80 -9.68
C ASP C 204 24.30 -5.97 -9.71
N ALA C 205 23.90 -5.36 -8.61
CA ALA C 205 22.77 -4.44 -8.68
C ALA C 205 22.97 -3.38 -9.74
N GLN C 206 24.16 -2.84 -9.95
CA GLN C 206 24.12 -1.76 -10.89
C GLN C 206 24.14 -2.28 -12.28
N ASN C 207 24.34 -3.58 -12.44
CA ASN C 207 24.42 -4.14 -13.77
C ASN C 207 23.27 -5.00 -14.20
N THR C 208 22.13 -4.47 -14.64
CA THR C 208 20.97 -5.37 -14.85
C THR C 208 20.00 -4.78 -15.81
N ALA C 209 20.40 -4.44 -17.00
CA ALA C 209 19.35 -4.15 -17.98
C ALA C 209 18.28 -3.27 -17.47
N ALA C 210 18.42 -2.72 -16.27
CA ALA C 210 17.71 -1.49 -15.95
C ALA C 210 18.59 -0.30 -16.48
N TYR C 211 17.89 0.76 -16.71
CA TYR C 211 18.29 1.48 -17.87
C TYR C 211 19.76 1.10 -18.59
N ILE C 212 21.02 1.33 -18.08
CA ILE C 212 22.23 1.47 -19.00
C ILE C 212 23.73 1.54 -18.58
N GLY C 213 24.68 0.87 -19.32
CA GLY C 213 26.01 0.33 -18.80
C GLY C 213 26.18 -1.26 -18.81
N ASN C 214 26.94 -1.81 -19.79
CA ASN C 214 27.46 -3.20 -19.64
C ASN C 214 28.44 -2.92 -18.54
N GLY C 215 27.95 -2.74 -17.33
CA GLY C 215 28.92 -2.20 -16.39
C GLY C 215 29.95 -3.08 -15.70
N ASP C 216 31.10 -3.39 -16.35
CA ASP C 216 32.13 -4.10 -15.58
C ASP C 216 32.90 -3.39 -14.46
N ARG C 217 33.94 -2.59 -14.72
CA ARG C 217 34.49 -1.69 -13.69
C ARG C 217 33.93 -0.32 -14.04
N ALA C 218 34.14 0.69 -13.25
CA ALA C 218 33.82 2.03 -13.77
C ALA C 218 35.14 2.84 -13.85
N GLU C 219 35.36 3.62 -14.87
CA GLU C 219 36.66 4.05 -15.06
C GLU C 219 36.68 5.41 -15.56
N THR C 220 37.56 6.25 -15.01
CA THR C 220 37.54 7.62 -15.39
C THR C 220 38.98 8.01 -15.49
N TYR C 221 39.36 8.82 -16.48
CA TYR C 221 40.80 9.09 -16.78
C TYR C 221 40.72 10.50 -17.04
N THR C 222 41.59 11.23 -16.34
CA THR C 222 41.46 12.63 -16.21
C THR C 222 42.74 13.48 -16.06
N GLY C 223 42.80 14.53 -16.90
CA GLY C 223 43.93 15.38 -16.92
C GLY C 223 43.35 16.75 -16.81
N GLY C 224 44.14 17.61 -16.14
CA GLY C 224 43.70 18.98 -16.04
C GLY C 224 44.80 19.96 -16.04
N LEU C 225 44.43 21.19 -16.44
CA LEU C 225 45.34 22.34 -16.65
C LEU C 225 44.82 23.47 -15.84
N LYS C 226 45.71 24.19 -15.16
CA LYS C 226 45.22 25.44 -14.64
C LYS C 226 46.29 26.38 -14.47
N TYR C 227 45.89 27.63 -14.32
CA TYR C 227 46.75 28.79 -14.44
C TYR C 227 46.17 29.73 -13.47
N ASP C 228 46.94 30.18 -12.48
CA ASP C 228 46.28 30.99 -11.43
C ASP C 228 47.15 31.88 -10.63
N ALA C 229 47.09 33.22 -10.81
CA ALA C 229 48.10 34.20 -10.24
C ALA C 229 47.89 35.52 -10.84
N ASN C 230 47.98 36.54 -10.01
CA ASN C 230 47.50 37.89 -10.42
C ASN C 230 46.10 37.80 -10.96
N ASN C 231 45.13 37.62 -10.10
CA ASN C 231 43.77 37.90 -10.51
C ASN C 231 43.18 37.09 -11.65
N ILE C 232 43.99 36.43 -12.43
CA ILE C 232 43.44 35.71 -13.50
C ILE C 232 43.17 34.35 -12.90
N TYR C 233 42.00 33.80 -13.19
CA TYR C 233 41.92 32.42 -12.99
C TYR C 233 41.49 31.74 -14.22
N LEU C 234 42.30 30.78 -14.65
CA LEU C 234 42.19 30.04 -15.89
C LEU C 234 42.29 28.49 -15.64
N ALA C 235 41.31 27.69 -16.18
CA ALA C 235 41.37 26.20 -16.00
C ALA C 235 40.50 25.21 -16.83
N ALA C 236 41.03 24.01 -16.92
CA ALA C 236 40.45 22.98 -17.84
C ALA C 236 40.74 21.61 -17.33
N GLN C 237 39.79 20.78 -17.63
CA GLN C 237 39.79 19.50 -17.06
C GLN C 237 39.04 18.71 -18.10
N TYR C 238 39.62 17.58 -18.43
CA TYR C 238 39.09 16.80 -19.54
C TYR C 238 39.30 15.36 -19.05
N THR C 239 38.19 14.66 -19.08
CA THR C 239 38.20 13.40 -18.53
C THR C 239 37.18 12.63 -19.15
N GLN C 240 37.60 11.40 -19.47
CA GLN C 240 36.66 10.40 -19.93
C GLN C 240 36.64 9.21 -19.15
N THR C 241 35.41 8.81 -19.05
CA THR C 241 34.99 7.83 -18.20
C THR C 241 34.40 6.60 -18.99
N TYR C 242 34.43 5.43 -18.36
CA TYR C 242 33.84 4.27 -18.89
C TYR C 242 32.98 3.63 -17.86
N ASN C 243 31.70 3.55 -18.21
CA ASN C 243 30.73 2.92 -17.32
C ASN C 243 30.55 3.65 -15.99
N ALA C 244 30.75 4.97 -15.93
CA ALA C 244 30.75 5.77 -14.64
C ALA C 244 30.09 7.19 -14.65
N THR C 245 29.63 7.71 -15.79
CA THR C 245 28.80 8.93 -15.76
C THR C 245 27.24 8.72 -15.79
N ARG C 246 26.61 8.86 -14.63
CA ARG C 246 25.15 8.78 -14.52
C ARG C 246 24.58 9.60 -15.66
N VAL C 247 23.58 9.05 -16.36
CA VAL C 247 22.92 9.65 -17.54
C VAL C 247 21.51 9.63 -17.06
N GLY C 248 21.20 10.71 -16.38
CA GLY C 248 19.89 10.83 -15.84
C GLY C 248 19.83 9.89 -14.67
N SER C 249 18.72 9.16 -14.64
CA SER C 249 18.44 8.16 -13.66
C SER C 249 18.42 6.94 -14.55
N LEU C 250 19.08 7.02 -15.68
CA LEU C 250 19.01 5.92 -16.58
C LEU C 250 20.11 4.87 -16.27
N GLY C 251 20.94 5.04 -15.26
CA GLY C 251 21.97 4.02 -15.16
C GLY C 251 23.12 4.69 -15.85
N TRP C 252 24.09 3.91 -16.21
CA TRP C 252 25.34 4.61 -16.57
C TRP C 252 25.63 4.85 -18.13
N ALA C 253 26.76 5.42 -18.48
CA ALA C 253 27.04 5.82 -19.87
C ALA C 253 28.20 5.00 -20.40
N ASN C 254 28.05 4.05 -21.28
CA ASN C 254 29.26 3.26 -21.60
C ASN C 254 30.70 3.94 -21.85
N LYS C 255 30.73 5.02 -22.60
CA LYS C 255 31.89 5.85 -22.76
C LYS C 255 31.27 7.28 -22.63
N ALA C 256 32.08 8.22 -22.16
CA ALA C 256 31.63 9.59 -22.22
C ALA C 256 32.86 10.47 -22.06
N GLN C 257 32.86 11.54 -22.83
CA GLN C 257 33.92 12.47 -22.70
C GLN C 257 33.31 13.69 -22.12
N ASN C 258 33.93 14.04 -21.00
CA ASN C 258 33.67 15.31 -20.36
C ASN C 258 34.80 16.37 -20.36
N PHE C 259 34.39 17.57 -20.82
CA PHE C 259 35.19 18.78 -20.93
C PHE C 259 34.70 20.03 -20.16
N GLU C 260 35.56 20.84 -19.62
CA GLU C 260 35.07 21.88 -18.73
C GLU C 260 36.15 22.94 -18.58
N ALA C 261 35.87 24.18 -19.03
CA ALA C 261 36.87 25.26 -18.93
C ALA C 261 36.18 26.48 -18.35
N VAL C 262 36.90 27.07 -17.40
CA VAL C 262 36.46 28.29 -16.75
C VAL C 262 37.43 29.39 -17.04
N ALA C 263 36.97 30.63 -17.24
CA ALA C 263 37.92 31.81 -17.09
C ALA C 263 37.41 32.92 -16.16
N GLN C 264 38.25 33.32 -15.25
CA GLN C 264 37.75 34.35 -14.34
C GLN C 264 38.79 35.39 -13.99
N TYR C 265 38.32 36.57 -13.64
CA TYR C 265 39.30 37.53 -13.23
C TYR C 265 38.78 38.08 -11.94
N GLN C 266 39.70 38.18 -10.98
CA GLN C 266 39.28 38.63 -9.65
C GLN C 266 39.65 40.07 -9.31
N PHE C 267 38.69 40.95 -9.35
CA PHE C 267 38.96 42.36 -9.15
C PHE C 267 39.19 42.77 -7.73
N ASP C 268 39.96 43.85 -7.63
CA ASP C 268 40.61 44.41 -6.46
C ASP C 268 39.48 44.75 -5.56
N PHE C 269 38.41 45.33 -6.12
CA PHE C 269 37.30 45.82 -5.28
C PHE C 269 36.34 44.79 -4.88
N GLY C 270 36.11 43.73 -5.65
CA GLY C 270 35.26 42.63 -5.14
C GLY C 270 34.62 41.76 -6.19
N LEU C 271 34.48 42.29 -7.39
CA LEU C 271 33.57 41.66 -8.31
C LEU C 271 34.47 40.77 -9.06
N ARG C 272 33.94 39.69 -9.55
CA ARG C 272 34.79 38.62 -10.00
C ARG C 272 33.87 37.94 -10.90
N PRO C 273 33.89 38.30 -12.21
CA PRO C 273 33.12 37.67 -13.32
C PRO C 273 33.74 36.28 -13.65
N SER C 274 32.83 35.37 -14.05
CA SER C 274 33.37 34.12 -14.64
C SER C 274 32.77 33.86 -16.00
N LEU C 275 33.48 33.14 -16.86
CA LEU C 275 32.90 32.71 -18.17
C LEU C 275 33.34 31.27 -18.25
N ALA C 276 32.45 30.37 -18.72
CA ALA C 276 32.76 28.93 -18.67
C ALA C 276 32.03 28.06 -19.60
N TYR C 277 32.66 26.99 -19.98
CA TYR C 277 32.00 26.09 -20.85
C TYR C 277 32.09 24.80 -20.21
N LEU C 278 31.09 23.96 -20.44
CA LEU C 278 31.19 22.56 -19.97
C LEU C 278 30.35 21.76 -20.90
N GLN C 279 30.84 20.56 -21.25
CA GLN C 279 29.96 19.56 -21.80
C GLN C 279 30.35 18.17 -21.55
N SER C 280 29.45 17.28 -21.96
CA SER C 280 29.60 15.92 -21.68
C SER C 280 29.03 15.04 -22.71
N LYS C 281 29.94 14.38 -23.43
CA LYS C 281 29.52 13.71 -24.65
C LYS C 281 29.35 12.21 -24.44
N GLY C 282 28.10 11.77 -24.54
CA GLY C 282 27.78 10.38 -24.24
C GLY C 282 28.27 9.64 -25.43
N LYS C 283 29.17 8.69 -25.28
CA LYS C 283 29.47 7.95 -26.49
C LYS C 283 28.77 6.65 -26.42
N ASN C 284 28.57 6.00 -27.56
CA ASN C 284 27.89 4.68 -27.68
C ASN C 284 26.94 4.26 -26.49
N LEU C 285 25.80 4.94 -26.34
CA LEU C 285 25.02 4.68 -25.12
C LEU C 285 24.34 3.39 -25.27
N GLY C 286 23.67 2.85 -24.27
CA GLY C 286 22.77 1.83 -24.82
C GLY C 286 21.46 2.26 -25.65
N ARG C 287 20.57 1.26 -25.68
CA ARG C 287 19.11 1.35 -25.64
C ARG C 287 18.51 2.40 -26.63
N GLY C 288 19.04 2.34 -27.86
CA GLY C 288 18.70 3.31 -28.92
C GLY C 288 19.74 4.39 -28.73
N TYR C 289 19.34 5.66 -28.60
CA TYR C 289 20.27 6.73 -28.07
C TYR C 289 21.59 7.01 -28.72
N ASP C 290 22.57 6.12 -28.63
CA ASP C 290 23.79 6.29 -29.47
C ASP C 290 24.93 7.23 -29.00
N ASP C 291 25.22 8.24 -29.81
CA ASP C 291 26.05 9.21 -29.27
C ASP C 291 25.01 10.24 -28.95
N GLU C 292 25.29 11.01 -27.88
CA GLU C 292 24.33 11.89 -27.20
C GLU C 292 24.82 12.70 -25.93
N ASP C 293 24.56 14.00 -25.93
CA ASP C 293 25.05 14.92 -24.98
C ASP C 293 24.30 14.85 -23.73
N ILE C 294 25.01 14.68 -22.61
CA ILE C 294 24.42 14.36 -21.31
C ILE C 294 24.27 15.70 -20.67
N LEU C 295 25.05 16.67 -21.17
CA LEU C 295 25.15 18.03 -20.58
C LEU C 295 26.01 18.82 -21.51
N LYS C 296 25.61 20.05 -21.74
CA LYS C 296 26.20 20.96 -22.69
C LYS C 296 25.71 22.40 -22.34
N TYR C 297 26.59 23.30 -21.95
CA TYR C 297 26.06 24.64 -21.64
C TYR C 297 27.10 25.69 -21.44
N VAL C 298 26.74 26.91 -21.81
CA VAL C 298 27.71 27.95 -21.51
C VAL C 298 27.31 28.55 -20.27
N ASP C 299 28.30 28.64 -19.42
CA ASP C 299 28.05 29.40 -18.19
C ASP C 299 28.57 30.90 -18.23
N VAL C 300 27.71 31.85 -17.83
CA VAL C 300 28.09 33.27 -17.74
C VAL C 300 27.51 33.70 -16.41
N GLY C 301 28.31 34.44 -15.64
CA GLY C 301 27.87 34.68 -14.30
C GLY C 301 28.88 35.44 -13.53
N ALA C 302 28.43 36.05 -12.40
CA ALA C 302 29.39 36.75 -11.51
C ALA C 302 28.96 36.79 -10.11
N THR C 303 29.91 36.92 -9.17
CA THR C 303 29.71 36.97 -7.67
C THR C 303 30.50 38.25 -7.26
N TYR C 304 30.12 38.85 -6.15
CA TYR C 304 30.75 40.13 -5.76
C TYR C 304 31.20 39.97 -4.30
N TYR C 305 32.47 40.17 -3.89
CA TYR C 305 32.76 39.94 -2.43
C TYR C 305 32.64 41.16 -1.52
N PHE C 306 31.56 41.30 -0.70
CA PHE C 306 31.52 42.52 0.19
C PHE C 306 32.79 42.45 1.04
N ASN C 307 33.05 41.26 1.58
CA ASN C 307 34.31 41.05 2.27
C ASN C 307 34.44 39.56 2.47
N LYS C 308 35.37 39.09 3.31
CA LYS C 308 35.56 37.63 3.27
C LYS C 308 34.67 36.99 4.22
N ASN C 309 33.39 37.12 4.02
CA ASN C 309 32.42 36.82 5.11
C ASN C 309 30.98 37.03 4.59
N MET C 310 30.79 37.72 3.42
CA MET C 310 29.47 38.08 2.83
C MET C 310 29.63 38.44 1.44
N SER C 311 28.64 38.22 0.62
CA SER C 311 28.76 38.52 -0.82
C SER C 311 27.47 38.07 -1.59
N THR C 312 27.29 38.60 -2.83
CA THR C 312 26.18 38.18 -3.75
C THR C 312 26.73 37.61 -5.01
N TYR C 313 25.84 36.88 -5.69
CA TYR C 313 26.19 36.32 -6.97
C TYR C 313 25.04 36.18 -7.81
N VAL C 314 25.41 36.16 -9.10
CA VAL C 314 24.58 35.97 -10.28
C VAL C 314 25.21 34.86 -11.11
N ASP C 315 24.27 34.00 -11.54
CA ASP C 315 24.64 32.92 -12.38
C ASP C 315 23.58 32.62 -13.37
N TYR C 316 24.11 32.24 -14.53
CA TYR C 316 23.26 32.09 -15.72
C TYR C 316 23.73 30.98 -16.66
N LYS C 317 23.07 29.85 -16.55
CA LYS C 317 23.41 28.68 -17.32
C LYS C 317 22.68 28.94 -18.60
N ILE C 318 23.41 29.13 -19.67
CA ILE C 318 22.79 29.23 -21.00
C ILE C 318 22.84 27.80 -21.52
N ASN C 319 21.68 27.21 -21.58
CA ASN C 319 21.78 25.80 -21.55
C ASN C 319 21.76 25.18 -22.93
N LEU C 320 22.87 24.77 -23.43
CA LEU C 320 22.87 24.44 -24.84
C LEU C 320 22.28 23.06 -25.28
N LEU C 321 21.49 22.34 -24.49
CA LEU C 321 20.91 21.04 -24.95
C LEU C 321 19.49 21.13 -25.60
N ASP C 322 19.20 20.25 -26.60
CA ASP C 322 17.78 20.04 -27.09
C ASP C 322 16.98 19.03 -26.28
N ASP C 323 15.66 19.26 -26.04
CA ASP C 323 14.70 18.18 -25.76
C ASP C 323 14.59 16.88 -26.71
N ASN C 324 14.55 15.64 -26.22
CA ASN C 324 14.34 14.45 -27.11
C ASN C 324 14.00 13.19 -26.33
N GLN C 325 13.61 12.09 -26.94
CA GLN C 325 12.99 11.09 -26.00
C GLN C 325 14.22 10.86 -25.11
N PHE C 326 15.39 11.26 -25.60
CA PHE C 326 16.58 11.12 -24.72
C PHE C 326 16.67 11.90 -23.42
N THR C 327 16.76 13.21 -23.53
CA THR C 327 17.07 13.97 -22.35
C THR C 327 15.88 13.65 -21.45
N ARG C 328 14.73 14.19 -21.83
CA ARG C 328 13.41 13.72 -21.36
C ARG C 328 13.51 12.32 -20.69
N ASP C 329 13.85 11.23 -21.40
CA ASP C 329 14.07 9.89 -20.73
C ASP C 329 14.86 9.98 -19.50
N ALA C 330 16.05 10.53 -19.61
CA ALA C 330 16.93 10.69 -18.49
C ALA C 330 16.45 11.67 -17.38
N GLY C 331 15.52 12.54 -17.73
CA GLY C 331 15.09 13.60 -16.87
C GLY C 331 16.31 14.50 -16.76
N ILE C 332 16.96 14.88 -17.84
CA ILE C 332 18.11 15.76 -17.74
C ILE C 332 17.57 17.16 -18.02
N ASN C 333 17.93 18.15 -17.22
CA ASN C 333 17.36 19.48 -17.51
C ASN C 333 18.12 20.00 -18.72
N THR C 334 17.38 20.75 -19.55
CA THR C 334 17.77 21.26 -20.85
C THR C 334 17.53 22.74 -20.78
N ASP C 335 16.63 23.28 -19.99
CA ASP C 335 16.41 24.73 -20.05
C ASP C 335 17.48 25.53 -19.38
N ASN C 336 17.53 26.85 -19.65
CA ASN C 336 18.46 27.81 -18.95
C ASN C 336 18.10 27.99 -17.53
N ILE C 337 18.91 28.63 -16.76
CA ILE C 337 18.44 28.87 -15.39
C ILE C 337 19.14 30.12 -15.03
N VAL C 338 18.51 30.90 -14.22
CA VAL C 338 19.35 31.87 -13.57
C VAL C 338 19.42 31.76 -12.02
N ALA C 339 20.60 31.90 -11.50
CA ALA C 339 20.53 32.00 -10.07
C ALA C 339 21.07 33.34 -9.57
N LEU C 340 20.38 33.85 -8.54
CA LEU C 340 20.60 35.07 -7.77
C LEU C 340 20.77 34.56 -6.35
N GLY C 341 21.82 35.00 -5.68
CA GLY C 341 22.06 34.54 -4.34
C GLY C 341 22.67 35.66 -3.56
N LEU C 342 22.41 35.67 -2.27
CA LEU C 342 23.06 36.52 -1.26
C LEU C 342 23.53 35.52 -0.20
N VAL C 343 24.76 35.58 0.20
CA VAL C 343 25.19 34.56 1.12
C VAL C 343 25.89 35.29 2.16
N TYR C 344 25.73 34.79 3.35
CA TYR C 344 26.55 35.15 4.50
C TYR C 344 27.17 33.83 5.03
N GLN C 345 28.52 33.91 5.28
CA GLN C 345 29.40 32.80 5.81
C GLN C 345 30.31 33.17 7.00
N PHE C 346 30.33 32.27 7.98
CA PHE C 346 31.13 32.43 9.13
C PHE C 346 32.18 31.33 9.20
N ALA D 1 -39.34 37.46 13.59
CA ALA D 1 -39.65 37.16 12.11
C ALA D 1 -38.65 37.71 10.97
N SER D 2 -39.18 38.74 10.26
CA SER D 2 -38.65 39.34 8.95
C SER D 2 -37.11 39.21 8.47
N LYS D 3 -36.58 37.98 8.34
CA LYS D 3 -35.28 37.78 7.61
C LYS D 3 -35.36 36.52 6.59
N LYS D 4 -35.99 36.77 5.40
CA LYS D 4 -36.27 35.86 4.15
C LYS D 4 -36.62 34.23 4.22
N SER D 5 -37.95 33.93 4.30
CA SER D 5 -38.63 32.56 4.48
C SER D 5 -40.06 32.67 5.15
N VAL D 6 -40.36 31.82 6.16
CA VAL D 6 -41.74 31.79 6.82
C VAL D 6 -41.90 31.29 8.30
N ARG D 7 -42.86 31.95 8.97
CA ARG D 7 -43.36 31.64 10.34
C ARG D 7 -43.77 30.16 10.62
N TRP D 8 -43.89 29.85 11.94
CA TRP D 8 -45.05 29.03 12.45
C TRP D 8 -45.95 29.75 13.55
N CYS D 9 -46.87 30.65 13.11
CA CYS D 9 -47.68 31.66 13.95
C CYS D 9 -48.38 31.36 15.36
N THR D 10 -47.73 30.56 16.25
CA THR D 10 -48.33 29.80 17.51
C THR D 10 -49.38 30.46 18.51
N THR D 11 -49.44 29.85 19.74
CA THR D 11 -50.32 30.13 20.97
C THR D 11 -49.62 30.05 22.47
N SER D 12 -50.32 30.60 23.50
CA SER D 12 -49.90 30.48 24.96
C SER D 12 -49.88 29.03 25.58
N PRO D 13 -50.84 28.60 26.53
CA PRO D 13 -50.68 27.30 27.35
C PRO D 13 -49.75 26.07 26.83
N ALA D 14 -49.38 25.03 27.66
CA ALA D 14 -48.22 23.96 27.38
C ALA D 14 -47.90 23.47 25.93
N GLU D 15 -48.89 23.64 25.03
CA GLU D 15 -48.87 23.36 23.55
C GLU D 15 -47.48 23.41 22.81
N SER D 16 -46.64 24.36 23.24
CA SER D 16 -45.27 24.47 22.76
C SER D 16 -44.27 24.40 23.95
N LYS D 17 -44.25 23.23 24.64
CA LYS D 17 -43.12 22.80 25.52
C LYS D 17 -42.49 21.61 24.76
N LYS D 18 -42.09 21.96 23.51
CA LYS D 18 -42.21 21.14 22.28
C LYS D 18 -41.87 21.96 20.98
N CYS D 19 -42.51 23.15 20.67
CA CYS D 19 -42.21 24.03 19.39
C CYS D 19 -40.65 24.21 19.02
N ALA D 20 -39.85 23.20 19.41
CA ALA D 20 -38.36 23.21 19.26
C ALA D 20 -37.85 22.98 17.79
N GLN D 21 -37.35 21.73 17.55
CA GLN D 21 -37.02 21.12 16.22
C GLN D 21 -37.79 21.62 14.89
N TRP D 22 -39.04 22.11 15.05
CA TRP D 22 -39.63 23.01 14.02
C TRP D 22 -39.12 24.54 14.13
N GLN D 23 -37.74 24.55 14.16
CA GLN D 23 -36.69 25.67 14.09
C GLN D 23 -35.19 25.09 13.93
N ARG D 24 -34.70 24.28 14.92
CA ARG D 24 -33.44 23.36 14.88
C ARG D 24 -33.80 21.79 14.53
N ARG D 25 -33.02 21.08 13.67
CA ARG D 25 -33.47 19.76 13.03
C ARG D 25 -34.38 20.14 11.88
N MET D 26 -35.19 21.19 12.09
CA MET D 26 -35.68 22.02 10.99
C MET D 26 -34.40 22.54 10.18
N LYS D 27 -33.58 23.33 10.90
CA LYS D 27 -32.16 23.59 10.56
C LYS D 27 -31.35 22.31 11.09
N LYS D 28 -30.31 21.90 10.35
CA LYS D 28 -29.52 20.70 10.71
C LYS D 28 -29.17 19.78 9.45
N VAL D 29 -28.72 20.26 8.28
CA VAL D 29 -28.59 21.65 7.70
C VAL D 29 -30.01 22.38 7.56
N ARG D 30 -30.13 23.38 6.69
CA ARG D 30 -31.25 24.41 6.74
C ARG D 30 -32.78 23.99 6.76
N GLY D 31 -33.19 23.01 5.88
CA GLY D 31 -34.62 22.56 5.59
C GLY D 31 -35.56 23.72 5.16
N PRO D 32 -36.86 23.41 4.67
CA PRO D 32 -37.94 24.57 4.46
C PRO D 32 -38.16 25.53 5.74
N SER D 33 -37.28 26.56 5.84
CA SER D 33 -36.94 27.35 7.08
C SER D 33 -38.12 27.90 7.94
N VAL D 34 -38.23 27.34 9.14
CA VAL D 34 -39.33 27.68 10.06
C VAL D 34 -38.78 28.56 11.18
N THR D 35 -39.50 29.65 11.38
CA THR D 35 -39.26 30.50 12.52
C THR D 35 -40.13 29.78 13.63
N CYS D 36 -41.29 30.40 13.91
CA CYS D 36 -42.47 29.99 14.77
C CYS D 36 -43.20 31.39 14.84
N VAL D 37 -42.82 32.22 15.81
CA VAL D 37 -43.47 33.52 16.04
C VAL D 37 -44.71 33.06 16.85
N LYS D 38 -44.46 32.37 18.00
CA LYS D 38 -45.51 31.92 18.96
C LYS D 38 -46.75 32.89 19.12
N LYS D 39 -47.37 33.02 20.32
CA LYS D 39 -48.43 34.10 20.60
C LYS D 39 -49.96 33.69 21.00
N THR D 40 -50.25 33.67 22.31
CA THR D 40 -51.60 33.40 22.94
C THR D 40 -52.74 32.58 22.17
N SER D 41 -52.76 32.62 20.81
CA SER D 41 -53.85 32.03 19.91
C SER D 41 -53.53 32.07 18.37
N ARG D 42 -54.48 31.55 17.58
CA ARG D 42 -54.26 31.51 16.15
C ARG D 42 -54.60 32.88 15.46
N PHE D 43 -55.69 33.64 15.85
CA PHE D 43 -56.18 34.96 15.10
C PHE D 43 -55.04 36.04 14.72
N GLU D 44 -53.76 35.55 14.59
CA GLU D 44 -52.47 36.31 14.34
C GLU D 44 -52.18 36.95 12.92
N CYS D 45 -51.10 36.49 12.27
CA CYS D 45 -50.50 37.16 11.09
C CYS D 45 -51.31 37.04 9.79
N ALA E 1 -29.51 -32.22 -14.72
CA ALA E 1 -30.70 -32.67 -15.50
C ALA E 1 -30.13 -33.20 -16.77
N GLU E 2 -30.49 -34.48 -17.08
CA GLU E 2 -30.17 -35.10 -18.42
C GLU E 2 -30.87 -34.37 -19.60
N VAL E 3 -30.35 -33.16 -19.91
CA VAL E 3 -30.76 -32.39 -21.10
C VAL E 3 -30.48 -33.22 -22.46
N TYR E 4 -29.84 -32.65 -23.51
CA TYR E 4 -29.36 -33.44 -24.65
C TYR E 4 -28.93 -34.90 -24.31
N ASN E 5 -29.28 -35.81 -25.23
CA ASN E 5 -28.85 -37.20 -25.21
C ASN E 5 -29.23 -37.87 -26.59
N LYS E 6 -28.38 -37.70 -27.60
CA LYS E 6 -28.70 -38.11 -28.92
C LYS E 6 -27.50 -38.83 -29.53
N ASP E 7 -27.76 -39.96 -30.23
CA ASP E 7 -26.69 -40.84 -30.82
C ASP E 7 -25.34 -40.92 -30.04
N GLY E 8 -25.20 -41.95 -29.18
CA GLY E 8 -23.94 -42.14 -28.44
C GLY E 8 -23.79 -41.17 -27.29
N ASN E 9 -23.36 -39.97 -27.72
CA ASN E 9 -23.27 -38.73 -26.87
C ASN E 9 -24.43 -38.15 -25.92
N LYS E 10 -24.13 -37.95 -24.65
CA LYS E 10 -25.17 -37.45 -23.74
C LYS E 10 -24.80 -36.48 -22.54
N LEU E 11 -25.53 -35.38 -22.42
CA LEU E 11 -25.17 -34.29 -21.55
C LEU E 11 -25.89 -34.27 -20.29
N ASP E 12 -25.30 -33.76 -19.24
CA ASP E 12 -26.20 -33.53 -18.16
C ASP E 12 -25.89 -32.22 -17.51
N LEU E 13 -26.64 -31.16 -17.87
CA LEU E 13 -26.37 -29.87 -17.33
C LEU E 13 -26.96 -29.96 -15.94
N TYR E 14 -26.25 -29.49 -14.92
CA TYR E 14 -26.82 -29.71 -13.54
C TYR E 14 -26.45 -28.66 -12.43
N GLY E 15 -27.19 -28.57 -11.34
CA GLY E 15 -26.90 -27.48 -10.48
C GLY E 15 -27.84 -27.40 -9.34
N LYS E 16 -27.73 -26.37 -8.50
CA LYS E 16 -28.57 -26.26 -7.35
C LYS E 16 -28.33 -24.89 -6.71
N VAL E 17 -29.38 -24.43 -6.01
CA VAL E 17 -29.22 -23.26 -5.15
C VAL E 17 -29.48 -23.62 -3.73
N ASP E 18 -28.73 -22.98 -2.87
CA ASP E 18 -28.69 -23.46 -1.58
C ASP E 18 -28.78 -22.23 -0.62
N GLY E 19 -29.95 -22.11 0.09
CA GLY E 19 -30.42 -20.94 0.76
C GLY E 19 -29.94 -21.40 2.05
N LEU E 20 -28.81 -20.85 2.45
CA LEU E 20 -28.05 -21.43 3.53
C LEU E 20 -27.79 -20.30 4.43
N HIS E 21 -27.92 -20.56 5.75
CA HIS E 21 -27.64 -19.60 6.82
C HIS E 21 -26.97 -20.33 7.99
N TYR E 22 -26.01 -19.64 8.59
CA TYR E 22 -25.25 -20.13 9.71
C TYR E 22 -25.45 -19.26 10.92
N PHE E 23 -25.79 -19.80 12.09
CA PHE E 23 -25.72 -19.01 13.33
C PHE E 23 -24.58 -19.56 14.13
N SER E 24 -23.80 -18.58 14.64
CA SER E 24 -22.54 -18.95 15.31
C SER E 24 -22.04 -17.82 16.02
N ASP E 25 -21.48 -18.01 17.17
CA ASP E 25 -20.75 -16.92 17.86
C ASP E 25 -19.68 -16.25 17.09
N ASN E 26 -19.12 -17.02 16.18
CA ASN E 26 -17.95 -16.69 15.41
C ASN E 26 -18.37 -15.76 14.27
N LYS E 27 -18.33 -14.44 14.48
CA LYS E 27 -19.01 -13.53 13.49
C LYS E 27 -18.25 -13.41 12.19
N ASP E 28 -17.62 -14.52 11.81
CA ASP E 28 -16.64 -14.59 10.76
C ASP E 28 -17.00 -15.85 9.91
N VAL E 29 -17.81 -16.70 10.56
CA VAL E 29 -18.61 -17.68 9.85
C VAL E 29 -20.13 -17.19 9.93
N ASP E 30 -20.42 -16.26 10.81
CA ASP E 30 -21.83 -15.91 11.00
C ASP E 30 -22.64 -15.51 9.76
N GLY E 31 -23.92 -15.83 9.84
CA GLY E 31 -24.95 -15.25 8.99
C GLY E 31 -25.30 -15.91 7.71
N ASP E 32 -25.33 -15.11 6.66
CA ASP E 32 -25.80 -15.61 5.44
C ASP E 32 -24.82 -16.37 4.56
N GLN E 33 -25.07 -17.64 4.29
CA GLN E 33 -24.18 -18.40 3.42
C GLN E 33 -24.68 -18.84 2.13
N THR E 34 -25.78 -18.31 1.64
CA THR E 34 -26.31 -18.77 0.29
C THR E 34 -25.22 -19.06 -0.79
N TYR E 35 -25.36 -20.12 -1.54
CA TYR E 35 -24.50 -20.18 -2.67
C TYR E 35 -25.14 -21.03 -3.69
N MET E 36 -24.49 -21.19 -4.81
CA MET E 36 -24.98 -22.09 -5.83
C MET E 36 -23.86 -22.84 -6.56
N ARG E 37 -24.16 -23.96 -7.22
CA ARG E 37 -23.22 -24.39 -8.30
C ARG E 37 -24.00 -24.95 -9.49
N LEU E 38 -23.40 -24.85 -10.66
CA LEU E 38 -23.74 -25.63 -11.74
C LEU E 38 -22.58 -26.44 -12.34
N GLY E 39 -22.90 -27.37 -13.20
CA GLY E 39 -21.85 -28.15 -13.77
C GLY E 39 -22.38 -29.08 -14.83
N PHE E 40 -21.55 -29.70 -15.64
CA PHE E 40 -22.07 -30.57 -16.62
C PHE E 40 -21.31 -31.86 -16.53
N LYS E 41 -21.98 -32.97 -16.79
CA LYS E 41 -21.26 -34.20 -16.89
C LYS E 41 -21.43 -34.38 -18.39
N GLY E 42 -20.61 -35.16 -19.08
CA GLY E 42 -20.82 -35.56 -20.55
C GLY E 42 -20.25 -36.96 -20.90
N GLU E 43 -20.93 -37.73 -21.72
CA GLU E 43 -20.22 -38.98 -22.24
C GLU E 43 -20.56 -39.11 -23.68
N THR E 44 -19.57 -39.45 -24.47
CA THR E 44 -19.83 -39.74 -25.86
C THR E 44 -19.36 -41.14 -25.81
N GLN E 45 -20.11 -41.98 -26.48
CA GLN E 45 -19.71 -43.38 -26.44
C GLN E 45 -19.25 -43.71 -27.82
N VAL E 46 -17.95 -44.01 -27.95
CA VAL E 46 -17.07 -44.06 -29.17
C VAL E 46 -17.07 -45.47 -29.80
N THR E 47 -17.64 -46.43 -29.13
CA THR E 47 -17.30 -47.78 -29.49
C THR E 47 -17.97 -48.55 -28.40
N ASP E 48 -17.61 -49.76 -28.11
CA ASP E 48 -18.42 -50.46 -27.15
C ASP E 48 -17.52 -50.70 -25.99
N GLN E 49 -16.25 -50.93 -26.27
CA GLN E 49 -15.20 -50.80 -25.19
C GLN E 49 -15.12 -49.35 -24.60
N LEU E 50 -14.97 -48.41 -25.57
CA LEU E 50 -14.42 -47.10 -25.34
C LEU E 50 -15.47 -46.09 -25.37
N THR E 51 -15.46 -45.30 -24.28
CA THR E 51 -16.38 -44.20 -24.12
C THR E 51 -15.63 -43.00 -23.52
N GLY E 52 -15.94 -41.81 -24.05
CA GLY E 52 -15.35 -40.53 -23.56
C GLY E 52 -16.12 -39.73 -22.49
N TYR E 53 -15.42 -38.88 -21.79
CA TYR E 53 -16.20 -38.15 -20.88
C TYR E 53 -15.54 -36.91 -20.43
N GLY E 54 -16.44 -36.10 -19.81
CA GLY E 54 -16.18 -34.79 -19.19
C GLY E 54 -16.99 -34.20 -18.04
N GLN E 55 -16.33 -33.56 -17.13
CA GLN E 55 -17.11 -33.04 -16.08
C GLN E 55 -16.58 -31.70 -15.64
N TRP E 56 -17.47 -30.85 -15.15
CA TRP E 56 -17.10 -29.51 -14.85
C TRP E 56 -18.13 -29.08 -13.80
N GLU E 57 -17.66 -28.53 -12.68
CA GLU E 57 -18.58 -28.20 -11.61
C GLU E 57 -17.94 -27.02 -11.03
N TYR E 58 -18.77 -26.07 -10.55
CA TYR E 58 -18.35 -24.64 -10.42
C TYR E 58 -19.30 -23.92 -9.53
N GLN E 59 -18.73 -23.44 -8.43
CA GLN E 59 -19.61 -22.87 -7.44
C GLN E 59 -19.53 -21.33 -7.51
N ILE E 60 -20.55 -20.61 -7.03
CA ILE E 60 -20.55 -19.19 -7.19
C ILE E 60 -21.25 -18.74 -6.01
N GLN E 61 -20.61 -17.92 -5.14
CA GLN E 61 -21.28 -17.60 -3.84
C GLN E 61 -22.54 -16.82 -4.17
N GLY E 62 -23.54 -16.91 -3.32
CA GLY E 62 -24.72 -16.10 -3.64
C GLY E 62 -25.00 -15.28 -2.43
N ASN E 63 -24.00 -15.17 -1.60
CA ASN E 63 -24.20 -14.44 -0.41
C ASN E 63 -23.41 -13.09 -0.31
N SER E 64 -23.09 -12.45 -1.44
CA SER E 64 -22.57 -11.06 -1.36
C SER E 64 -23.10 -10.02 -2.38
N ALA E 65 -22.87 -8.73 -2.18
CA ALA E 65 -23.36 -7.69 -3.05
C ALA E 65 -22.68 -7.80 -4.39
N GLU E 66 -23.50 -7.52 -5.46
CA GLU E 66 -23.13 -7.31 -6.87
C GLU E 66 -21.89 -6.45 -7.00
N ASN E 67 -21.48 -5.91 -5.88
CA ASN E 67 -20.17 -5.42 -5.79
C ASN E 67 -19.06 -6.43 -6.19
N GLU E 68 -19.26 -7.78 -6.06
CA GLU E 68 -18.17 -8.59 -5.47
C GLU E 68 -17.93 -9.96 -6.01
N ASN E 69 -18.47 -10.33 -7.16
CA ASN E 69 -17.55 -11.29 -7.94
C ASN E 69 -17.48 -12.82 -7.83
N ASN E 70 -17.30 -13.16 -6.54
CA ASN E 70 -16.41 -14.18 -6.09
C ASN E 70 -16.31 -15.75 -6.57
N SER E 71 -17.13 -16.76 -6.16
CA SER E 71 -17.08 -17.97 -7.13
C SER E 71 -15.80 -18.55 -7.90
N TRP E 72 -15.28 -19.71 -7.53
CA TRP E 72 -14.21 -20.46 -8.19
C TRP E 72 -14.58 -21.83 -8.87
N THR E 73 -13.60 -22.55 -9.52
CA THR E 73 -13.87 -23.86 -10.28
C THR E 73 -13.67 -25.12 -9.37
N ARG E 74 -14.69 -25.97 -9.35
CA ARG E 74 -14.59 -27.11 -8.55
C ARG E 74 -13.86 -28.33 -9.13
N VAL E 75 -14.02 -28.49 -10.43
CA VAL E 75 -13.60 -29.71 -11.00
C VAL E 75 -13.66 -29.49 -12.49
N ALA E 76 -12.71 -30.13 -13.20
CA ALA E 76 -12.65 -29.98 -14.65
C ALA E 76 -11.65 -30.88 -15.23
N PHE E 77 -12.21 -31.84 -15.92
CA PHE E 77 -11.41 -32.84 -16.54
C PHE E 77 -12.17 -33.57 -17.64
N ALA E 78 -11.37 -34.21 -18.52
CA ALA E 78 -11.84 -34.99 -19.61
C ALA E 78 -11.13 -36.26 -19.36
N GLY E 79 -11.81 -37.37 -19.67
CA GLY E 79 -11.15 -38.73 -19.70
C GLY E 79 -11.76 -39.78 -20.63
N LEU E 80 -11.25 -41.00 -20.55
CA LEU E 80 -11.56 -42.08 -21.43
C LEU E 80 -11.81 -43.27 -20.55
N LYS E 81 -12.92 -44.01 -20.76
CA LYS E 81 -13.32 -45.28 -19.97
C LYS E 81 -13.00 -46.25 -21.05
N PHE E 82 -12.27 -47.27 -20.69
CA PHE E 82 -11.66 -48.14 -21.67
C PHE E 82 -12.38 -49.45 -21.75
N GLN E 83 -12.95 -50.02 -20.67
CA GLN E 83 -13.89 -51.22 -20.68
C GLN E 83 -13.57 -52.36 -19.73
N ASP E 84 -12.47 -53.09 -19.97
CA ASP E 84 -11.95 -54.05 -18.96
C ASP E 84 -10.92 -53.13 -18.29
N VAL E 85 -9.91 -52.77 -19.09
CA VAL E 85 -8.84 -51.93 -18.69
C VAL E 85 -9.12 -50.96 -17.55
N GLY E 86 -9.97 -49.93 -17.79
CA GLY E 86 -10.28 -48.88 -16.73
C GLY E 86 -10.50 -47.45 -17.24
N SER E 87 -10.42 -46.45 -16.37
CA SER E 87 -10.63 -45.04 -16.85
C SER E 87 -9.31 -44.28 -16.69
N PHE E 88 -9.08 -43.21 -17.52
CA PHE E 88 -7.99 -42.20 -17.30
C PHE E 88 -8.50 -40.78 -17.53
N ASP E 89 -8.04 -39.86 -16.68
CA ASP E 89 -8.43 -38.50 -16.86
C ASP E 89 -7.45 -37.59 -16.23
N TYR E 90 -6.99 -36.73 -17.10
CA TYR E 90 -6.23 -35.63 -16.68
C TYR E 90 -7.18 -34.53 -16.23
N GLY E 91 -6.78 -33.67 -15.28
CA GLY E 91 -7.57 -32.51 -14.92
C GLY E 91 -7.63 -31.98 -13.51
N ARG E 92 -8.45 -30.94 -13.29
CA ARG E 92 -8.71 -30.48 -11.89
C ARG E 92 -9.62 -31.55 -11.32
N ASN E 93 -9.13 -32.40 -10.41
CA ASN E 93 -9.95 -33.50 -9.96
C ASN E 93 -9.82 -33.63 -8.46
N TYR E 94 -10.48 -34.68 -7.82
CA TYR E 94 -10.39 -35.06 -6.34
C TYR E 94 -9.16 -35.90 -6.14
N GLY E 95 -8.43 -35.71 -5.07
CA GLY E 95 -7.23 -36.55 -4.93
C GLY E 95 -7.68 -37.95 -4.67
N VAL E 96 -6.84 -38.98 -4.88
CA VAL E 96 -7.32 -40.38 -4.58
C VAL E 96 -7.54 -40.62 -3.11
N VAL E 97 -6.61 -40.08 -2.29
CA VAL E 97 -6.86 -40.24 -0.92
C VAL E 97 -8.39 -40.08 -0.62
N TYR E 98 -9.17 -39.51 -1.58
CA TYR E 98 -10.51 -39.11 -1.25
C TYR E 98 -11.53 -40.23 -1.51
N ASP E 99 -11.07 -41.27 -2.23
CA ASP E 99 -11.82 -42.53 -2.46
C ASP E 99 -12.11 -43.13 -1.16
N VAL E 100 -11.22 -43.00 -0.15
CA VAL E 100 -11.56 -43.62 1.12
C VAL E 100 -12.04 -42.56 2.08
N THR E 101 -11.52 -41.36 2.04
CA THR E 101 -11.93 -40.51 3.15
C THR E 101 -13.32 -39.95 2.90
N SER E 102 -13.75 -40.10 1.68
CA SER E 102 -15.14 -39.72 1.40
C SER E 102 -16.18 -40.65 2.13
N TRP E 103 -15.81 -41.89 2.44
CA TRP E 103 -16.63 -42.82 3.14
C TRP E 103 -17.35 -41.93 4.18
N THR E 104 -16.73 -40.89 4.68
CA THR E 104 -17.52 -40.20 5.70
C THR E 104 -17.82 -38.75 5.62
N ASP E 105 -17.55 -38.18 4.50
CA ASP E 105 -17.97 -36.83 4.31
C ASP E 105 -19.37 -36.81 3.67
N VAL E 106 -20.34 -36.77 4.56
CA VAL E 106 -21.79 -36.89 4.17
C VAL E 106 -22.71 -36.26 5.24
N LEU E 107 -22.23 -35.25 5.98
CA LEU E 107 -23.16 -34.59 6.95
C LEU E 107 -24.18 -33.68 6.30
N PRO E 108 -25.27 -33.42 6.95
CA PRO E 108 -26.11 -32.43 6.25
C PRO E 108 -25.34 -31.22 5.71
N GLU E 109 -24.34 -30.73 6.44
CA GLU E 109 -23.55 -29.59 5.92
C GLU E 109 -22.02 -29.58 6.33
N PHE E 110 -21.79 -29.89 7.58
CA PHE E 110 -20.45 -29.98 8.11
C PHE E 110 -19.56 -31.17 7.70
N GLY E 111 -18.58 -31.58 8.52
CA GLY E 111 -17.60 -32.58 8.00
C GLY E 111 -16.63 -32.30 6.80
N GLY E 112 -15.81 -33.29 6.46
CA GLY E 112 -14.96 -33.28 5.31
C GLY E 112 -13.90 -32.23 5.44
N ASP E 113 -13.53 -32.00 6.72
CA ASP E 113 -12.57 -30.97 7.09
C ASP E 113 -11.53 -31.47 8.05
N THR E 114 -11.11 -32.71 7.86
CA THR E 114 -9.80 -32.95 8.47
C THR E 114 -8.77 -32.91 7.37
N TYR E 115 -9.17 -32.39 6.21
CA TYR E 115 -8.32 -32.17 5.08
C TYR E 115 -8.99 -31.06 4.39
N GLY E 116 -8.51 -30.63 3.21
CA GLY E 116 -9.06 -29.36 2.53
C GLY E 116 -8.88 -29.32 1.04
N SER E 117 -9.10 -28.21 0.35
CA SER E 117 -8.84 -28.10 -1.10
C SER E 117 -7.41 -27.63 -1.49
N ASP E 118 -6.79 -28.18 -2.57
CA ASP E 118 -5.44 -27.79 -2.97
C ASP E 118 -4.65 -28.01 -1.75
N ASN E 119 -4.68 -29.24 -1.28
CA ASN E 119 -4.11 -29.82 -0.10
C ASN E 119 -3.38 -31.16 -0.55
N PHE E 120 -2.37 -31.07 -1.44
CA PHE E 120 -1.73 -32.23 -2.05
C PHE E 120 -2.79 -32.97 -2.64
N MET E 121 -2.95 -34.22 -2.24
CA MET E 121 -3.92 -35.13 -2.94
C MET E 121 -5.01 -35.55 -2.00
N GLN E 122 -5.00 -34.93 -0.85
CA GLN E 122 -5.98 -35.21 0.04
C GLN E 122 -7.42 -35.13 -0.66
N GLN E 123 -7.75 -33.95 -1.21
CA GLN E 123 -9.09 -33.57 -1.69
C GLN E 123 -8.69 -32.62 -2.81
N ARG E 124 -9.39 -32.66 -3.96
CA ARG E 124 -9.44 -31.56 -4.96
C ARG E 124 -8.25 -30.58 -5.11
N GLY E 125 -7.82 -30.37 -6.32
CA GLY E 125 -6.70 -29.58 -6.55
C GLY E 125 -6.42 -29.78 -8.01
N ASN E 126 -5.33 -29.13 -8.54
CA ASN E 126 -5.01 -29.03 -9.95
C ASN E 126 -4.02 -30.08 -10.36
N GLY E 127 -4.15 -30.62 -11.56
CA GLY E 127 -3.01 -31.36 -12.16
C GLY E 127 -2.96 -32.88 -11.99
N PHE E 128 -4.14 -33.52 -12.17
CA PHE E 128 -4.27 -34.87 -11.59
C PHE E 128 -4.35 -35.83 -12.64
N ALA E 129 -3.47 -36.79 -12.69
CA ALA E 129 -3.75 -37.78 -13.71
C ALA E 129 -4.19 -39.07 -13.06
N THR E 130 -5.37 -39.54 -13.46
CA THR E 130 -5.91 -40.61 -12.67
C THR E 130 -6.33 -41.85 -13.42
N TYR E 131 -5.96 -42.95 -12.83
CA TYR E 131 -6.37 -44.17 -13.48
C TYR E 131 -7.26 -44.95 -12.50
N ARG E 132 -8.44 -45.30 -12.95
CA ARG E 132 -9.23 -46.11 -12.07
C ARG E 132 -9.78 -47.31 -12.72
N ASN E 133 -9.76 -48.36 -11.91
CA ASN E 133 -10.21 -49.67 -12.30
C ASN E 133 -11.29 -50.29 -11.38
N THR E 134 -12.32 -50.78 -12.01
CA THR E 134 -13.48 -51.18 -11.30
C THR E 134 -13.73 -52.55 -10.49
N ASP E 135 -13.54 -53.70 -11.12
CA ASP E 135 -13.64 -54.88 -10.27
C ASP E 135 -12.43 -55.65 -10.76
N PHE E 136 -11.32 -55.32 -10.10
CA PHE E 136 -10.00 -55.73 -10.55
C PHE E 136 -10.12 -56.43 -11.93
N PHE E 137 -10.47 -55.60 -12.93
CA PHE E 137 -10.64 -55.94 -14.35
C PHE E 137 -11.77 -56.94 -14.72
N GLY E 138 -12.87 -56.91 -13.95
CA GLY E 138 -14.05 -57.69 -14.29
C GLY E 138 -13.98 -59.04 -13.61
N LEU E 139 -12.80 -59.38 -13.24
CA LEU E 139 -12.53 -60.66 -12.73
C LEU E 139 -12.25 -60.68 -11.14
N VAL E 140 -13.15 -60.13 -10.30
CA VAL E 140 -13.11 -60.14 -8.79
C VAL E 140 -13.79 -58.84 -8.49
N ASP E 141 -14.71 -58.95 -7.60
CA ASP E 141 -15.79 -58.09 -7.75
C ASP E 141 -16.12 -57.11 -6.58
N GLY E 142 -15.98 -55.80 -6.88
CA GLY E 142 -16.18 -54.76 -5.88
C GLY E 142 -14.88 -54.61 -5.10
N LEU E 143 -13.80 -54.98 -5.77
CA LEU E 143 -12.39 -54.67 -5.39
C LEU E 143 -12.02 -53.76 -6.45
N ASN E 144 -11.54 -52.61 -6.05
CA ASN E 144 -10.93 -51.77 -7.02
C ASN E 144 -9.95 -50.83 -6.39
N PHE E 145 -9.21 -50.24 -7.32
CA PHE E 145 -8.09 -49.45 -7.04
C PHE E 145 -7.76 -48.34 -8.17
N ALA E 146 -6.78 -47.53 -7.87
CA ALA E 146 -6.77 -46.25 -8.41
C ALA E 146 -5.36 -45.82 -8.06
N VAL E 147 -4.70 -45.26 -9.07
CA VAL E 147 -3.44 -44.76 -8.82
C VAL E 147 -3.60 -43.42 -9.56
N GLN E 148 -2.87 -42.42 -9.01
CA GLN E 148 -2.80 -41.17 -9.61
C GLN E 148 -1.51 -40.43 -9.22
N TYR E 149 -1.12 -39.50 -10.11
CA TYR E 149 0.10 -38.83 -10.15
C TYR E 149 -0.33 -37.40 -10.24
N GLN E 150 0.06 -36.49 -9.33
CA GLN E 150 -0.14 -35.05 -9.73
C GLN E 150 1.19 -34.10 -9.95
N GLY E 151 1.26 -33.35 -11.04
CA GLY E 151 2.38 -32.57 -11.26
C GLY E 151 2.42 -31.37 -10.39
N LYS E 152 3.65 -30.88 -10.16
CA LYS E 152 3.97 -29.82 -9.22
C LYS E 152 3.01 -28.71 -9.53
N ASN E 153 2.42 -27.95 -8.58
CA ASN E 153 1.67 -26.62 -8.90
C ASN E 153 2.32 -25.63 -7.96
N GLY E 154 3.22 -24.80 -8.54
CA GLY E 154 4.35 -24.22 -7.78
C GLY E 154 4.08 -22.82 -7.36
N ASN E 155 4.94 -21.87 -7.78
CA ASN E 155 4.76 -20.48 -7.26
C ASN E 155 4.04 -19.80 -8.29
N PRO E 156 3.40 -18.67 -7.88
CA PRO E 156 3.00 -17.82 -8.92
C PRO E 156 4.26 -17.32 -9.55
N SER E 157 5.52 -17.30 -8.83
CA SER E 157 6.88 -16.28 -8.55
C SER E 157 8.19 -15.89 -9.39
N GLY E 158 9.44 -16.04 -8.78
CA GLY E 158 10.80 -15.77 -9.45
C GLY E 158 11.94 -16.84 -9.23
N GLU E 159 11.47 -18.04 -8.96
CA GLU E 159 12.28 -19.25 -8.65
C GLU E 159 11.27 -20.45 -8.43
N GLY E 160 11.15 -21.37 -9.38
CA GLY E 160 9.99 -22.35 -9.30
C GLY E 160 8.59 -21.90 -9.88
N PHE E 161 8.41 -20.72 -10.67
CA PHE E 161 7.08 -20.17 -11.19
C PHE E 161 6.50 -21.62 -11.64
N THR E 162 5.17 -21.65 -11.78
CA THR E 162 4.56 -22.52 -12.79
C THR E 162 3.51 -21.58 -13.46
N SER E 163 3.30 -21.72 -14.79
CA SER E 163 1.98 -21.38 -15.45
C SER E 163 0.98 -21.03 -14.37
N GLY E 164 0.32 -22.10 -13.95
CA GLY E 164 -0.98 -22.02 -13.34
C GLY E 164 -0.56 -22.46 -12.02
N VAL E 165 -0.40 -21.40 -11.16
CA VAL E 165 0.09 -21.35 -9.78
C VAL E 165 -0.22 -20.36 -8.56
N THR E 166 0.49 -20.57 -7.44
CA THR E 166 -0.27 -20.28 -6.35
C THR E 166 0.50 -19.92 -5.10
N ASN E 167 -0.14 -19.52 -3.98
CA ASN E 167 0.54 -19.38 -2.64
C ASN E 167 0.45 -20.73 -2.00
N ASN E 168 0.73 -20.92 -0.69
CA ASN E 168 0.98 -22.41 -0.40
C ASN E 168 0.34 -23.14 0.70
N GLY E 169 -0.50 -22.50 1.51
CA GLY E 169 -1.64 -23.22 1.91
C GLY E 169 -1.75 -23.97 0.47
N ARG E 170 -1.38 -23.37 -0.70
CA ARG E 170 -1.58 -24.20 -1.90
C ARG E 170 -0.61 -25.07 -2.79
N ASP E 171 0.78 -25.23 -2.64
CA ASP E 171 1.51 -26.20 -3.54
C ASP E 171 1.45 -27.82 -3.27
N GLY E 181 0.05 -40.78 -5.73
CA GLY E 181 -0.79 -41.56 -4.88
C GLY E 181 -1.66 -42.80 -5.28
N GLY E 182 -2.24 -43.48 -4.29
CA GLY E 182 -3.19 -44.54 -4.65
C GLY E 182 -4.19 -45.07 -3.65
N SER E 183 -5.19 -45.80 -4.18
CA SER E 183 -6.16 -46.45 -3.24
C SER E 183 -6.65 -47.75 -3.81
N ILE E 184 -7.05 -48.67 -2.90
CA ILE E 184 -7.76 -49.95 -3.19
C ILE E 184 -9.00 -50.11 -2.22
N THR E 185 -10.08 -50.78 -2.60
CA THR E 185 -11.22 -50.76 -1.61
C THR E 185 -12.18 -51.89 -1.91
N TYR E 186 -12.68 -52.49 -0.83
CA TYR E 186 -13.28 -53.72 -1.06
C TYR E 186 -14.73 -53.74 -0.55
N ASP E 187 -15.59 -54.46 -1.32
CA ASP E 187 -17.04 -54.65 -1.18
C ASP E 187 -18.02 -55.78 -0.57
N TYR E 188 -18.01 -57.08 -0.89
CA TYR E 188 -19.09 -58.01 -0.29
C TYR E 188 -20.40 -57.33 0.40
N GLU E 189 -21.30 -56.75 -0.42
CA GLU E 189 -22.59 -56.10 0.04
C GLU E 189 -22.71 -55.38 1.42
N GLY E 190 -22.57 -54.05 1.38
CA GLY E 190 -22.48 -53.25 2.56
C GLY E 190 -21.13 -53.65 3.11
N PHE E 191 -20.48 -52.79 3.86
CA PHE E 191 -19.10 -53.13 4.37
C PHE E 191 -18.22 -52.66 3.25
N GLY E 192 -17.34 -51.68 3.50
CA GLY E 192 -16.36 -51.31 2.56
C GLY E 192 -15.24 -51.53 3.46
N ILE E 193 -14.08 -51.93 2.95
CA ILE E 193 -12.78 -51.57 3.65
C ILE E 193 -12.24 -50.75 2.54
N GLY E 194 -11.19 -49.96 2.85
CA GLY E 194 -10.50 -49.30 1.75
C GLY E 194 -9.40 -48.69 2.43
N GLY E 195 -8.21 -48.77 1.78
CA GLY E 195 -6.95 -48.09 2.13
C GLY E 195 -6.57 -47.08 1.04
N ALA E 196 -5.82 -46.03 1.41
CA ALA E 196 -5.28 -45.13 0.37
C ALA E 196 -4.05 -44.68 0.97
N ILE E 197 -3.00 -44.66 0.17
CA ILE E 197 -1.64 -44.18 0.56
C ILE E 197 -1.22 -43.06 -0.43
N SER E 198 -0.73 -41.93 0.00
CA SER E 198 -0.35 -40.85 -1.02
C SER E 198 0.93 -40.16 -0.56
N SER E 199 1.73 -39.65 -1.51
CA SER E 199 2.96 -38.97 -1.06
C SER E 199 3.45 -37.84 -1.94
N SER E 200 3.69 -36.59 -1.56
CA SER E 200 4.06 -35.56 -2.60
C SER E 200 5.30 -34.79 -2.29
N LYS E 201 6.24 -34.61 -3.24
CA LYS E 201 7.40 -33.78 -2.83
C LYS E 201 6.77 -32.41 -2.41
N ARG E 202 7.32 -31.68 -1.43
CA ARG E 202 6.72 -30.34 -1.06
C ARG E 202 7.64 -29.24 -1.60
N THR E 203 7.11 -28.22 -2.27
CA THR E 203 7.97 -27.19 -2.82
C THR E 203 8.83 -26.37 -1.83
N ASP E 204 9.99 -25.91 -2.27
CA ASP E 204 10.81 -25.05 -1.38
C ASP E 204 10.00 -23.83 -0.84
N ALA E 205 9.11 -23.24 -1.61
CA ALA E 205 8.32 -22.21 -1.05
C ALA E 205 7.59 -22.73 0.20
N GLN E 206 6.98 -23.95 0.17
CA GLN E 206 6.19 -24.32 1.35
C GLN E 206 7.08 -24.71 2.52
N ASN E 207 8.41 -24.63 2.30
CA ASN E 207 9.37 -25.03 3.29
C ASN E 207 10.28 -23.93 3.84
N THR E 208 9.75 -22.99 4.61
CA THR E 208 10.59 -21.85 4.97
C THR E 208 10.27 -21.31 6.35
N ALA E 209 10.45 -22.04 7.43
CA ALA E 209 10.12 -21.40 8.75
C ALA E 209 9.15 -20.22 8.75
N ALA E 210 8.41 -20.05 7.68
CA ALA E 210 7.08 -19.49 7.82
C ALA E 210 6.15 -20.63 8.43
N TYR E 211 5.08 -20.14 8.98
CA TYR E 211 4.70 -20.83 10.20
C TYR E 211 5.29 -22.38 10.50
N ILE E 212 5.04 -23.52 9.74
CA ILE E 212 5.19 -24.94 10.32
C ILE E 212 5.17 -26.20 9.50
N GLY E 213 5.96 -27.25 9.79
CA GLY E 213 6.48 -28.30 8.79
C GLY E 213 8.05 -28.34 8.44
N ASN E 214 8.85 -29.26 8.99
CA ASN E 214 10.14 -29.57 8.26
C ASN E 214 9.56 -30.37 7.07
N GLY E 215 9.21 -29.65 6.05
CA GLY E 215 8.46 -30.37 5.07
C GLY E 215 9.13 -31.13 3.96
N ASP E 216 9.57 -32.38 4.19
CA ASP E 216 10.10 -33.06 3.01
C ASP E 216 9.14 -33.64 1.93
N ARG E 217 8.48 -34.80 2.15
CA ARG E 217 7.26 -35.15 1.32
C ARG E 217 5.97 -34.83 2.11
N ALA E 218 4.82 -34.99 1.55
CA ALA E 218 3.65 -34.88 2.39
C ALA E 218 2.96 -36.26 2.39
N GLU E 219 2.74 -36.86 3.53
CA GLU E 219 2.28 -38.18 3.47
C GLU E 219 1.05 -38.36 4.28
N THR E 220 0.07 -39.12 3.76
CA THR E 220 -1.21 -39.40 4.39
C THR E 220 -1.50 -40.88 4.19
N TYR E 221 -2.05 -41.58 5.17
CA TYR E 221 -2.04 -43.06 5.19
C TYR E 221 -3.34 -43.23 5.80
N THR E 222 -4.19 -43.91 4.99
CA THR E 222 -5.51 -43.89 5.30
C THR E 222 -6.29 -45.15 5.03
N GLY E 223 -7.02 -45.59 6.08
CA GLY E 223 -7.89 -46.71 5.95
C GLY E 223 -9.26 -46.29 6.38
N GLY E 224 -10.24 -46.99 5.81
CA GLY E 224 -11.62 -46.71 6.11
C GLY E 224 -12.52 -47.89 6.04
N LEU E 225 -13.64 -47.76 6.73
CA LEU E 225 -14.64 -48.78 6.99
C LEU E 225 -16.01 -48.18 6.73
N LYS E 226 -16.87 -48.93 6.09
CA LYS E 226 -18.23 -48.45 6.04
C LYS E 226 -19.07 -49.56 5.85
N TYR E 227 -20.35 -49.29 6.04
CA TYR E 227 -21.38 -50.35 6.12
C TYR E 227 -22.60 -49.71 5.63
N ASP E 228 -23.12 -50.16 4.52
CA ASP E 228 -24.24 -49.34 4.01
C ASP E 228 -25.36 -50.07 3.29
N ALA E 229 -26.51 -50.29 3.95
CA ALA E 229 -27.53 -51.18 3.41
C ALA E 229 -28.80 -51.22 4.21
N ASN E 230 -29.94 -51.21 3.54
CA ASN E 230 -31.21 -51.00 4.32
C ASN E 230 -31.15 -49.79 5.19
N ASN E 231 -31.24 -48.58 4.66
CA ASN E 231 -31.29 -47.36 5.51
C ASN E 231 -30.19 -47.03 6.56
N ILE E 232 -29.24 -47.91 6.77
CA ILE E 232 -28.35 -47.61 7.81
C ILE E 232 -27.18 -47.15 7.08
N TYR E 233 -26.72 -45.94 7.41
CA TYR E 233 -25.40 -45.64 6.99
C TYR E 233 -24.39 -45.51 8.13
N LEU E 234 -23.40 -46.40 8.14
CA LEU E 234 -22.32 -46.45 9.08
C LEU E 234 -20.91 -46.39 8.35
N ALA E 235 -20.01 -45.59 8.93
CA ALA E 235 -18.64 -45.39 8.38
C ALA E 235 -17.62 -44.60 9.18
N ALA E 236 -16.39 -44.91 8.84
CA ALA E 236 -15.19 -44.46 9.58
C ALA E 236 -14.01 -44.50 8.68
N GLN E 237 -13.17 -43.54 8.94
CA GLN E 237 -12.04 -43.27 8.11
C GLN E 237 -11.02 -42.76 9.10
N TYR E 238 -9.83 -43.27 8.92
CA TYR E 238 -8.81 -42.87 9.89
C TYR E 238 -7.58 -42.78 9.12
N THR E 239 -6.97 -41.65 9.30
CA THR E 239 -5.86 -41.34 8.52
C THR E 239 -4.97 -40.42 9.24
N GLN E 240 -3.70 -40.75 9.12
CA GLN E 240 -2.64 -39.89 9.61
C GLN E 240 -1.69 -39.66 8.60
N THR E 241 -1.38 -38.40 8.64
CA THR E 241 -0.66 -37.71 7.73
C THR E 241 0.66 -37.25 8.33
N TYR E 242 1.57 -36.93 7.43
CA TYR E 242 2.87 -36.38 7.71
C TYR E 242 3.16 -35.22 6.80
N ASN E 243 3.29 -34.08 7.45
CA ASN E 243 3.61 -32.83 6.72
C ASN E 243 2.54 -32.40 5.75
N ALA E 244 1.28 -32.72 6.06
CA ALA E 244 0.15 -32.48 5.05
C ALA E 244 -1.26 -32.02 5.63
N THR E 245 -1.39 -31.87 6.93
CA THR E 245 -2.63 -31.24 7.36
C THR E 245 -2.52 -29.73 7.66
N ARG E 246 -3.22 -28.91 6.89
CA ARG E 246 -3.17 -27.50 7.05
C ARG E 246 -3.52 -27.24 8.49
N VAL E 247 -2.67 -26.50 9.23
CA VAL E 247 -2.96 -26.11 10.63
C VAL E 247 -3.15 -24.59 10.63
N GLY E 248 -4.35 -24.23 10.22
CA GLY E 248 -4.75 -22.86 10.17
C GLY E 248 -4.20 -22.37 8.92
N SER E 249 -3.61 -21.22 9.00
CA SER E 249 -2.86 -20.72 7.90
C SER E 249 -1.47 -20.79 8.47
N LEU E 250 -1.24 -21.62 9.43
CA LEU E 250 0.06 -21.70 9.92
C LEU E 250 1.00 -22.54 9.07
N GLY E 251 0.62 -23.09 7.93
CA GLY E 251 1.58 -23.98 7.25
C GLY E 251 1.23 -25.32 7.84
N TRP E 252 2.11 -26.28 7.69
CA TRP E 252 1.50 -27.62 7.88
C TRP E 252 1.72 -28.30 9.34
N ALA E 253 1.23 -29.53 9.56
CA ALA E 253 1.29 -30.28 10.83
C ALA E 253 2.26 -31.47 10.83
N ASN E 254 3.46 -31.37 11.36
CA ASN E 254 4.41 -32.52 11.21
C ASN E 254 3.83 -34.02 11.20
N LYS E 255 3.03 -34.35 12.20
CA LYS E 255 2.28 -35.57 12.27
C LYS E 255 0.90 -35.11 12.70
N ALA E 256 -0.13 -35.78 12.25
CA ALA E 256 -1.45 -35.55 12.81
C ALA E 256 -2.30 -36.80 12.47
N GLN E 257 -3.18 -37.13 13.39
CA GLN E 257 -4.01 -38.25 13.28
C GLN E 257 -5.34 -37.69 13.19
N ASN E 258 -5.95 -38.00 12.07
CA ASN E 258 -7.37 -37.78 11.87
C ASN E 258 -8.30 -39.01 11.84
N PHE E 259 -9.36 -38.80 12.62
CA PHE E 259 -10.46 -39.70 12.85
C PHE E 259 -11.82 -39.09 12.56
N GLU E 260 -12.73 -39.87 11.96
CA GLU E 260 -14.05 -39.36 11.58
C GLU E 260 -15.10 -40.47 11.45
N ALA E 261 -16.16 -40.42 12.27
CA ALA E 261 -17.15 -41.46 12.16
C ALA E 261 -18.55 -40.81 12.08
N VAL E 262 -19.36 -41.42 11.21
CA VAL E 262 -20.70 -40.98 10.98
C VAL E 262 -21.70 -42.10 11.14
N ALA E 263 -22.88 -41.74 11.61
CA ALA E 263 -23.96 -42.71 11.69
C ALA E 263 -25.34 -42.14 11.22
N GLN E 264 -25.84 -42.78 10.20
CA GLN E 264 -27.07 -42.23 9.73
C GLN E 264 -28.16 -43.27 9.43
N TYR E 265 -29.39 -42.79 9.53
CA TYR E 265 -30.49 -43.63 9.09
C TYR E 265 -31.39 -42.92 8.18
N GLN E 266 -31.70 -43.59 7.09
CA GLN E 266 -32.46 -42.91 6.02
C GLN E 266 -33.92 -43.38 5.98
N PHE E 267 -34.84 -42.55 6.47
CA PHE E 267 -36.21 -42.99 6.60
C PHE E 267 -36.95 -42.97 5.29
N ASP E 268 -37.83 -43.95 5.20
CA ASP E 268 -38.71 -44.23 4.10
C ASP E 268 -39.30 -42.93 3.64
N PHE E 269 -39.65 -42.02 4.58
CA PHE E 269 -40.45 -40.81 4.28
C PHE E 269 -39.61 -39.59 3.99
N GLY E 270 -38.35 -39.57 4.40
CA GLY E 270 -37.47 -38.51 3.84
C GLY E 270 -36.42 -37.95 4.78
N LEU E 271 -36.63 -38.16 6.07
CA LEU E 271 -35.83 -37.50 7.03
C LEU E 271 -34.71 -38.46 7.17
N ARG E 272 -33.57 -37.88 7.51
CA ARG E 272 -32.41 -38.66 7.55
C ARG E 272 -31.52 -37.99 8.53
N PRO E 273 -31.52 -38.40 9.81
CA PRO E 273 -30.68 -37.91 10.89
C PRO E 273 -29.28 -38.48 10.72
N SER E 274 -28.34 -37.64 11.21
CA SER E 274 -26.92 -38.06 11.26
C SER E 274 -26.30 -37.65 12.63
N LEU E 275 -25.31 -38.42 13.05
CA LEU E 275 -24.67 -38.23 14.29
C LEU E 275 -23.21 -38.58 13.83
N ALA E 276 -22.21 -37.80 14.29
CA ALA E 276 -20.86 -37.92 13.78
C ALA E 276 -19.88 -37.35 14.68
N TYR E 277 -18.70 -37.91 14.65
CA TYR E 277 -17.65 -37.36 15.47
C TYR E 277 -16.54 -37.18 14.53
N LEU E 278 -15.74 -36.17 14.78
CA LEU E 278 -14.52 -36.03 13.96
C LEU E 278 -13.48 -35.29 14.78
N GLN E 279 -12.21 -35.65 14.59
CA GLN E 279 -11.23 -34.79 15.18
C GLN E 279 -9.93 -34.98 14.51
N SER E 280 -9.06 -34.00 14.79
CA SER E 280 -7.72 -33.96 14.28
C SER E 280 -6.69 -33.59 15.28
N LYS E 281 -5.76 -34.51 15.50
CA LYS E 281 -4.83 -34.41 16.62
C LYS E 281 -3.46 -34.08 16.02
N GLY E 282 -3.00 -32.88 16.32
CA GLY E 282 -1.73 -32.42 15.79
C GLY E 282 -0.72 -33.08 16.65
N LYS E 283 0.24 -33.78 16.07
CA LYS E 283 1.24 -34.35 16.96
C LYS E 283 2.46 -33.50 16.79
N ASN E 284 3.39 -33.57 17.74
CA ASN E 284 4.68 -32.84 17.66
C ASN E 284 4.73 -31.63 16.68
N LEU E 285 3.99 -30.56 16.97
CA LEU E 285 3.89 -29.52 15.97
C LEU E 285 5.13 -28.72 16.08
N GLY E 286 5.33 -27.74 15.21
CA GLY E 286 6.39 -26.80 15.55
C GLY E 286 6.16 -25.82 16.78
N ARG E 287 7.16 -24.91 16.94
CA ARG E 287 7.03 -23.46 17.27
C ARG E 287 6.22 -23.26 18.56
N GLY E 288 6.67 -24.08 19.55
CA GLY E 288 5.96 -24.25 20.87
C GLY E 288 4.79 -25.23 20.65
N TYR E 289 3.59 -24.95 21.09
CA TYR E 289 2.41 -25.70 20.58
C TYR E 289 2.32 -27.19 20.93
N ASP E 290 3.17 -28.05 20.29
CA ASP E 290 3.40 -29.36 20.90
C ASP E 290 2.44 -30.43 20.40
N ASP E 291 1.66 -31.07 21.31
CA ASP E 291 0.57 -31.88 20.85
C ASP E 291 -0.61 -30.90 20.90
N GLU E 292 -1.53 -30.99 19.95
CA GLU E 292 -2.65 -30.03 19.87
C GLU E 292 -3.74 -30.34 18.81
N ASP E 293 -4.99 -30.18 19.25
CA ASP E 293 -6.12 -30.47 18.45
C ASP E 293 -6.41 -29.37 17.43
N ILE E 294 -6.42 -29.79 16.14
CA ILE E 294 -6.56 -28.89 14.97
C ILE E 294 -8.09 -28.73 14.78
N LEU E 295 -8.82 -29.79 15.14
CA LEU E 295 -10.25 -29.88 14.93
C LEU E 295 -10.75 -31.01 15.81
N LYS E 296 -11.98 -30.85 16.33
CA LYS E 296 -12.51 -31.72 17.32
C LYS E 296 -13.96 -31.33 17.48
N TYR E 297 -14.93 -32.18 17.11
CA TYR E 297 -16.35 -31.72 17.21
C TYR E 297 -17.42 -32.80 17.09
N VAL E 298 -18.52 -32.68 17.82
CA VAL E 298 -19.51 -33.68 17.57
C VAL E 298 -20.40 -33.05 16.65
N ASP E 299 -20.64 -33.80 15.57
CA ASP E 299 -21.67 -33.28 14.68
C ASP E 299 -23.09 -33.90 14.94
N VAL E 300 -24.11 -33.03 14.96
CA VAL E 300 -25.46 -33.54 15.12
C VAL E 300 -26.37 -32.79 14.15
N GLY E 301 -27.25 -33.49 13.47
CA GLY E 301 -27.83 -32.80 12.37
C GLY E 301 -28.79 -33.69 11.59
N ALA E 302 -29.57 -33.05 10.72
CA ALA E 302 -30.47 -33.85 9.98
C ALA E 302 -30.88 -33.07 8.83
N THR E 303 -31.17 -33.79 7.74
CA THR E 303 -31.73 -33.25 6.43
C THR E 303 -33.03 -34.03 6.14
N TYR E 304 -33.90 -33.47 5.31
CA TYR E 304 -35.24 -34.08 5.06
C TYR E 304 -35.44 -34.07 3.55
N TYR E 305 -35.53 -35.19 2.81
CA TYR E 305 -35.78 -34.98 1.33
C TYR E 305 -37.22 -34.83 0.88
N PHE E 306 -37.67 -33.64 0.39
CA PHE E 306 -39.07 -33.57 -0.24
C PHE E 306 -39.08 -34.56 -1.38
N ASN E 307 -38.10 -34.52 -2.23
CA ASN E 307 -37.93 -35.59 -3.15
C ASN E 307 -36.54 -35.46 -3.70
N LYS E 308 -36.25 -36.18 -4.80
CA LYS E 308 -34.85 -36.19 -5.18
C LYS E 308 -34.49 -35.01 -5.94
N ASN E 309 -34.85 -33.83 -5.47
CA ASN E 309 -34.81 -32.62 -6.31
C ASN E 309 -34.86 -31.33 -5.40
N MET E 310 -35.08 -31.49 -4.06
CA MET E 310 -35.44 -30.42 -3.10
C MET E 310 -35.39 -30.89 -1.74
N SER E 311 -35.02 -30.04 -0.81
CA SER E 311 -34.90 -30.50 0.58
C SER E 311 -34.36 -29.43 1.53
N THR E 312 -34.49 -29.74 2.82
CA THR E 312 -33.97 -28.91 3.87
C THR E 312 -33.13 -29.73 4.76
N TYR E 313 -32.19 -29.00 5.41
CA TYR E 313 -31.32 -29.64 6.40
C TYR E 313 -31.07 -28.63 7.44
N VAL E 314 -30.69 -29.19 8.59
CA VAL E 314 -30.27 -28.57 9.89
C VAL E 314 -28.97 -29.21 10.24
N ASP E 315 -28.02 -28.38 10.63
CA ASP E 315 -26.80 -28.96 11.07
C ASP E 315 -26.25 -28.16 12.19
N TYR E 316 -25.62 -28.88 13.10
CA TYR E 316 -25.13 -28.32 14.35
C TYR E 316 -23.78 -28.93 14.82
N LYS E 317 -22.73 -28.13 14.59
CA LYS E 317 -21.37 -28.48 14.99
C LYS E 317 -21.25 -28.01 16.40
N ILE E 318 -21.21 -29.00 17.28
CA ILE E 318 -21.00 -28.80 18.73
C ILE E 318 -19.45 -28.82 18.83
N ASN E 319 -18.87 -27.64 19.04
CA ASN E 319 -17.55 -27.57 18.65
C ASN E 319 -16.63 -27.85 19.80
N LEU E 320 -16.03 -29.01 19.85
CA LEU E 320 -15.35 -29.27 21.08
C LEU E 320 -13.97 -28.66 21.37
N LEU E 321 -13.45 -27.67 20.63
CA LEU E 321 -12.07 -27.10 20.96
C LEU E 321 -12.01 -25.92 21.98
N ASP E 322 -11.01 -25.78 22.82
CA ASP E 322 -10.79 -24.46 23.53
C ASP E 322 -9.98 -23.43 22.71
N ASP E 323 -10.39 -22.15 22.69
CA ASP E 323 -9.39 -21.02 22.52
C ASP E 323 -7.95 -21.03 23.09
N ASN E 324 -6.91 -20.80 22.33
CA ASN E 324 -5.56 -20.66 22.94
C ASN E 324 -4.50 -20.04 22.02
N GLN E 325 -3.29 -19.60 22.48
CA GLN E 325 -2.65 -18.66 21.54
C GLN E 325 -2.60 -19.57 20.29
N PHE E 326 -2.91 -20.88 20.48
CA PHE E 326 -2.88 -21.84 19.35
C PHE E 326 -3.98 -21.72 18.28
N THR E 327 -5.21 -22.08 18.67
CA THR E 327 -6.29 -22.03 17.76
C THR E 327 -6.22 -20.62 17.12
N ARG E 328 -6.58 -19.60 17.93
CA ARG E 328 -6.26 -18.18 17.69
C ARG E 328 -5.06 -18.00 16.68
N ASP E 329 -3.83 -18.42 17.00
CA ASP E 329 -2.71 -18.31 16.06
C ASP E 329 -3.07 -18.74 14.75
N ALA E 330 -3.44 -20.00 14.60
CA ALA E 330 -3.97 -20.57 13.34
C ALA E 330 -5.26 -19.96 12.74
N GLY E 331 -6.09 -19.29 13.55
CA GLY E 331 -7.38 -18.75 13.10
C GLY E 331 -8.16 -20.03 12.84
N ILE E 332 -8.31 -20.91 13.80
CA ILE E 332 -9.12 -22.08 13.68
C ILE E 332 -10.46 -21.82 14.42
N ASN E 333 -11.56 -21.95 13.70
CA ASN E 333 -12.81 -21.74 14.40
C ASN E 333 -12.95 -22.73 15.54
N THR E 334 -13.27 -22.17 16.71
CA THR E 334 -13.50 -22.91 17.90
C THR E 334 -14.94 -22.84 18.34
N ASP E 335 -15.75 -21.84 18.03
CA ASP E 335 -17.17 -21.89 18.44
C ASP E 335 -18.06 -22.88 17.73
N ASN E 336 -19.23 -23.16 18.30
CA ASN E 336 -20.29 -23.96 17.60
C ASN E 336 -20.83 -23.22 16.43
N ILE E 337 -21.60 -23.92 15.61
CA ILE E 337 -22.28 -23.13 14.61
C ILE E 337 -23.56 -23.82 14.37
N VAL E 338 -24.57 -23.17 13.87
CA VAL E 338 -25.66 -24.00 13.34
C VAL E 338 -25.92 -23.66 11.88
N ALA E 339 -26.23 -24.70 11.15
CA ALA E 339 -26.64 -24.43 9.78
C ALA E 339 -28.07 -24.84 9.47
N LEU E 340 -28.75 -23.96 8.77
CA LEU E 340 -30.15 -24.10 8.33
C LEU E 340 -30.10 -23.93 6.83
N GLY E 341 -30.63 -24.88 6.09
CA GLY E 341 -30.54 -24.78 4.60
C GLY E 341 -31.83 -25.22 3.96
N LEU E 342 -32.17 -24.62 2.86
CA LEU E 342 -33.26 -25.04 1.98
C LEU E 342 -32.58 -25.21 0.59
N VAL E 343 -32.67 -26.36 -0.03
CA VAL E 343 -31.95 -26.43 -1.29
C VAL E 343 -32.91 -26.95 -2.28
N TYR E 344 -32.71 -26.47 -3.49
CA TYR E 344 -33.31 -26.91 -4.72
C TYR E 344 -32.15 -27.20 -5.67
N GLN E 345 -32.14 -28.46 -6.14
CA GLN E 345 -31.18 -29.00 -7.13
C GLN E 345 -31.81 -29.61 -8.40
N PHE E 346 -31.16 -29.38 -9.53
CA PHE E 346 -31.61 -29.92 -10.79
C PHE E 346 -30.54 -30.87 -11.40
N ALA F 1 -24.31 -28.43 -27.92
CA ALA F 1 -25.42 -29.45 -28.10
C ALA F 1 -26.64 -28.68 -28.37
N GLU F 2 -27.36 -29.06 -29.47
CA GLU F 2 -28.70 -28.46 -29.82
C GLU F 2 -29.79 -28.89 -28.79
N VAL F 3 -29.82 -28.20 -27.63
CA VAL F 3 -30.84 -28.32 -26.56
C VAL F 3 -32.18 -27.87 -27.13
N TYR F 4 -32.96 -27.01 -26.42
CA TYR F 4 -34.14 -26.32 -27.00
C TYR F 4 -34.09 -26.03 -28.55
N ASN F 5 -35.20 -26.25 -29.23
CA ASN F 5 -35.39 -25.93 -30.66
C ASN F 5 -36.93 -26.12 -31.03
N LYS F 6 -37.73 -25.10 -30.72
CA LYS F 6 -39.17 -25.19 -30.81
C LYS F 6 -39.76 -23.92 -31.48
N ASP F 7 -40.61 -24.10 -32.50
CA ASP F 7 -41.26 -23.00 -33.27
C ASP F 7 -40.32 -21.80 -33.53
N GLY F 8 -39.72 -21.78 -34.75
CA GLY F 8 -38.77 -20.71 -35.14
C GLY F 8 -37.44 -20.73 -34.40
N ASN F 9 -37.55 -20.33 -33.12
CA ASN F 9 -36.45 -20.29 -32.09
C ASN F 9 -35.57 -21.55 -31.58
N LYS F 10 -34.25 -21.51 -31.79
CA LYS F 10 -33.45 -22.67 -31.45
C LYS F 10 -32.06 -22.44 -30.78
N LEU F 11 -31.72 -23.27 -29.78
CA LEU F 11 -30.65 -22.99 -28.83
C LEU F 11 -29.56 -23.90 -28.97
N ASP F 12 -28.36 -23.43 -28.70
CA ASP F 12 -27.36 -24.44 -28.65
C ASP F 12 -26.43 -24.22 -27.52
N LEU F 13 -26.74 -24.75 -26.34
CA LEU F 13 -25.84 -24.64 -25.19
C LEU F 13 -24.63 -25.47 -25.50
N TYR F 14 -23.43 -24.94 -25.36
CA TYR F 14 -22.22 -25.70 -25.81
C TYR F 14 -20.86 -25.54 -25.04
N GLY F 15 -19.93 -26.48 -25.23
CA GLY F 15 -18.74 -26.32 -24.44
C GLY F 15 -17.86 -27.54 -24.44
N LYS F 16 -16.75 -27.48 -23.66
CA LYS F 16 -15.72 -28.44 -23.69
C LYS F 16 -14.86 -28.23 -22.49
N VAL F 17 -14.28 -29.34 -21.99
CA VAL F 17 -13.21 -29.33 -21.02
C VAL F 17 -12.00 -29.90 -21.67
N ASP F 18 -10.92 -29.27 -21.37
CA ASP F 18 -9.79 -29.55 -22.10
C ASP F 18 -8.58 -29.70 -21.08
N GLY F 19 -8.16 -30.97 -20.89
CA GLY F 19 -7.34 -31.38 -19.87
C GLY F 19 -6.09 -31.23 -20.63
N LEU F 20 -5.29 -30.23 -20.25
CA LEU F 20 -4.23 -29.79 -21.18
C LEU F 20 -3.07 -29.61 -20.29
N HIS F 21 -1.86 -29.99 -20.81
CA HIS F 21 -0.61 -29.84 -20.07
C HIS F 21 0.46 -29.38 -21.03
N TYR F 22 1.38 -28.55 -20.50
CA TYR F 22 2.48 -27.94 -21.29
C TYR F 22 3.74 -28.37 -20.68
N PHE F 23 4.71 -28.93 -21.43
CA PHE F 23 6.09 -29.08 -20.93
C PHE F 23 6.95 -28.03 -21.64
N SER F 24 7.77 -27.38 -20.84
CA SER F 24 8.50 -26.26 -21.37
C SER F 24 9.61 -25.87 -20.51
N ASP F 25 10.74 -25.55 -21.10
CA ASP F 25 11.75 -25.00 -20.26
C ASP F 25 11.30 -23.73 -19.54
N ASN F 26 10.30 -23.08 -20.13
CA ASN F 26 9.87 -21.79 -19.71
C ASN F 26 8.85 -21.89 -18.58
N LYS F 27 9.33 -21.89 -17.32
CA LYS F 27 8.44 -22.33 -16.15
C LYS F 27 7.42 -21.25 -15.80
N ASP F 28 6.90 -20.62 -16.85
CA ASP F 28 6.08 -19.43 -16.79
C ASP F 28 4.91 -19.67 -17.80
N VAL F 29 5.14 -20.72 -18.63
CA VAL F 29 4.11 -21.43 -19.39
C VAL F 29 4.11 -22.93 -18.87
N ASP F 30 5.16 -23.39 -18.19
CA ASP F 30 5.16 -24.82 -17.77
C ASP F 30 3.95 -25.34 -17.03
N GLY F 31 3.73 -26.63 -17.21
CA GLY F 31 2.95 -27.49 -16.32
C GLY F 31 1.49 -27.48 -16.68
N ASP F 32 0.66 -27.22 -15.67
CA ASP F 32 -0.70 -27.43 -15.93
C ASP F 32 -1.62 -26.34 -16.62
N GLN F 33 -2.22 -26.69 -17.75
CA GLN F 33 -3.08 -25.74 -18.45
C GLN F 33 -4.56 -26.09 -18.60
N THR F 34 -5.06 -27.04 -17.85
CA THR F 34 -6.48 -27.35 -17.96
C THR F 34 -7.35 -26.15 -18.11
N TYR F 35 -8.33 -26.17 -18.98
CA TYR F 35 -9.29 -25.12 -18.91
C TYR F 35 -10.55 -25.72 -19.49
N MET F 36 -11.58 -24.90 -19.68
CA MET F 36 -12.90 -25.29 -20.21
C MET F 36 -13.53 -24.08 -20.82
N ARG F 37 -14.56 -24.21 -21.65
CA ARG F 37 -15.42 -22.98 -21.96
C ARG F 37 -16.80 -23.44 -22.22
N LEU F 38 -17.76 -22.57 -21.94
CA LEU F 38 -19.11 -22.88 -22.43
C LEU F 38 -19.79 -21.72 -23.25
N GLY F 39 -20.73 -22.01 -24.06
CA GLY F 39 -21.24 -20.87 -24.76
C GLY F 39 -22.58 -21.15 -25.38
N PHE F 40 -23.42 -20.18 -25.65
CA PHE F 40 -24.62 -20.54 -26.30
C PHE F 40 -24.65 -19.95 -27.62
N LYS F 41 -25.24 -20.65 -28.58
CA LYS F 41 -25.50 -20.00 -29.88
C LYS F 41 -27.02 -19.71 -29.81
N GLY F 42 -27.59 -18.73 -30.56
CA GLY F 42 -29.08 -18.64 -30.69
C GLY F 42 -29.73 -18.16 -32.01
N GLU F 43 -30.78 -18.83 -32.48
CA GLU F 43 -31.49 -18.19 -33.57
C GLU F 43 -32.97 -18.30 -33.33
N THR F 44 -33.62 -17.15 -33.56
CA THR F 44 -35.07 -17.06 -33.62
C THR F 44 -35.19 -16.63 -35.02
N GLN F 45 -36.18 -17.18 -35.67
CA GLN F 45 -36.33 -16.98 -37.11
C GLN F 45 -37.65 -16.27 -37.16
N VAL F 46 -37.57 -14.97 -37.52
CA VAL F 46 -38.60 -13.91 -37.29
C VAL F 46 -39.54 -13.85 -38.51
N THR F 47 -39.12 -14.46 -39.62
CA THR F 47 -39.78 -14.22 -40.89
C THR F 47 -39.07 -15.20 -41.84
N ASP F 48 -38.89 -14.90 -43.10
CA ASP F 48 -38.30 -15.92 -43.94
C ASP F 48 -37.15 -15.28 -44.52
N GLN F 49 -37.27 -13.99 -44.87
CA GLN F 49 -36.06 -13.14 -44.99
C GLN F 49 -35.20 -13.07 -43.67
N LEU F 50 -35.86 -12.73 -42.54
CA LEU F 50 -35.28 -12.16 -41.33
C LEU F 50 -35.17 -13.12 -40.20
N THR F 51 -33.94 -13.27 -39.71
CA THR F 51 -33.72 -14.15 -38.60
C THR F 51 -32.76 -13.51 -37.57
N GLY F 52 -33.02 -13.73 -36.28
CA GLY F 52 -32.23 -13.14 -35.20
C GLY F 52 -31.16 -14.06 -34.54
N TYR F 53 -30.15 -13.48 -33.97
CA TYR F 53 -29.27 -14.40 -33.40
C TYR F 53 -28.50 -13.78 -32.28
N GLY F 54 -27.99 -14.69 -31.43
CA GLY F 54 -27.03 -14.44 -30.29
C GLY F 54 -25.86 -15.41 -29.91
N GLN F 55 -24.77 -14.88 -29.47
CA GLN F 55 -23.77 -15.84 -29.13
C GLN F 55 -22.83 -15.31 -28.04
N TRP F 56 -22.44 -16.23 -27.16
CA TRP F 56 -21.80 -15.91 -25.95
C TRP F 56 -20.85 -17.09 -25.69
N GLU F 57 -19.56 -16.79 -25.60
CA GLU F 57 -18.60 -17.79 -25.39
C GLU F 57 -17.78 -17.34 -24.28
N TYR F 58 -17.40 -18.24 -23.38
CA TYR F 58 -16.81 -17.80 -22.08
C TYR F 58 -15.92 -18.87 -21.48
N GLN F 59 -14.64 -18.56 -21.36
CA GLN F 59 -13.79 -19.64 -20.96
C GLN F 59 -13.51 -19.50 -19.46
N ILE F 60 -13.13 -20.56 -18.78
CA ILE F 60 -12.88 -20.40 -17.36
C ILE F 60 -11.70 -21.22 -17.09
N GLN F 61 -10.64 -20.60 -16.48
CA GLN F 61 -9.39 -21.44 -16.33
C GLN F 61 -9.67 -22.66 -15.47
N GLY F 62 -8.97 -23.79 -15.64
CA GLY F 62 -9.38 -24.93 -14.83
C GLY F 62 -8.16 -25.51 -14.29
N ASN F 63 -7.15 -24.67 -14.33
CA ASN F 63 -5.87 -24.95 -13.78
C ASN F 63 -5.47 -24.14 -12.53
N SER F 64 -6.36 -23.69 -11.66
CA SER F 64 -5.86 -23.19 -10.40
C SER F 64 -6.75 -23.40 -9.17
N ALA F 65 -6.26 -23.00 -7.99
CA ALA F 65 -6.86 -23.40 -6.72
C ALA F 65 -8.10 -22.56 -6.56
N GLU F 66 -9.19 -23.22 -6.07
CA GLU F 66 -10.44 -22.63 -5.58
C GLU F 66 -10.20 -21.27 -4.89
N ASN F 67 -8.94 -21.02 -4.55
CA ASN F 67 -8.52 -19.76 -4.13
C ASN F 67 -8.90 -18.58 -5.02
N GLU F 68 -9.11 -18.80 -6.35
CA GLU F 68 -8.49 -17.92 -7.41
C GLU F 68 -9.30 -17.65 -8.66
N ASN F 69 -10.52 -18.11 -8.84
CA ASN F 69 -11.40 -17.17 -9.66
C ASN F 69 -11.61 -17.17 -11.20
N ASN F 70 -10.37 -17.13 -11.76
CA ASN F 70 -10.00 -16.38 -12.92
C ASN F 70 -10.71 -16.19 -14.37
N SER F 71 -10.75 -17.15 -15.34
CA SER F 71 -11.94 -16.98 -16.36
C SER F 71 -12.59 -15.58 -16.94
N TRP F 72 -12.68 -15.38 -18.25
CA TRP F 72 -13.08 -14.12 -18.84
C TRP F 72 -14.07 -14.34 -20.01
N THR F 73 -14.74 -13.26 -20.55
CA THR F 73 -15.75 -13.33 -21.68
C THR F 73 -15.10 -13.28 -23.07
N ARG F 74 -15.44 -14.32 -23.86
CA ARG F 74 -14.79 -14.39 -25.11
C ARG F 74 -15.50 -13.61 -26.23
N VAL F 75 -16.80 -13.76 -26.28
CA VAL F 75 -17.52 -13.25 -27.39
C VAL F 75 -18.93 -13.04 -26.84
N ALA F 76 -19.56 -11.94 -27.28
CA ALA F 76 -20.93 -11.64 -26.81
C ALA F 76 -21.54 -10.58 -27.64
N PHE F 77 -22.54 -11.02 -28.43
CA PHE F 77 -23.22 -10.18 -29.38
C PHE F 77 -24.57 -10.75 -29.87
N ALA F 78 -25.37 -9.86 -30.42
CA ALA F 78 -26.66 -10.16 -30.89
C ALA F 78 -26.56 -9.50 -32.20
N GLY F 79 -27.26 -10.07 -33.21
CA GLY F 79 -27.52 -9.42 -34.52
C GLY F 79 -28.75 -10.04 -35.22
N LEU F 80 -28.87 -9.74 -36.51
CA LEU F 80 -29.98 -9.91 -37.39
C LEU F 80 -29.38 -10.24 -38.77
N LYS F 81 -29.98 -11.20 -39.48
CA LYS F 81 -29.42 -11.84 -40.74
C LYS F 81 -30.63 -11.53 -41.55
N PHE F 82 -30.34 -10.68 -42.50
CA PHE F 82 -31.37 -10.08 -43.36
C PHE F 82 -31.91 -10.93 -44.48
N GLN F 83 -31.12 -11.65 -45.29
CA GLN F 83 -31.58 -12.59 -46.38
C GLN F 83 -30.83 -12.49 -47.71
N ASP F 84 -31.08 -11.47 -48.55
CA ASP F 84 -30.14 -11.14 -49.65
C ASP F 84 -29.15 -10.22 -48.91
N VAL F 85 -29.67 -9.05 -48.51
CA VAL F 85 -28.90 -8.02 -47.77
C VAL F 85 -27.67 -8.44 -47.08
N GLY F 86 -27.78 -9.16 -45.96
CA GLY F 86 -26.56 -9.60 -45.13
C GLY F 86 -26.86 -9.68 -43.64
N SER F 87 -25.82 -9.76 -42.82
CA SER F 87 -26.07 -9.80 -41.36
C SER F 87 -25.50 -8.52 -40.75
N PHE F 88 -26.07 -8.08 -39.60
CA PHE F 88 -25.40 -7.09 -38.68
C PHE F 88 -25.39 -7.54 -37.23
N ASP F 89 -24.29 -7.20 -36.54
CA ASP F 89 -24.18 -7.47 -35.09
C ASP F 89 -23.30 -6.51 -34.46
N TYR F 90 -23.82 -5.97 -33.37
CA TYR F 90 -23.02 -5.28 -32.44
C TYR F 90 -22.60 -6.25 -31.37
N GLY F 91 -21.46 -5.99 -30.72
CA GLY F 91 -21.01 -6.74 -29.52
C GLY F 91 -19.52 -6.97 -29.38
N ARG F 92 -19.16 -7.79 -28.40
CA ARG F 92 -17.72 -8.23 -28.28
C ARG F 92 -17.56 -9.33 -29.32
N ASN F 93 -16.77 -9.10 -30.39
CA ASN F 93 -16.67 -10.06 -31.49
C ASN F 93 -15.31 -10.23 -32.00
N TYR F 94 -15.13 -10.92 -33.17
CA TYR F 94 -13.77 -11.11 -33.82
C TYR F 94 -13.60 -9.99 -34.75
N GLY F 95 -12.39 -9.54 -34.88
CA GLY F 95 -12.20 -8.38 -35.75
C GLY F 95 -12.28 -8.88 -37.15
N VAL F 96 -12.52 -8.00 -38.09
CA VAL F 96 -12.63 -8.51 -39.47
C VAL F 96 -11.31 -9.03 -39.95
N VAL F 97 -10.21 -8.35 -39.61
CA VAL F 97 -8.98 -8.80 -40.13
C VAL F 97 -8.85 -10.32 -39.90
N TYR F 98 -9.69 -10.88 -38.98
CA TYR F 98 -9.61 -12.32 -38.66
C TYR F 98 -10.28 -13.23 -39.72
N ASP F 99 -11.05 -12.67 -40.67
CA ASP F 99 -11.74 -13.42 -41.74
C ASP F 99 -10.70 -14.09 -42.57
N VAL F 100 -9.59 -13.39 -42.80
CA VAL F 100 -8.56 -14.03 -43.58
C VAL F 100 -7.44 -14.53 -42.60
N THR F 101 -7.20 -13.93 -41.44
CA THR F 101 -6.07 -14.46 -40.73
C THR F 101 -6.38 -15.78 -40.10
N SER F 102 -7.59 -16.00 -39.72
CA SER F 102 -8.05 -17.38 -39.30
C SER F 102 -7.77 -18.50 -40.41
N TRP F 103 -7.77 -18.19 -41.72
CA TRP F 103 -7.39 -19.18 -42.73
C TRP F 103 -6.26 -20.00 -42.03
N THR F 104 -5.35 -19.37 -41.22
CA THR F 104 -4.35 -20.26 -40.66
C THR F 104 -4.23 -20.64 -39.24
N ASP F 105 -5.07 -20.07 -38.45
CA ASP F 105 -5.17 -20.45 -37.07
C ASP F 105 -6.03 -21.77 -36.89
N VAL F 106 -5.33 -22.89 -37.00
CA VAL F 106 -5.93 -24.19 -36.84
C VAL F 106 -4.85 -25.16 -36.25
N LEU F 107 -3.78 -24.71 -35.58
CA LEU F 107 -2.89 -25.79 -35.02
C LEU F 107 -3.50 -26.68 -33.93
N PRO F 108 -2.97 -27.89 -33.71
CA PRO F 108 -3.69 -28.56 -32.63
C PRO F 108 -3.83 -27.70 -31.39
N GLU F 109 -2.82 -26.96 -31.05
CA GLU F 109 -2.89 -26.07 -29.85
C GLU F 109 -2.21 -24.63 -30.11
N PHE F 110 -0.95 -24.65 -30.54
CA PHE F 110 -0.28 -23.41 -30.93
C PHE F 110 -0.86 -22.41 -32.05
N GLY F 111 -0.01 -21.57 -32.69
CA GLY F 111 -0.60 -20.69 -33.72
C GLY F 111 -1.54 -19.54 -33.28
N GLY F 112 -2.02 -18.71 -34.22
CA GLY F 112 -2.90 -17.57 -34.06
C GLY F 112 -2.30 -16.49 -33.16
N ASP F 113 -0.94 -16.43 -33.14
CA ASP F 113 -0.20 -15.49 -32.30
C ASP F 113 0.79 -14.63 -32.99
N THR F 114 0.40 -14.12 -34.17
CA THR F 114 1.17 -13.02 -34.73
C THR F 114 0.29 -11.81 -34.55
N TYR F 115 -0.75 -12.00 -33.77
CA TYR F 115 -1.66 -10.98 -33.37
C TYR F 115 -2.21 -11.49 -32.10
N GLY F 116 -3.14 -10.75 -31.45
CA GLY F 116 -3.73 -11.14 -30.10
C GLY F 116 -5.19 -10.71 -29.81
N SER F 117 -5.63 -10.68 -28.54
CA SER F 117 -6.98 -10.20 -28.13
C SER F 117 -7.02 -8.77 -27.76
N ASP F 118 -8.02 -7.97 -28.16
CA ASP F 118 -8.08 -6.59 -27.74
C ASP F 118 -6.80 -6.00 -28.27
N ASN F 119 -6.57 -6.27 -29.54
CA ASN F 119 -5.45 -5.83 -30.29
C ASN F 119 -6.03 -5.10 -31.57
N PHE F 120 -6.65 -3.93 -31.34
CA PHE F 120 -7.40 -3.22 -32.38
C PHE F 120 -8.35 -4.18 -33.03
N MET F 121 -8.27 -4.37 -34.34
CA MET F 121 -9.24 -5.28 -34.94
C MET F 121 -8.64 -6.53 -35.47
N GLN F 122 -7.39 -6.77 -35.13
CA GLN F 122 -6.87 -7.99 -35.57
C GLN F 122 -7.64 -9.24 -35.10
N GLN F 123 -8.07 -9.28 -33.86
CA GLN F 123 -8.69 -10.50 -33.33
C GLN F 123 -9.52 -9.87 -32.24
N ARG F 124 -10.75 -10.37 -32.06
CA ARG F 124 -11.44 -10.28 -30.73
C ARG F 124 -11.18 -9.09 -29.77
N GLY F 125 -12.23 -8.31 -29.57
CA GLY F 125 -12.21 -7.16 -28.76
C GLY F 125 -13.64 -6.68 -28.63
N ASN F 126 -13.79 -5.57 -27.88
CA ASN F 126 -15.05 -4.98 -27.45
C ASN F 126 -15.44 -3.97 -28.41
N GLY F 127 -16.74 -3.82 -28.55
CA GLY F 127 -17.38 -2.71 -29.42
C GLY F 127 -17.49 -2.74 -30.95
N PHE F 128 -17.70 -3.96 -31.42
CA PHE F 128 -17.68 -4.23 -32.90
C PHE F 128 -19.09 -4.22 -33.64
N ALA F 129 -19.22 -3.38 -34.61
CA ALA F 129 -20.42 -3.43 -35.34
C ALA F 129 -19.95 -3.98 -36.65
N THR F 130 -20.59 -5.08 -37.02
CA THR F 130 -20.20 -5.78 -38.19
C THR F 130 -21.23 -6.06 -39.22
N TYR F 131 -20.90 -5.79 -40.46
CA TYR F 131 -21.79 -6.13 -41.55
C TYR F 131 -21.15 -7.19 -42.42
N ARG F 132 -21.89 -8.30 -42.61
CA ARG F 132 -21.40 -9.33 -43.48
C ARG F 132 -22.37 -9.72 -44.53
N ASN F 133 -21.79 -9.97 -45.68
CA ASN F 133 -22.50 -10.35 -46.84
C ASN F 133 -21.84 -11.58 -47.50
N THR F 134 -22.72 -12.48 -47.95
CA THR F 134 -22.35 -13.82 -48.23
C THR F 134 -21.96 -14.31 -49.71
N ASP F 135 -22.82 -14.08 -50.70
CA ASP F 135 -22.19 -14.30 -51.99
C ASP F 135 -22.60 -13.07 -52.73
N PHE F 136 -21.78 -12.03 -52.52
CA PHE F 136 -22.13 -10.71 -52.99
C PHE F 136 -23.59 -10.71 -53.44
N PHE F 137 -24.49 -10.81 -52.47
CA PHE F 137 -25.96 -10.70 -52.58
C PHE F 137 -26.70 -11.86 -53.30
N GLY F 138 -26.06 -13.02 -53.32
CA GLY F 138 -26.74 -14.17 -53.86
C GLY F 138 -26.42 -14.16 -55.31
N LEU F 139 -25.65 -13.20 -55.67
CA LEU F 139 -25.47 -13.00 -57.04
C LEU F 139 -23.90 -13.01 -57.49
N VAL F 140 -23.13 -14.01 -57.12
CA VAL F 140 -21.75 -14.24 -57.51
C VAL F 140 -21.35 -14.94 -56.22
N ASP F 141 -20.66 -16.01 -56.38
CA ASP F 141 -20.91 -17.02 -55.46
C ASP F 141 -19.62 -17.51 -54.79
N GLY F 142 -19.59 -17.38 -53.47
CA GLY F 142 -18.38 -17.58 -52.66
C GLY F 142 -17.47 -16.38 -52.83
N LEU F 143 -18.10 -15.25 -53.12
CA LEU F 143 -17.47 -13.93 -53.02
C LEU F 143 -18.19 -13.37 -51.90
N ASN F 144 -17.44 -12.89 -50.90
CA ASN F 144 -18.05 -12.08 -49.86
C ASN F 144 -17.10 -11.29 -49.13
N PHE F 145 -17.75 -10.43 -48.37
CA PHE F 145 -17.11 -9.27 -47.77
C PHE F 145 -17.86 -8.66 -46.50
N ALA F 146 -17.12 -7.87 -45.75
CA ALA F 146 -17.50 -7.56 -44.43
C ALA F 146 -16.93 -6.19 -44.29
N VAL F 147 -17.64 -5.36 -43.61
CA VAL F 147 -17.08 -4.19 -43.25
C VAL F 147 -17.43 -4.11 -41.78
N GLN F 148 -16.58 -3.40 -41.05
CA GLN F 148 -16.84 -3.24 -39.66
C GLN F 148 -16.17 -2.03 -39.04
N TYR F 149 -16.86 -1.44 -38.06
CA TYR F 149 -16.51 -0.26 -37.37
C TYR F 149 -16.37 -0.62 -35.91
N GLN F 150 -15.25 -0.25 -35.30
CA GLN F 150 -15.19 -0.33 -33.79
C GLN F 150 -15.01 0.96 -32.93
N GLY F 151 -15.87 1.21 -31.97
CA GLY F 151 -15.72 2.43 -31.21
C GLY F 151 -14.57 2.38 -30.24
N LYS F 152 -13.99 3.56 -30.01
CA LYS F 152 -12.95 3.73 -29.07
C LYS F 152 -13.13 2.86 -27.81
N ASN F 153 -12.27 1.98 -27.30
CA ASN F 153 -12.47 1.54 -25.89
C ASN F 153 -11.23 2.13 -25.11
N GLY F 154 -11.38 3.27 -24.38
CA GLY F 154 -10.23 4.08 -23.98
C GLY F 154 -9.61 3.74 -22.61
N ASN F 155 -9.77 4.67 -21.67
CA ASN F 155 -8.99 4.56 -20.42
C ASN F 155 -9.85 3.99 -19.44
N PRO F 156 -9.31 3.23 -18.45
CA PRO F 156 -10.19 3.15 -17.33
C PRO F 156 -10.45 4.62 -16.80
N SER F 157 -9.35 5.58 -16.88
CA SER F 157 -8.72 7.00 -16.12
C SER F 157 -9.36 8.47 -15.66
N GLY F 158 -8.73 9.62 -16.08
CA GLY F 158 -9.22 11.04 -15.82
C GLY F 158 -8.88 12.08 -16.98
N GLU F 159 -8.97 11.52 -18.18
CA GLU F 159 -8.72 12.15 -19.52
C GLU F 159 -8.99 11.07 -20.71
N GLY F 160 -10.10 11.11 -21.38
CA GLY F 160 -10.49 9.92 -22.22
C GLY F 160 -11.22 8.70 -21.52
N PHE F 161 -11.72 8.73 -20.20
CA PHE F 161 -12.26 7.50 -19.45
C PHE F 161 -13.10 6.94 -20.74
N THR F 162 -13.54 5.66 -20.64
CA THR F 162 -14.74 5.19 -21.29
C THR F 162 -15.44 4.27 -20.23
N SER F 163 -16.78 4.32 -20.13
CA SER F 163 -17.54 3.28 -19.53
C SER F 163 -16.59 2.09 -19.29
N GLY F 164 -16.38 1.32 -20.32
CA GLY F 164 -15.98 -0.05 -20.14
C GLY F 164 -14.77 0.15 -20.87
N VAL F 165 -13.71 0.04 -20.09
CA VAL F 165 -12.37 0.30 -20.48
C VAL F 165 -11.11 -0.27 -19.71
N THR F 166 -9.91 0.26 -20.05
CA THR F 166 -8.89 -0.68 -19.98
C THR F 166 -7.49 -0.12 -20.04
N ASN F 167 -6.43 -0.90 -19.71
CA ASN F 167 -4.94 -0.53 -19.98
C ASN F 167 -4.61 -0.74 -21.40
N ASN F 168 -3.33 -0.75 -21.87
CA ASN F 168 -3.29 -0.52 -23.37
C ASN F 168 -2.51 -1.27 -24.28
N GLY F 169 -1.71 -2.17 -23.72
CA GLY F 169 -1.71 -3.44 -24.53
C GLY F 169 -3.29 -3.41 -25.04
N ARG F 170 -4.29 -2.78 -24.36
CA ARG F 170 -5.60 -2.91 -24.84
C ARG F 170 -6.56 -1.80 -25.42
N ASP F 171 -6.20 -0.48 -25.64
CA ASP F 171 -7.16 0.41 -26.44
C ASP F 171 -7.24 0.20 -28.03
N GLY F 181 -12.66 -1.35 -40.09
CA GLY F 181 -12.13 -2.37 -40.92
C GLY F 181 -12.88 -3.00 -42.12
N GLY F 182 -12.13 -3.66 -42.99
CA GLY F 182 -12.88 -4.61 -43.88
C GLY F 182 -12.30 -5.86 -44.53
N SER F 183 -13.15 -6.64 -45.20
CA SER F 183 -12.55 -7.80 -45.92
C SER F 183 -13.43 -8.33 -47.06
N ILE F 184 -12.77 -8.87 -48.10
CA ILE F 184 -13.43 -9.56 -49.22
C ILE F 184 -12.75 -10.97 -49.39
N THR F 185 -13.44 -12.01 -49.84
CA THR F 185 -12.71 -13.28 -49.95
C THR F 185 -13.35 -14.17 -50.99
N TYR F 186 -12.49 -14.86 -51.74
CA TYR F 186 -13.08 -15.49 -52.82
C TYR F 186 -12.95 -17.02 -52.83
N ASP F 187 -13.98 -17.69 -53.42
CA ASP F 187 -14.16 -19.21 -53.50
C ASP F 187 -13.95 -20.35 -54.58
N TYR F 188 -14.53 -20.38 -55.78
CA TYR F 188 -14.24 -21.59 -56.72
C TYR F 188 -13.61 -22.90 -56.03
N GLU F 189 -14.47 -23.78 -55.52
CA GLU F 189 -14.10 -25.02 -54.79
C GLU F 189 -12.62 -25.33 -54.28
N GLY F 190 -12.39 -25.18 -52.94
CA GLY F 190 -11.06 -25.22 -52.31
C GLY F 190 -10.37 -24.07 -52.99
N PHE F 191 -9.41 -23.47 -52.37
CA PHE F 191 -8.76 -22.23 -52.92
C PHE F 191 -9.53 -21.13 -52.33
N GLY F 192 -8.86 -20.27 -51.57
CA GLY F 192 -9.53 -19.07 -51.08
C GLY F 192 -8.56 -18.03 -51.37
N ILE F 193 -8.97 -16.90 -51.91
CA ILE F 193 -8.08 -15.66 -51.77
C ILE F 193 -8.84 -14.93 -50.72
N GLY F 194 -8.16 -14.03 -49.98
CA GLY F 194 -8.94 -13.27 -49.04
C GLY F 194 -7.98 -12.23 -48.78
N GLY F 195 -8.43 -10.98 -48.92
CA GLY F 195 -7.75 -9.76 -48.42
C GLY F 195 -8.53 -9.22 -47.22
N ALA F 196 -7.85 -8.49 -46.36
CA ALA F 196 -8.59 -7.72 -45.32
C ALA F 196 -7.71 -6.57 -45.06
N ILE F 197 -8.31 -5.37 -45.02
CA ILE F 197 -7.57 -4.09 -44.71
C ILE F 197 -8.17 -3.46 -43.45
N SER F 198 -7.40 -2.91 -42.54
CA SER F 198 -8.07 -2.31 -41.35
C SER F 198 -7.37 -1.05 -40.79
N SER F 199 -8.05 -0.16 -40.08
CA SER F 199 -7.27 1.02 -39.60
C SER F 199 -7.74 1.59 -38.31
N SER F 200 -6.99 1.81 -37.24
CA SER F 200 -7.70 2.34 -36.01
C SER F 200 -7.05 3.56 -35.42
N LYS F 201 -7.80 4.64 -35.18
CA LYS F 201 -7.12 5.84 -34.61
C LYS F 201 -6.49 5.28 -33.32
N ARG F 202 -5.34 5.68 -32.82
CA ARG F 202 -4.86 5.05 -31.53
C ARG F 202 -4.83 6.03 -30.30
N THR F 203 -5.31 5.65 -29.16
CA THR F 203 -5.48 6.61 -28.07
C THR F 203 -4.22 7.28 -27.53
N ASP F 204 -4.29 8.52 -27.03
CA ASP F 204 -3.08 9.25 -26.48
C ASP F 204 -2.51 8.38 -25.38
N ALA F 205 -3.30 7.58 -24.70
CA ALA F 205 -2.72 6.75 -23.68
C ALA F 205 -1.74 5.84 -24.34
N GLN F 206 -2.09 5.22 -25.47
CA GLN F 206 -1.16 4.28 -26.09
C GLN F 206 -0.01 4.96 -26.74
N ASN F 207 -0.02 6.27 -26.72
CA ASN F 207 1.03 7.01 -27.41
C ASN F 207 1.92 7.83 -26.53
N THR F 208 2.81 7.19 -25.74
CA THR F 208 3.53 8.01 -24.73
C THR F 208 4.89 7.51 -24.41
N ALA F 209 5.76 7.25 -25.35
CA ALA F 209 7.15 7.03 -24.87
C ALA F 209 7.24 6.05 -23.71
N ALA F 210 6.18 5.31 -23.49
CA ALA F 210 6.30 4.10 -22.71
C ALA F 210 6.40 3.01 -23.81
N TYR F 211 6.97 1.92 -23.33
CA TYR F 211 7.90 1.27 -24.25
C TYR F 211 7.88 1.66 -25.90
N ILE F 212 6.81 1.61 -26.78
CA ILE F 212 7.11 1.68 -28.24
C ILE F 212 6.11 1.72 -29.47
N GLY F 213 6.24 2.69 -30.38
CA GLY F 213 5.27 3.17 -31.38
C GLY F 213 5.07 4.74 -31.50
N ASN F 214 5.49 5.34 -32.61
CA ASN F 214 4.96 6.69 -32.89
C ASN F 214 3.54 6.34 -33.24
N GLY F 215 2.74 6.08 -32.26
CA GLY F 215 1.44 5.61 -32.72
C GLY F 215 0.41 6.57 -33.32
N ASP F 216 0.36 6.71 -34.65
CA ASP F 216 -0.82 7.40 -35.16
C ASP F 216 -2.11 6.62 -35.41
N ARG F 217 -2.30 5.92 -36.53
CA ARG F 217 -3.43 4.98 -36.63
C ARG F 217 -2.82 3.59 -36.41
N ALA F 218 -3.56 2.50 -36.31
CA ALA F 218 -2.84 1.18 -36.40
C ALA F 218 -3.35 0.44 -37.64
N GLU F 219 -2.42 0.04 -38.45
CA GLU F 219 -2.85 -0.38 -39.67
C GLU F 219 -2.39 -1.74 -39.87
N THR F 220 -3.25 -2.66 -40.39
CA THR F 220 -2.81 -4.04 -40.76
C THR F 220 -3.27 -4.37 -42.13
N TYR F 221 -2.53 -5.11 -42.94
CA TYR F 221 -2.87 -5.15 -44.47
C TYR F 221 -2.59 -6.56 -44.77
N THR F 222 -3.66 -7.23 -45.29
CA THR F 222 -3.69 -8.67 -45.23
C THR F 222 -4.35 -9.55 -46.35
N GLY F 223 -3.48 -10.37 -46.96
CA GLY F 223 -3.90 -11.25 -47.96
C GLY F 223 -3.71 -12.64 -47.42
N GLY F 224 -4.53 -13.54 -47.88
CA GLY F 224 -4.28 -14.90 -47.57
C GLY F 224 -4.88 -15.83 -48.59
N LEU F 225 -4.36 -17.08 -48.53
CA LEU F 225 -4.52 -18.16 -49.55
C LEU F 225 -4.84 -19.47 -48.84
N LYS F 226 -5.68 -20.27 -49.43
CA LYS F 226 -5.95 -21.51 -48.83
C LYS F 226 -6.63 -22.42 -49.82
N TYR F 227 -6.60 -23.68 -49.44
CA TYR F 227 -6.84 -24.70 -50.39
C TYR F 227 -7.32 -25.74 -49.54
N ASP F 228 -8.53 -26.20 -49.76
CA ASP F 228 -9.09 -27.12 -48.77
C ASP F 228 -10.20 -28.13 -49.26
N ALA F 229 -9.90 -29.42 -49.34
CA ALA F 229 -10.76 -30.33 -50.11
C ALA F 229 -10.04 -31.62 -50.26
N ASN F 230 -10.81 -32.70 -50.13
CA ASN F 230 -10.20 -34.06 -49.95
C ASN F 230 -9.09 -34.01 -48.94
N ASN F 231 -9.40 -33.90 -47.66
CA ASN F 231 -8.40 -34.15 -46.61
C ASN F 231 -7.11 -33.33 -46.53
N ILE F 232 -6.90 -32.47 -47.51
CA ILE F 232 -5.68 -31.78 -47.52
C ILE F 232 -6.13 -30.46 -47.02
N TYR F 233 -5.40 -29.96 -46.05
CA TYR F 233 -5.61 -28.61 -45.75
C TYR F 233 -4.35 -27.81 -45.90
N LEU F 234 -4.35 -26.88 -46.84
CA LEU F 234 -3.26 -25.99 -47.09
C LEU F 234 -3.69 -24.46 -46.96
N ALA F 235 -2.81 -23.64 -46.30
CA ALA F 235 -3.11 -22.20 -46.19
C ALA F 235 -2.03 -21.28 -45.76
N ALA F 236 -2.15 -20.02 -46.18
CA ALA F 236 -1.15 -18.97 -45.74
C ALA F 236 -1.83 -17.67 -45.65
N GLN F 237 -1.23 -16.90 -44.79
CA GLN F 237 -1.73 -15.64 -44.48
C GLN F 237 -0.51 -14.80 -44.37
N TYR F 238 -0.59 -13.67 -45.02
CA TYR F 238 0.52 -12.74 -44.90
C TYR F 238 -0.07 -11.37 -44.72
N THR F 239 0.53 -10.66 -43.76
CA THR F 239 0.04 -9.41 -43.34
C THR F 239 1.04 -8.63 -42.62
N GLN F 240 1.15 -7.38 -43.05
CA GLN F 240 1.96 -6.41 -42.31
C GLN F 240 1.18 -5.30 -41.84
N THR F 241 1.51 -5.01 -40.62
CA THR F 241 0.87 -4.10 -39.84
C THR F 241 1.74 -2.89 -39.58
N TYR F 242 1.10 -1.77 -39.28
CA TYR F 242 1.77 -0.53 -38.83
C TYR F 242 1.18 -0.08 -37.52
N ASN F 243 2.07 0.02 -36.54
CA ASN F 243 1.66 0.48 -35.23
C ASN F 243 0.66 -0.44 -34.48
N ALA F 244 0.68 -1.74 -34.76
CA ALA F 244 -0.40 -2.63 -34.23
C ALA F 244 -0.04 -4.07 -33.78
N THR F 245 1.21 -4.47 -33.84
CA THR F 245 1.59 -5.74 -33.30
C THR F 245 2.24 -5.62 -31.90
N ARG F 246 1.49 -5.95 -30.87
CA ARG F 246 2.07 -6.00 -29.52
C ARG F 246 3.42 -6.70 -29.58
N VAL F 247 4.42 -6.15 -28.87
CA VAL F 247 5.88 -6.55 -28.90
C VAL F 247 6.11 -6.63 -27.43
N GLY F 248 5.70 -7.78 -26.95
CA GLY F 248 5.76 -8.13 -25.55
C GLY F 248 4.68 -7.34 -24.89
N SER F 249 5.15 -6.62 -23.89
CA SER F 249 4.37 -5.64 -23.18
C SER F 249 5.12 -4.37 -23.40
N LEU F 250 5.84 -4.31 -24.48
CA LEU F 250 6.61 -3.13 -24.67
C LEU F 250 5.75 -2.15 -25.40
N GLY F 251 4.50 -2.49 -25.68
CA GLY F 251 3.75 -1.55 -26.47
C GLY F 251 3.93 -2.02 -27.89
N TRP F 252 3.89 -1.14 -28.88
CA TRP F 252 3.59 -1.74 -30.19
C TRP F 252 4.83 -1.74 -31.16
N ALA F 253 4.70 -2.31 -32.38
CA ALA F 253 5.81 -2.46 -33.34
C ALA F 253 5.71 -1.54 -34.55
N ASN F 254 6.50 -0.53 -34.77
CA ASN F 254 6.18 0.36 -35.92
C ASN F 254 5.79 -0.19 -37.32
N LYS F 255 6.62 -1.09 -37.85
CA LYS F 255 6.26 -1.93 -38.98
C LYS F 255 6.45 -3.38 -38.43
N ALA F 256 5.71 -4.36 -38.98
CA ALA F 256 6.02 -5.76 -38.70
C ALA F 256 5.47 -6.57 -39.87
N GLN F 257 6.19 -7.62 -40.23
CA GLN F 257 5.68 -8.46 -41.27
C GLN F 257 5.41 -9.78 -40.61
N ASN F 258 4.17 -10.22 -40.75
CA ASN F 258 3.83 -11.52 -40.27
C ASN F 258 3.36 -12.46 -41.38
N PHE F 259 3.93 -13.67 -41.31
CA PHE F 259 3.73 -14.71 -42.23
C PHE F 259 3.44 -15.97 -41.45
N GLU F 260 2.52 -16.81 -42.00
CA GLU F 260 2.02 -18.03 -41.35
C GLU F 260 1.41 -19.13 -42.27
N ALA F 261 2.11 -20.26 -42.40
CA ALA F 261 1.57 -21.30 -43.33
C ALA F 261 1.45 -22.65 -42.60
N VAL F 262 0.31 -23.30 -42.85
CA VAL F 262 0.01 -24.56 -42.20
C VAL F 262 -0.19 -25.60 -43.24
N ALA F 263 0.21 -26.81 -42.87
CA ALA F 263 -0.16 -27.86 -43.78
C ALA F 263 -0.69 -29.15 -43.09
N GLN F 264 -1.86 -29.57 -43.54
CA GLN F 264 -2.42 -30.72 -42.85
C GLN F 264 -3.21 -31.74 -43.72
N TYR F 265 -3.35 -32.92 -43.14
CA TYR F 265 -4.10 -33.92 -43.78
C TYR F 265 -4.97 -34.61 -42.80
N GLN F 266 -6.21 -34.75 -43.21
CA GLN F 266 -7.21 -35.29 -42.32
C GLN F 266 -7.44 -36.76 -42.59
N PHE F 267 -7.07 -37.63 -41.68
CA PHE F 267 -7.18 -39.02 -42.09
C PHE F 267 -8.52 -39.56 -41.76
N ASP F 268 -8.91 -40.46 -42.63
CA ASP F 268 -10.20 -41.17 -42.65
C ASP F 268 -10.47 -41.63 -41.22
N PHE F 269 -9.49 -42.26 -40.61
CA PHE F 269 -9.66 -42.86 -39.28
C PHE F 269 -9.53 -41.86 -38.14
N GLY F 270 -8.96 -40.71 -38.38
CA GLY F 270 -9.14 -39.71 -37.33
C GLY F 270 -7.98 -38.86 -36.92
N LEU F 271 -6.80 -39.12 -37.45
CA LEU F 271 -5.63 -38.52 -36.95
C LEU F 271 -5.40 -37.53 -38.06
N ARG F 272 -4.71 -36.45 -37.72
CA ARG F 272 -4.71 -35.31 -38.57
C ARG F 272 -3.54 -34.55 -38.10
N PRO F 273 -2.39 -34.82 -38.76
CA PRO F 273 -1.09 -34.18 -38.48
C PRO F 273 -1.17 -32.79 -39.07
N SER F 274 -0.36 -31.90 -38.43
CA SER F 274 -0.19 -30.58 -39.05
C SER F 274 1.28 -30.23 -38.99
N LEU F 275 1.78 -29.35 -39.86
CA LEU F 275 3.19 -28.90 -39.91
C LEU F 275 2.94 -27.44 -40.33
N ALA F 276 3.63 -26.50 -39.68
CA ALA F 276 3.29 -25.10 -39.78
C ALA F 276 4.47 -24.23 -39.59
N TYR F 277 4.48 -23.13 -40.30
CA TYR F 277 5.53 -22.17 -39.96
C TYR F 277 4.84 -20.93 -39.59
N LEU F 278 5.49 -20.17 -38.69
CA LEU F 278 5.03 -18.82 -38.43
C LEU F 278 6.19 -17.91 -38.11
N GLN F 279 6.09 -16.67 -38.61
CA GLN F 279 6.95 -15.69 -37.99
C GLN F 279 6.50 -14.30 -38.09
N SER F 280 7.15 -13.49 -37.30
CA SER F 280 6.80 -12.12 -37.18
C SER F 280 8.00 -11.22 -37.08
N LYS F 281 8.19 -10.46 -38.14
CA LYS F 281 9.44 -9.74 -38.29
C LYS F 281 9.25 -8.26 -37.94
N GLY F 282 9.83 -7.85 -36.81
CA GLY F 282 9.65 -6.45 -36.36
C GLY F 282 10.54 -5.60 -37.26
N LYS F 283 10.00 -4.62 -37.93
CA LYS F 283 10.85 -3.75 -38.71
C LYS F 283 10.98 -2.46 -37.96
N ASN F 284 12.00 -1.70 -38.25
CA ASN F 284 12.30 -0.41 -37.54
C ASN F 284 11.71 -0.20 -36.11
N LEU F 285 12.13 -0.99 -35.12
CA LEU F 285 11.38 -0.91 -33.89
C LEU F 285 11.87 0.27 -33.22
N GLY F 286 11.26 0.75 -32.14
CA GLY F 286 12.06 1.84 -31.51
C GLY F 286 13.37 1.47 -30.69
N ARG F 287 13.70 2.39 -29.77
CA ARG F 287 14.34 2.20 -28.45
C ARG F 287 15.51 1.19 -28.45
N GLY F 288 16.38 1.41 -29.47
CA GLY F 288 17.51 0.46 -29.88
C GLY F 288 16.91 -0.64 -30.74
N TYR F 289 17.20 -1.88 -30.45
CA TYR F 289 16.38 -2.96 -31.08
C TYR F 289 16.33 -3.10 -32.62
N ASP F 290 15.84 -2.09 -33.36
CA ASP F 290 15.98 -2.16 -34.81
C ASP F 290 15.04 -3.02 -35.64
N ASP F 291 15.64 -4.04 -36.28
CA ASP F 291 14.91 -5.06 -36.95
C ASP F 291 15.07 -6.19 -36.02
N GLU F 292 13.99 -6.99 -35.80
CA GLU F 292 13.95 -8.00 -34.74
C GLU F 292 12.71 -8.92 -34.66
N ASP F 293 12.93 -10.23 -34.57
CA ASP F 293 11.85 -11.17 -34.64
C ASP F 293 11.03 -11.23 -33.38
N ILE F 294 9.70 -10.97 -33.51
CA ILE F 294 8.72 -10.96 -32.38
C ILE F 294 8.30 -12.45 -32.06
N LEU F 295 8.27 -13.25 -33.11
CA LEU F 295 7.89 -14.61 -33.00
C LEU F 295 8.49 -15.26 -34.20
N LYS F 296 8.88 -16.52 -34.04
CA LYS F 296 9.48 -17.36 -35.07
C LYS F 296 9.52 -18.85 -34.55
N TYR F 297 8.79 -19.73 -35.23
CA TYR F 297 8.70 -21.11 -34.73
C TYR F 297 8.14 -22.07 -35.70
N VAL F 298 8.75 -23.29 -35.71
CA VAL F 298 8.13 -24.27 -36.55
C VAL F 298 7.19 -24.93 -35.71
N ASP F 299 5.99 -24.97 -36.19
CA ASP F 299 5.08 -25.83 -35.42
C ASP F 299 4.98 -27.31 -36.00
N VAL F 300 5.06 -28.30 -35.11
CA VAL F 300 4.90 -29.65 -35.50
C VAL F 300 3.96 -30.30 -34.48
N GLY F 301 2.94 -30.99 -34.96
CA GLY F 301 2.00 -31.51 -34.03
C GLY F 301 0.89 -32.32 -34.64
N ALA F 302 0.12 -32.97 -33.73
CA ALA F 302 -1.04 -33.71 -34.23
C ALA F 302 -2.13 -33.85 -33.26
N THR F 303 -3.34 -34.01 -33.77
CA THR F 303 -4.58 -34.25 -32.96
C THR F 303 -5.28 -35.54 -33.55
N TYR F 304 -6.06 -36.20 -32.73
CA TYR F 304 -6.59 -37.47 -33.14
C TYR F 304 -8.03 -37.32 -32.79
N TYR F 305 -9.00 -37.42 -33.74
CA TYR F 305 -10.46 -37.38 -33.38
C TYR F 305 -11.13 -38.71 -32.93
N PHE F 306 -11.38 -38.89 -31.61
CA PHE F 306 -12.18 -40.14 -31.28
C PHE F 306 -13.46 -40.16 -32.08
N ASN F 307 -14.18 -39.06 -32.03
CA ASN F 307 -15.30 -38.85 -32.90
C ASN F 307 -15.57 -37.37 -32.88
N LYS F 308 -16.78 -36.94 -33.26
CA LYS F 308 -16.95 -35.46 -33.22
C LYS F 308 -17.25 -34.80 -31.87
N ASN F 309 -16.62 -35.24 -30.82
CA ASN F 309 -17.18 -35.00 -29.50
C ASN F 309 -16.13 -35.13 -28.42
N MET F 310 -14.95 -35.73 -28.80
CA MET F 310 -13.76 -36.11 -27.96
C MET F 310 -12.55 -36.32 -28.80
N SER F 311 -11.34 -35.99 -28.27
CA SER F 311 -10.10 -36.18 -29.01
C SER F 311 -8.91 -35.86 -28.19
N THR F 312 -7.71 -36.24 -28.69
CA THR F 312 -6.46 -35.85 -28.03
C THR F 312 -5.62 -35.25 -29.02
N TYR F 313 -4.68 -34.41 -28.53
CA TYR F 313 -3.71 -33.77 -29.42
C TYR F 313 -2.47 -33.65 -28.71
N VAL F 314 -1.43 -33.67 -29.52
CA VAL F 314 -0.10 -33.24 -29.28
C VAL F 314 0.23 -32.08 -30.21
N ASP F 315 0.95 -31.19 -29.54
CA ASP F 315 1.56 -30.09 -30.20
C ASP F 315 2.87 -29.74 -29.62
N TYR F 316 3.74 -29.39 -30.56
CA TYR F 316 5.18 -29.20 -30.37
C TYR F 316 5.73 -27.95 -31.13
N LYS F 317 5.96 -26.85 -30.35
CA LYS F 317 6.42 -25.50 -30.91
C LYS F 317 7.89 -25.65 -30.74
N ILE F 318 8.60 -25.64 -31.88
CA ILE F 318 10.08 -25.76 -31.99
C ILE F 318 10.46 -24.28 -32.18
N ASN F 319 10.93 -23.69 -31.08
CA ASN F 319 10.82 -22.29 -31.06
C ASN F 319 12.04 -21.51 -31.57
N LEU F 320 11.94 -20.98 -32.76
CA LEU F 320 13.18 -20.59 -33.39
C LEU F 320 13.74 -19.21 -33.01
N LEU F 321 13.43 -18.65 -31.84
CA LEU F 321 14.02 -17.37 -31.36
C LEU F 321 15.19 -17.48 -30.39
N ASP F 322 16.20 -16.60 -30.47
CA ASP F 322 17.25 -16.46 -29.40
C ASP F 322 16.85 -15.52 -28.28
N ASP F 323 17.13 -15.86 -27.03
CA ASP F 323 17.29 -14.82 -26.00
C ASP F 323 18.12 -13.57 -26.27
N ASN F 324 17.67 -12.36 -25.91
CA ASN F 324 18.47 -11.09 -25.97
C ASN F 324 17.83 -9.92 -25.22
N GLN F 325 18.58 -8.86 -24.81
CA GLN F 325 17.92 -7.90 -23.90
C GLN F 325 16.56 -7.58 -24.60
N PHE F 326 16.40 -8.04 -25.87
CA PHE F 326 15.11 -7.79 -26.60
C PHE F 326 14.02 -8.65 -26.19
N THR F 327 14.12 -9.92 -26.51
CA THR F 327 13.01 -10.81 -26.24
C THR F 327 12.70 -10.64 -24.75
N ARG F 328 13.63 -11.13 -23.91
CA ARG F 328 13.80 -10.69 -22.50
C ARG F 328 13.03 -9.37 -22.18
N ASP F 329 13.39 -8.26 -22.78
CA ASP F 329 12.70 -7.01 -22.47
C ASP F 329 11.28 -7.15 -22.63
N ALA F 330 10.90 -7.69 -23.72
CA ALA F 330 9.55 -7.79 -24.06
C ALA F 330 8.84 -8.90 -23.25
N GLY F 331 9.61 -9.76 -22.62
CA GLY F 331 9.09 -11.01 -22.06
C GLY F 331 8.42 -11.78 -23.18
N ILE F 332 9.13 -12.19 -24.19
CA ILE F 332 8.54 -12.94 -25.28
C ILE F 332 9.09 -14.32 -25.07
N ASN F 333 8.26 -15.34 -25.20
CA ASN F 333 8.79 -16.69 -24.89
C ASN F 333 9.61 -17.10 -26.04
N THR F 334 10.76 -17.66 -25.71
CA THR F 334 11.73 -18.11 -26.66
C THR F 334 11.94 -19.60 -26.56
N ASP F 335 11.79 -20.28 -25.44
CA ASP F 335 11.88 -21.79 -25.48
C ASP F 335 10.80 -22.49 -26.24
N ASN F 336 11.05 -23.77 -26.52
CA ASN F 336 10.06 -24.70 -27.09
C ASN F 336 8.97 -24.94 -26.07
N ILE F 337 7.87 -25.53 -26.46
CA ILE F 337 7.02 -26.04 -25.42
C ILE F 337 6.41 -27.28 -26.10
N VAL F 338 5.79 -28.17 -25.33
CA VAL F 338 4.93 -29.24 -25.95
C VAL F 338 3.59 -29.25 -25.23
N ALA F 339 2.58 -29.51 -26.02
CA ALA F 339 1.37 -29.54 -25.31
C ALA F 339 0.75 -30.85 -25.54
N LEU F 340 0.13 -31.39 -24.51
CA LEU F 340 -0.62 -32.65 -24.54
C LEU F 340 -1.95 -32.29 -24.08
N GLY F 341 -2.95 -32.69 -24.83
CA GLY F 341 -4.31 -32.38 -24.37
C GLY F 341 -5.20 -33.56 -24.58
N LEU F 342 -6.22 -33.65 -23.76
CA LEU F 342 -7.36 -34.59 -23.89
C LEU F 342 -8.63 -33.73 -23.83
N VAL F 343 -9.56 -33.91 -24.75
CA VAL F 343 -10.63 -32.93 -24.75
C VAL F 343 -11.88 -33.67 -24.99
N TYR F 344 -12.94 -33.19 -24.35
CA TYR F 344 -14.30 -33.65 -24.43
C TYR F 344 -15.09 -32.37 -24.59
N GLN F 345 -15.82 -32.28 -25.74
CA GLN F 345 -16.70 -31.14 -26.15
C GLN F 345 -18.15 -31.57 -26.43
N PHE F 346 -19.09 -30.76 -26.00
CA PHE F 346 -20.45 -31.01 -26.28
C PHE F 346 -20.99 -29.87 -27.17
N ALA G 1 -35.41 -20.68 -21.73
CA ALA G 1 -35.97 -21.75 -22.60
C ALA G 1 -36.17 -22.86 -21.68
N GLU G 2 -37.44 -23.32 -21.60
CA GLU G 2 -37.84 -24.62 -20.99
C GLU G 2 -37.04 -25.84 -21.57
N VAL G 3 -35.76 -25.98 -21.20
CA VAL G 3 -34.96 -27.16 -21.51
C VAL G 3 -35.61 -28.40 -20.84
N TYR G 4 -34.92 -29.24 -20.02
CA TYR G 4 -35.64 -30.31 -19.21
C TYR G 4 -37.09 -30.02 -18.64
N ASN G 5 -37.93 -31.05 -18.72
CA ASN G 5 -39.25 -31.04 -18.10
C ASN G 5 -39.89 -32.47 -18.04
N LYS G 6 -39.51 -33.28 -17.07
CA LYS G 6 -39.91 -34.67 -17.06
C LYS G 6 -40.33 -35.04 -15.63
N ASP G 7 -41.49 -35.70 -15.52
CA ASP G 7 -42.10 -36.11 -14.18
C ASP G 7 -41.95 -35.06 -12.98
N GLY G 8 -43.00 -34.25 -12.76
CA GLY G 8 -43.03 -33.25 -11.66
C GLY G 8 -42.09 -32.07 -11.96
N ASN G 9 -40.81 -32.36 -11.70
CA ASN G 9 -39.64 -31.45 -12.00
C ASN G 9 -39.34 -30.78 -13.43
N LYS G 10 -39.17 -29.45 -13.44
CA LYS G 10 -38.87 -28.75 -14.70
C LYS G 10 -37.93 -27.49 -14.68
N LEU G 11 -37.02 -27.47 -15.65
CA LEU G 11 -35.98 -26.52 -15.77
C LEU G 11 -36.16 -25.49 -16.82
N ASP G 12 -35.77 -24.27 -16.53
CA ASP G 12 -35.77 -23.33 -17.61
C ASP G 12 -34.49 -22.60 -17.61
N LEU G 13 -33.55 -23.03 -18.48
CA LEU G 13 -32.19 -22.44 -18.57
C LEU G 13 -32.45 -21.22 -19.35
N TYR G 14 -32.04 -20.05 -18.95
CA TYR G 14 -32.45 -18.89 -19.77
C TYR G 14 -31.37 -17.74 -19.84
N GLY G 15 -31.52 -16.82 -20.79
CA GLY G 15 -30.56 -15.81 -20.77
C GLY G 15 -30.70 -14.98 -22.00
N LYS G 16 -29.79 -13.97 -22.18
CA LYS G 16 -29.94 -13.02 -23.25
C LYS G 16 -28.62 -12.34 -23.54
N VAL G 17 -28.38 -11.85 -24.77
CA VAL G 17 -27.23 -10.98 -24.97
C VAL G 17 -27.68 -9.66 -25.45
N ASP G 18 -27.02 -8.64 -24.97
CA ASP G 18 -27.51 -7.38 -25.16
C ASP G 18 -26.31 -6.43 -25.69
N GLY G 19 -26.40 -6.07 -27.00
CA GLY G 19 -25.35 -5.38 -27.68
C GLY G 19 -25.85 -4.03 -27.40
N LEU G 20 -25.14 -3.33 -26.55
CA LEU G 20 -25.77 -2.16 -25.99
C LEU G 20 -24.67 -1.20 -25.99
N HIS G 21 -25.02 0.05 -26.39
CA HIS G 21 -24.12 1.21 -26.47
C HIS G 21 -24.78 2.49 -25.96
N TYR G 22 -23.90 3.37 -25.40
CA TYR G 22 -24.35 4.61 -24.67
C TYR G 22 -23.74 5.77 -25.28
N PHE G 23 -24.47 6.79 -25.70
CA PHE G 23 -23.74 8.03 -26.09
C PHE G 23 -24.11 9.01 -24.99
N SER G 24 -23.05 9.67 -24.55
CA SER G 24 -23.19 10.52 -23.43
C SER G 24 -22.08 11.47 -23.32
N ASP G 25 -22.30 12.71 -22.96
CA ASP G 25 -21.13 13.58 -22.70
C ASP G 25 -20.24 13.05 -21.62
N ASN G 26 -20.90 12.26 -20.78
CA ASN G 26 -20.35 11.75 -19.58
C ASN G 26 -19.39 10.58 -19.81
N LYS G 27 -18.07 10.88 -20.00
CA LYS G 27 -17.12 9.83 -20.58
C LYS G 27 -16.83 8.62 -19.60
N ASP G 28 -17.81 8.39 -18.71
CA ASP G 28 -17.64 7.61 -17.53
C ASP G 28 -18.87 6.63 -17.43
N VAL G 29 -19.89 6.94 -18.27
CA VAL G 29 -20.94 6.02 -18.74
C VAL G 29 -20.73 5.88 -20.33
N ASP G 30 -20.03 6.80 -21.01
CA ASP G 30 -19.89 6.65 -22.47
C ASP G 30 -19.48 5.31 -23.08
N GLY G 31 -20.01 5.12 -24.26
CA GLY G 31 -19.52 4.13 -25.24
C GLY G 31 -20.10 2.75 -25.05
N ASP G 32 -19.22 1.75 -25.01
CA ASP G 32 -19.72 0.45 -25.10
C ASP G 32 -20.32 -0.19 -23.84
N GLN G 33 -21.47 -0.81 -23.93
CA GLN G 33 -22.06 -1.43 -22.78
C GLN G 33 -22.60 -2.82 -22.96
N THR G 34 -22.19 -3.47 -24.03
CA THR G 34 -22.57 -4.91 -24.16
C THR G 34 -22.62 -5.64 -22.81
N TYR G 35 -23.58 -6.47 -22.56
CA TYR G 35 -23.45 -7.36 -21.44
C TYR G 35 -24.32 -8.50 -21.79
N MET G 36 -24.31 -9.54 -20.93
CA MET G 36 -25.20 -10.75 -21.07
C MET G 36 -25.72 -11.16 -19.71
N ARG G 37 -26.72 -12.03 -19.63
CA ARG G 37 -26.98 -12.77 -18.35
C ARG G 37 -27.54 -14.10 -18.65
N LEU G 38 -27.26 -15.07 -17.81
CA LEU G 38 -28.00 -16.30 -17.90
C LEU G 38 -28.64 -16.74 -16.59
N GLY G 39 -29.65 -17.59 -16.68
CA GLY G 39 -30.29 -17.89 -15.40
C GLY G 39 -31.03 -19.19 -15.41
N PHE G 40 -31.33 -19.78 -14.29
CA PHE G 40 -32.23 -20.91 -14.33
C PHE G 40 -33.38 -20.68 -13.41
N LYS G 41 -34.56 -21.12 -13.84
CA LYS G 41 -35.72 -21.13 -12.97
C LYS G 41 -35.74 -22.62 -12.71
N GLY G 42 -36.42 -23.06 -11.65
CA GLY G 42 -36.73 -24.53 -11.33
C GLY G 42 -38.05 -24.91 -10.56
N GLU G 43 -38.72 -25.97 -10.93
CA GLU G 43 -39.83 -26.38 -10.01
C GLU G 43 -39.90 -27.84 -10.07
N THR G 44 -39.95 -28.41 -8.90
CA THR G 44 -40.18 -29.81 -8.76
C THR G 44 -41.51 -29.71 -8.11
N GLN G 45 -42.40 -30.60 -8.46
CA GLN G 45 -43.69 -30.46 -7.86
C GLN G 45 -43.84 -31.66 -7.01
N VAL G 46 -43.80 -31.41 -5.70
CA VAL G 46 -43.66 -32.44 -4.61
C VAL G 46 -44.99 -33.18 -4.33
N THR G 47 -46.13 -32.56 -4.65
CA THR G 47 -47.36 -33.10 -4.15
C THR G 47 -48.32 -32.30 -4.88
N ASP G 48 -49.48 -31.96 -4.37
CA ASP G 48 -50.39 -31.19 -5.18
C ASP G 48 -50.54 -29.85 -4.55
N GLN G 49 -50.54 -29.86 -3.22
CA GLN G 49 -50.29 -28.60 -2.47
C GLN G 49 -48.86 -27.98 -2.78
N LEU G 50 -47.83 -28.82 -2.67
CA LEU G 50 -46.46 -28.37 -2.37
C LEU G 50 -45.55 -28.46 -3.53
N THR G 51 -44.83 -27.38 -3.77
CA THR G 51 -44.01 -27.41 -4.92
C THR G 51 -42.71 -26.63 -4.60
N GLY G 52 -41.58 -27.23 -4.98
CA GLY G 52 -40.26 -26.64 -4.76
C GLY G 52 -39.72 -25.71 -5.88
N TYR G 53 -38.84 -24.83 -5.50
CA TYR G 53 -38.37 -24.01 -6.52
C TYR G 53 -37.01 -23.36 -6.22
N GLY G 54 -36.38 -23.02 -7.36
CA GLY G 54 -35.08 -22.37 -7.46
C GLY G 54 -34.76 -21.33 -8.54
N GLN G 55 -34.03 -20.31 -8.18
CA GLN G 55 -33.78 -19.34 -9.21
C GLN G 55 -32.44 -18.62 -8.98
N TRP G 56 -31.75 -18.37 -10.09
CA TRP G 56 -30.41 -17.98 -10.11
C TRP G 56 -30.31 -17.21 -11.36
N GLU G 57 -29.91 -15.96 -11.23
CA GLU G 57 -29.69 -15.13 -12.38
C GLU G 57 -28.41 -14.34 -12.14
N TYR G 58 -27.64 -14.22 -13.23
CA TYR G 58 -26.23 -13.90 -13.16
C TYR G 58 -25.83 -13.17 -14.39
N GLN G 59 -25.30 -11.96 -14.22
CA GLN G 59 -25.03 -11.24 -15.44
C GLN G 59 -23.50 -11.19 -15.60
N ILE G 60 -22.99 -11.03 -16.81
CA ILE G 60 -21.49 -10.99 -16.92
C ILE G 60 -21.20 -9.90 -17.92
N GLN G 61 -20.40 -8.88 -17.59
CA GLN G 61 -20.30 -7.70 -18.52
C GLN G 61 -19.72 -8.20 -19.82
N GLY G 62 -20.02 -7.61 -20.97
CA GLY G 62 -19.53 -8.22 -22.20
C GLY G 62 -18.91 -7.14 -22.96
N ASN G 63 -18.66 -6.04 -22.25
CA ASN G 63 -17.98 -4.93 -22.78
C ASN G 63 -16.55 -4.68 -22.23
N SER G 64 -15.78 -5.67 -21.82
CA SER G 64 -14.35 -5.42 -21.52
C SER G 64 -13.28 -6.46 -21.93
N ALA G 65 -11.98 -6.15 -21.83
CA ALA G 65 -10.94 -6.99 -22.42
C ALA G 65 -10.74 -8.23 -21.55
N GLU G 66 -10.32 -9.36 -22.19
CA GLU G 66 -10.13 -10.73 -21.62
C GLU G 66 -9.16 -10.63 -20.46
N ASN G 67 -8.74 -9.41 -20.38
CA ASN G 67 -7.99 -9.00 -19.31
C ASN G 67 -8.62 -9.07 -17.93
N GLU G 68 -10.00 -9.14 -17.82
CA GLU G 68 -10.69 -8.30 -16.85
C GLU G 68 -11.95 -8.79 -16.24
N ASN G 69 -12.51 -9.92 -16.62
CA ASN G 69 -13.14 -10.62 -15.43
C ASN G 69 -14.61 -10.68 -15.07
N ASN G 70 -14.94 -9.36 -14.91
CA ASN G 70 -15.88 -8.75 -13.98
C ASN G 70 -17.45 -9.22 -13.52
N SER G 71 -18.55 -9.13 -14.31
CA SER G 71 -19.68 -10.09 -13.81
C SER G 71 -20.08 -10.63 -12.33
N TRP G 72 -21.22 -10.30 -11.76
CA TRP G 72 -21.71 -10.66 -10.47
C TRP G 72 -23.08 -11.42 -10.42
N THR G 73 -23.46 -11.91 -9.21
CA THR G 73 -24.75 -12.63 -8.99
C THR G 73 -25.92 -11.67 -8.66
N ARG G 74 -26.88 -11.76 -9.57
CA ARG G 74 -28.15 -11.16 -9.40
C ARG G 74 -29.15 -11.74 -8.40
N VAL G 75 -29.36 -13.04 -8.48
CA VAL G 75 -30.46 -13.58 -7.69
C VAL G 75 -30.14 -15.05 -7.45
N ALA G 76 -30.46 -15.51 -6.25
CA ALA G 76 -30.13 -16.92 -5.93
C ALA G 76 -30.86 -17.34 -4.70
N PHE G 77 -31.92 -18.12 -4.94
CA PHE G 77 -32.74 -18.57 -3.82
C PHE G 77 -33.49 -19.82 -4.09
N ALA G 78 -33.87 -20.47 -3.02
CA ALA G 78 -34.61 -21.66 -3.13
C ALA G 78 -35.75 -21.36 -2.19
N GLY G 79 -36.91 -21.98 -2.47
CA GLY G 79 -38.09 -21.93 -1.55
C GLY G 79 -39.13 -22.92 -2.00
N LEU G 80 -40.27 -22.84 -1.32
CA LEU G 80 -41.39 -23.79 -1.25
C LEU G 80 -42.69 -23.02 -1.43
N LYS G 81 -43.61 -23.50 -2.28
CA LYS G 81 -44.95 -22.77 -2.69
C LYS G 81 -45.87 -23.74 -2.05
N PHE G 82 -46.67 -23.20 -1.13
CA PHE G 82 -47.48 -24.13 -0.23
C PHE G 82 -48.84 -24.52 -0.73
N GLN G 83 -49.66 -23.59 -1.29
CA GLN G 83 -50.95 -23.89 -2.01
C GLN G 83 -52.08 -22.90 -1.69
N ASP G 84 -52.64 -22.94 -0.47
CA ASP G 84 -53.53 -21.82 -0.05
C ASP G 84 -52.50 -20.98 0.62
N VAL G 85 -51.96 -21.52 1.70
CA VAL G 85 -50.93 -20.85 2.51
C VAL G 85 -50.12 -19.73 1.97
N GLY G 86 -49.18 -20.00 1.03
CA GLY G 86 -48.30 -18.94 0.35
C GLY G 86 -46.90 -19.46 -0.01
N SER G 87 -45.98 -18.55 -0.33
CA SER G 87 -44.65 -19.09 -0.62
C SER G 87 -43.56 -18.65 0.42
N PHE G 88 -42.51 -19.45 0.58
CA PHE G 88 -41.34 -18.99 1.29
C PHE G 88 -40.00 -19.23 0.57
N ASP G 89 -39.03 -18.34 0.80
CA ASP G 89 -37.75 -18.50 0.16
C ASP G 89 -36.69 -17.67 0.79
N TYR G 90 -35.69 -18.40 1.20
CA TYR G 90 -34.50 -17.77 1.60
C TYR G 90 -33.60 -17.57 0.43
N GLY G 91 -32.63 -16.65 0.53
CA GLY G 91 -31.73 -16.34 -0.59
C GLY G 91 -31.38 -14.90 -0.91
N ARG G 92 -30.37 -14.71 -1.80
CA ARG G 92 -30.20 -13.38 -2.46
C ARG G 92 -31.49 -13.08 -3.30
N ASN G 93 -32.33 -12.12 -2.87
CA ASN G 93 -33.53 -11.83 -3.59
C ASN G 93 -33.77 -10.37 -3.81
N TYR G 94 -34.99 -9.98 -4.33
CA TYR G 94 -35.47 -8.55 -4.47
C TYR G 94 -36.11 -8.18 -3.18
N GLY G 95 -35.86 -6.96 -2.74
CA GLY G 95 -36.52 -6.50 -1.49
C GLY G 95 -37.98 -6.41 -1.70
N VAL G 96 -38.77 -6.42 -0.61
CA VAL G 96 -40.27 -6.27 -0.81
C VAL G 96 -40.63 -4.93 -1.34
N VAL G 97 -40.02 -3.89 -0.78
CA VAL G 97 -40.29 -2.60 -1.31
C VAL G 97 -40.40 -2.62 -2.83
N TYR G 98 -39.80 -3.63 -3.47
CA TYR G 98 -39.80 -3.71 -4.94
C TYR G 98 -41.11 -4.30 -5.62
N ASP G 99 -42.02 -4.87 -4.80
CA ASP G 99 -43.34 -5.27 -5.27
C ASP G 99 -44.12 -4.09 -5.80
N VAL G 100 -43.92 -2.93 -5.21
CA VAL G 100 -44.63 -1.78 -5.67
C VAL G 100 -43.71 -0.87 -6.42
N THR G 101 -42.45 -0.74 -6.09
CA THR G 101 -41.76 0.32 -6.85
C THR G 101 -41.32 -0.14 -8.21
N SER G 102 -41.46 -1.44 -8.38
CA SER G 102 -41.28 -2.05 -9.70
C SER G 102 -42.41 -1.58 -10.68
N TRP G 103 -43.61 -1.26 -10.18
CA TRP G 103 -44.76 -0.94 -10.99
C TRP G 103 -44.18 -0.02 -12.12
N THR G 104 -43.13 0.72 -11.81
CA THR G 104 -42.61 1.57 -12.84
C THR G 104 -41.22 1.45 -13.37
N ASP G 105 -40.59 0.35 -13.16
CA ASP G 105 -39.28 0.17 -13.63
C ASP G 105 -39.50 -0.76 -14.80
N VAL G 106 -39.55 -0.14 -15.98
CA VAL G 106 -39.96 -0.79 -17.24
C VAL G 106 -39.53 0.12 -18.44
N LEU G 107 -38.49 0.94 -18.33
CA LEU G 107 -38.17 1.76 -19.52
C LEU G 107 -37.29 1.00 -20.52
N PRO G 108 -37.20 1.41 -21.79
CA PRO G 108 -36.52 0.42 -22.61
C PRO G 108 -35.24 0.10 -22.02
N GLU G 109 -34.57 1.07 -21.39
CA GLU G 109 -33.23 0.82 -20.79
C GLU G 109 -33.03 1.53 -19.41
N PHE G 110 -33.26 2.85 -19.35
CA PHE G 110 -33.17 3.60 -18.02
C PHE G 110 -34.18 3.31 -16.86
N GLY G 111 -34.46 4.28 -15.98
CA GLY G 111 -35.37 3.95 -14.86
C GLY G 111 -34.83 2.99 -13.77
N GLY G 112 -35.70 2.75 -12.79
CA GLY G 112 -35.45 1.92 -11.61
C GLY G 112 -34.29 2.40 -10.76
N ASP G 113 -34.09 3.75 -10.73
CA ASP G 113 -32.90 4.36 -10.10
C ASP G 113 -33.15 5.51 -9.18
N THR G 114 -34.25 5.37 -8.48
CA THR G 114 -34.38 6.16 -7.29
C THR G 114 -34.04 5.29 -6.11
N TYR G 115 -33.42 4.16 -6.37
CA TYR G 115 -33.03 3.15 -5.38
C TYR G 115 -32.00 2.33 -6.13
N GLY G 116 -31.41 1.31 -5.51
CA GLY G 116 -30.21 0.61 -6.06
C GLY G 116 -30.07 -0.85 -5.58
N SER G 117 -28.96 -1.53 -5.83
CA SER G 117 -28.75 -2.92 -5.31
C SER G 117 -28.10 -2.90 -3.94
N ASP G 118 -28.38 -3.87 -3.08
CA ASP G 118 -27.77 -3.91 -1.79
C ASP G 118 -28.07 -2.58 -1.18
N ASN G 119 -29.33 -2.21 -1.20
CA ASN G 119 -29.72 -0.96 -0.71
C ASN G 119 -30.89 -1.19 0.36
N PHE G 120 -30.55 -1.79 1.52
CA PHE G 120 -31.52 -2.27 2.45
C PHE G 120 -32.38 -3.19 1.71
N MET G 121 -33.67 -2.87 1.58
CA MET G 121 -34.69 -3.75 1.01
C MET G 121 -35.39 -3.06 -0.09
N GLN G 122 -34.90 -1.90 -0.42
CA GLN G 122 -35.35 -1.30 -1.57
C GLN G 122 -35.35 -2.18 -2.86
N GLN G 123 -34.24 -2.88 -3.11
CA GLN G 123 -34.11 -3.61 -4.37
C GLN G 123 -33.08 -4.63 -3.97
N ARG G 124 -33.24 -5.92 -4.36
CA ARG G 124 -32.06 -6.82 -4.48
C ARG G 124 -30.83 -6.63 -3.53
N GLY G 125 -30.52 -7.70 -2.82
CA GLY G 125 -29.52 -7.69 -1.80
C GLY G 125 -29.58 -9.14 -1.18
N ASN G 126 -28.59 -9.40 -0.25
CA ASN G 126 -28.34 -10.71 0.34
C ASN G 126 -29.07 -10.88 1.59
N GLY G 127 -29.36 -12.14 1.88
CA GLY G 127 -30.10 -12.56 3.15
C GLY G 127 -31.60 -12.38 3.41
N PHE G 128 -32.38 -12.55 2.33
CA PHE G 128 -33.82 -12.26 2.40
C PHE G 128 -34.64 -13.45 2.77
N ALA G 129 -35.40 -13.33 3.82
CA ALA G 129 -36.40 -14.44 3.95
C ALA G 129 -37.76 -13.90 3.59
N THR G 130 -38.38 -14.45 2.58
CA THR G 130 -39.63 -13.87 2.09
C THR G 130 -40.79 -14.81 2.15
N TYR G 131 -41.90 -14.25 2.61
CA TYR G 131 -43.21 -14.97 2.56
C TYR G 131 -44.26 -14.26 1.64
N ARG G 132 -44.70 -14.94 0.62
CA ARG G 132 -45.74 -14.29 -0.23
C ARG G 132 -46.94 -15.09 -0.37
N ASN G 133 -48.01 -14.36 -0.24
CA ASN G 133 -49.37 -14.85 -0.44
C ASN G 133 -50.12 -14.18 -1.61
N THR G 134 -50.82 -15.03 -2.30
CA THR G 134 -51.42 -14.64 -3.55
C THR G 134 -52.91 -14.03 -3.74
N ASP G 135 -53.98 -14.66 -3.25
CA ASP G 135 -55.18 -13.77 -3.24
C ASP G 135 -55.72 -14.02 -1.83
N PHE G 136 -55.25 -13.16 -0.94
CA PHE G 136 -55.38 -13.34 0.48
C PHE G 136 -55.98 -14.73 0.81
N PHE G 137 -55.17 -15.75 0.55
CA PHE G 137 -55.55 -17.17 0.75
C PHE G 137 -56.61 -17.86 -0.24
N GLY G 138 -56.73 -17.37 -1.48
CA GLY G 138 -57.60 -17.96 -2.48
C GLY G 138 -58.94 -17.29 -2.21
N LEU G 139 -58.96 -16.56 -1.09
CA LEU G 139 -60.20 -16.06 -0.62
C LEU G 139 -60.47 -14.53 -0.74
N VAL G 140 -60.14 -13.87 -1.84
CA VAL G 140 -60.36 -12.41 -2.08
C VAL G 140 -59.28 -12.21 -3.08
N ASP G 141 -59.53 -11.37 -4.01
CA ASP G 141 -58.92 -11.83 -5.16
C ASP G 141 -58.07 -10.76 -5.85
N GLY G 142 -56.78 -11.05 -6.05
CA GLY G 142 -55.87 -10.10 -6.67
C GLY G 142 -55.61 -9.04 -5.60
N LEU G 143 -55.77 -9.50 -4.36
CA LEU G 143 -55.27 -8.84 -3.08
C LEU G 143 -54.21 -9.74 -2.65
N ASN G 144 -53.00 -9.21 -2.56
CA ASN G 144 -51.97 -9.96 -1.91
C ASN G 144 -50.87 -9.14 -1.26
N PHE G 145 -50.02 -9.93 -0.61
CA PHE G 145 -49.16 -9.39 0.39
C PHE G 145 -47.96 -10.33 0.80
N ALA G 146 -46.97 -9.74 1.41
CA ALA G 146 -45.65 -10.25 1.45
C ALA G 146 -45.04 -9.67 2.72
N VAL G 147 -44.33 -10.50 3.40
CA VAL G 147 -43.72 -9.95 4.49
C VAL G 147 -42.39 -10.63 4.26
N GLN G 148 -41.34 -9.92 4.75
CA GLN G 148 -39.97 -10.34 4.61
C GLN G 148 -39.01 -9.61 5.62
N TYR G 149 -38.00 -10.40 6.02
CA TYR G 149 -37.05 -10.14 7.09
C TYR G 149 -35.77 -10.36 6.36
N GLN G 150 -34.83 -9.44 6.55
CA GLN G 150 -33.42 -9.77 6.14
C GLN G 150 -32.22 -9.61 7.16
N GLY G 151 -31.53 -10.69 7.46
CA GLY G 151 -30.46 -10.59 8.37
C GLY G 151 -29.39 -9.63 8.00
N LYS G 152 -28.77 -9.08 9.07
CA LYS G 152 -27.72 -8.06 8.97
C LYS G 152 -26.69 -8.44 7.92
N ASN G 153 -26.11 -7.60 7.08
CA ASN G 153 -24.97 -8.07 6.22
C ASN G 153 -23.99 -6.99 6.38
N GLY G 154 -22.97 -7.27 7.26
CA GLY G 154 -22.19 -6.28 8.08
C GLY G 154 -20.89 -5.94 7.42
N ASN G 155 -19.76 -6.08 8.18
CA ASN G 155 -18.42 -5.54 7.76
C ASN G 155 -17.64 -6.58 7.21
N PRO G 156 -16.78 -6.25 6.27
CA PRO G 156 -16.05 -7.44 5.97
C PRO G 156 -15.25 -7.80 7.22
N SER G 157 -15.06 -6.78 8.21
CA SER G 157 -13.86 -6.14 9.30
C SER G 157 -13.11 -6.73 10.55
N GLY G 158 -13.20 -6.01 11.76
CA GLY G 158 -12.71 -6.50 13.12
C GLY G 158 -13.51 -6.00 14.37
N GLU G 159 -14.80 -5.89 14.13
CA GLU G 159 -15.92 -5.31 14.98
C GLU G 159 -17.33 -5.35 14.18
N GLY G 160 -18.11 -6.40 14.31
CA GLY G 160 -19.31 -6.56 13.43
C GLY G 160 -19.06 -7.44 12.16
N PHE G 161 -17.87 -8.22 11.97
CA PHE G 161 -17.55 -9.00 10.68
C PHE G 161 -19.04 -9.57 10.46
N THR G 162 -19.28 -10.10 9.26
CA THR G 162 -20.24 -11.20 9.01
C THR G 162 -19.57 -12.07 7.92
N SER G 163 -19.69 -13.40 7.98
CA SER G 163 -19.28 -14.28 6.87
C SER G 163 -19.22 -13.53 5.55
N GLY G 164 -20.35 -13.07 5.09
CA GLY G 164 -20.48 -12.74 3.68
C GLY G 164 -21.01 -11.41 3.93
N VAL G 165 -20.00 -10.54 3.80
CA VAL G 165 -19.95 -9.08 4.00
C VAL G 165 -19.14 -7.99 3.20
N THR G 166 -19.37 -6.76 3.62
CA THR G 166 -19.35 -5.84 2.61
C THR G 166 -18.91 -4.43 3.02
N ASN G 167 -18.63 -3.50 2.08
CA ASN G 167 -18.49 -2.03 2.44
C ASN G 167 -19.83 -1.48 2.54
N ASN G 168 -20.11 -0.17 2.42
CA ASN G 168 -21.51 0.17 2.90
C ASN G 168 -22.44 1.03 2.21
N GLY G 169 -21.99 1.62 1.09
CA GLY G 169 -22.98 1.84 0.06
C GLY G 169 -23.69 0.48 0.47
N ARG G 170 -23.03 -0.59 0.95
CA ARG G 170 -23.75 -1.80 1.10
C ARG G 170 -24.20 -2.57 2.37
N ASP G 171 -24.08 -2.16 3.69
CA ASP G 171 -24.78 -2.98 4.77
C ASP G 171 -26.36 -2.80 4.92
N GLY G 181 -39.40 -5.75 6.40
CA GLY G 181 -40.31 -5.23 5.43
C GLY G 181 -41.68 -5.89 5.07
N GLY G 182 -42.60 -5.11 4.51
CA GLY G 182 -43.78 -5.76 3.91
C GLY G 182 -44.61 -5.14 2.79
N SER G 183 -45.53 -5.87 2.18
CA SER G 183 -46.30 -5.15 1.12
C SER G 183 -47.62 -5.85 0.89
N ILE G 184 -48.65 -5.08 0.46
CA ILE G 184 -50.00 -5.55 0.03
C ILE G 184 -50.33 -4.85 -1.36
N THR G 185 -51.07 -5.50 -2.24
CA THR G 185 -51.38 -4.79 -3.47
C THR G 185 -52.71 -5.32 -4.10
N TYR G 186 -53.46 -4.38 -4.64
CA TYR G 186 -54.72 -4.76 -4.94
C TYR G 186 -55.04 -4.53 -6.44
N ASP G 187 -55.95 -5.40 -6.98
CA ASP G 187 -56.23 -5.63 -8.41
C ASP G 187 -57.54 -5.43 -9.34
N TYR G 188 -58.80 -5.68 -8.98
CA TYR G 188 -59.87 -5.35 -9.99
C TYR G 188 -59.43 -4.87 -11.48
N GLU G 189 -59.05 -5.85 -12.35
CA GLU G 189 -58.53 -5.71 -13.80
C GLU G 189 -57.98 -4.38 -14.38
N GLY G 190 -56.64 -4.36 -14.58
CA GLY G 190 -55.85 -3.15 -14.75
C GLY G 190 -56.07 -2.37 -13.47
N PHE G 191 -55.27 -1.39 -13.14
CA PHE G 191 -55.49 -0.72 -11.84
C PHE G 191 -54.83 -1.54 -10.81
N GLY G 192 -53.74 -1.02 -10.27
CA GLY G 192 -53.27 -1.57 -9.07
C GLY G 192 -53.15 -0.44 -8.09
N ILE G 193 -53.36 -0.72 -6.80
CA ILE G 193 -52.79 0.22 -5.80
C ILE G 193 -51.85 -0.71 -5.18
N GLY G 194 -50.96 -0.20 -4.35
CA GLY G 194 -50.11 -1.11 -3.65
C GLY G 194 -49.36 -0.19 -2.80
N GLY G 195 -49.15 -0.66 -1.56
CA GLY G 195 -48.36 -0.02 -0.53
C GLY G 195 -47.22 -0.96 -0.20
N ALA G 196 -46.10 -0.42 0.20
CA ALA G 196 -45.10 -1.28 0.79
C ALA G 196 -44.34 -0.46 1.85
N ILE G 197 -44.19 -1.00 3.03
CA ILE G 197 -43.52 -0.28 4.13
C ILE G 197 -42.26 -1.15 4.50
N SER G 198 -41.20 -0.58 5.08
CA SER G 198 -39.95 -1.34 5.34
C SER G 198 -38.98 -0.61 6.28
N SER G 199 -38.17 -1.33 7.02
CA SER G 199 -37.48 -0.55 7.97
C SER G 199 -36.26 -1.29 8.35
N SER G 200 -35.00 -0.78 8.39
CA SER G 200 -33.87 -1.75 8.71
C SER G 200 -32.86 -1.17 9.73
N LYS G 201 -32.34 -1.93 10.71
CA LYS G 201 -31.50 -1.22 11.60
C LYS G 201 -30.29 -0.95 10.68
N ARG G 202 -29.59 0.14 10.86
CA ARG G 202 -28.39 0.32 9.98
C ARG G 202 -27.04 0.11 10.82
N THR G 203 -26.03 -0.58 10.32
CA THR G 203 -24.78 -0.82 11.11
C THR G 203 -23.96 0.38 11.65
N ASP G 204 -23.19 0.19 12.70
CA ASP G 204 -22.40 1.30 13.20
C ASP G 204 -21.44 1.65 12.14
N ALA G 205 -21.17 0.74 11.22
CA ALA G 205 -20.24 1.10 10.15
C ALA G 205 -20.95 2.20 9.29
N GLN G 206 -22.21 1.98 8.92
CA GLN G 206 -22.78 2.96 8.02
C GLN G 206 -23.06 4.28 8.76
N ASN G 207 -22.77 4.33 10.06
CA ASN G 207 -23.05 5.53 10.89
C ASN G 207 -21.89 6.35 11.45
N THR G 208 -21.12 7.04 10.59
CA THR G 208 -19.84 7.60 11.05
C THR G 208 -19.42 8.91 10.34
N ALA G 209 -20.22 9.96 10.30
CA ALA G 209 -19.66 11.21 9.76
C ALA G 209 -18.70 11.02 8.56
N ALA G 210 -18.69 9.85 7.99
CA ALA G 210 -18.27 9.72 6.61
C ALA G 210 -19.56 9.91 5.70
N TYR G 211 -19.24 10.37 4.53
CA TYR G 211 -20.15 11.44 4.07
C TYR G 211 -21.63 11.76 4.89
N ILE G 212 -22.71 10.92 5.00
CA ILE G 212 -24.08 11.49 5.30
C ILE G 212 -25.35 10.62 5.68
N GLY G 213 -26.12 10.99 6.72
CA GLY G 213 -26.97 10.09 7.56
C GLY G 213 -26.80 10.10 9.13
N ASN G 214 -27.61 10.85 9.88
CA ASN G 214 -27.71 10.42 11.33
C ASN G 214 -28.46 9.04 11.15
N GLY G 215 -27.73 8.00 10.83
CA GLY G 215 -28.51 6.84 10.43
C GLY G 215 -29.11 5.82 11.41
N ASP G 216 -30.29 6.08 12.01
CA ASP G 216 -30.74 5.08 12.94
C ASP G 216 -31.33 3.84 12.34
N ARG G 217 -32.61 3.83 11.89
CA ARG G 217 -33.10 2.75 11.04
C ARG G 217 -33.12 3.26 9.60
N ALA G 218 -33.31 2.46 8.57
CA ALA G 218 -33.56 3.09 7.25
C ALA G 218 -35.03 2.74 6.82
N GLU G 219 -35.78 3.75 6.42
CA GLU G 219 -37.17 3.54 6.32
C GLU G 219 -37.71 4.00 5.02
N THR G 220 -38.42 3.18 4.29
CA THR G 220 -38.96 3.64 3.01
C THR G 220 -40.48 3.40 3.01
N TYR G 221 -41.31 4.28 2.45
CA TYR G 221 -42.80 4.14 2.66
C TYR G 221 -43.26 4.40 1.31
N THR G 222 -44.03 3.45 0.80
CA THR G 222 -44.28 3.50 -0.61
C THR G 222 -45.70 3.08 -1.07
N GLY G 223 -46.27 3.91 -1.94
CA GLY G 223 -47.56 3.69 -2.47
C GLY G 223 -47.40 3.73 -3.95
N GLY G 224 -48.19 2.91 -4.61
CA GLY G 224 -48.07 2.86 -6.03
C GLY G 224 -49.34 2.60 -6.72
N LEU G 225 -49.41 3.10 -7.97
CA LEU G 225 -50.65 3.07 -8.81
C LEU G 225 -50.33 2.59 -10.19
N LYS G 226 -51.20 1.76 -10.76
CA LYS G 226 -50.92 1.36 -12.11
C LYS G 226 -52.09 0.91 -12.79
N TYR G 227 -52.05 0.99 -14.12
CA TYR G 227 -53.28 0.78 -14.91
C TYR G 227 -52.77 0.06 -16.04
N ASP G 228 -53.19 -1.18 -16.23
CA ASP G 228 -52.54 -1.99 -17.33
C ASP G 228 -53.44 -2.98 -18.21
N ALA G 229 -53.88 -2.61 -19.42
CA ALA G 229 -54.85 -3.43 -20.12
C ALA G 229 -55.18 -2.82 -21.42
N ASN G 230 -55.48 -3.62 -22.42
CA ASN G 230 -55.47 -3.07 -23.82
C ASN G 230 -54.29 -2.17 -24.11
N ASN G 231 -53.09 -2.71 -24.27
CA ASN G 231 -51.95 -1.95 -24.76
C ASN G 231 -51.50 -0.64 -24.07
N ILE G 232 -52.31 -0.13 -23.17
CA ILE G 232 -51.89 1.03 -22.47
C ILE G 232 -51.20 0.47 -21.29
N TYR G 233 -50.00 0.99 -21.06
CA TYR G 233 -49.45 0.84 -19.76
C TYR G 233 -49.26 2.13 -19.13
N LEU G 234 -49.98 2.31 -18.06
CA LEU G 234 -49.87 3.49 -17.19
C LEU G 234 -49.45 3.11 -15.72
N ALA G 235 -48.44 3.85 -15.13
CA ALA G 235 -48.07 3.74 -13.66
C ALA G 235 -47.24 4.81 -12.92
N ALA G 236 -47.46 4.79 -11.61
CA ALA G 236 -46.74 5.70 -10.72
C ALA G 236 -46.46 4.97 -9.43
N GLN G 237 -45.41 5.47 -8.84
CA GLN G 237 -44.91 4.96 -7.60
C GLN G 237 -44.30 6.20 -6.93
N TYR G 238 -44.62 6.30 -5.66
CA TYR G 238 -44.20 7.43 -4.95
C TYR G 238 -43.86 6.87 -3.59
N THR G 239 -42.62 7.21 -3.21
CA THR G 239 -42.05 6.72 -2.02
C THR G 239 -41.04 7.62 -1.39
N GLN G 240 -41.19 7.73 -0.07
CA GLN G 240 -40.21 8.43 0.67
C GLN G 240 -39.62 7.64 1.73
N THR G 241 -38.35 7.96 1.87
CA THR G 241 -37.47 7.22 2.58
C THR G 241 -36.79 8.07 3.67
N TYR G 242 -36.27 7.42 4.69
CA TYR G 242 -35.58 8.08 5.73
C TYR G 242 -34.34 7.31 5.88
N ASN G 243 -33.21 8.03 5.82
CA ASN G 243 -31.92 7.38 5.99
C ASN G 243 -31.66 6.20 5.05
N ALA G 244 -32.16 6.23 3.82
CA ALA G 244 -32.11 5.01 2.88
C ALA G 244 -31.82 5.24 1.35
N THR G 245 -31.83 6.49 0.87
CA THR G 245 -31.39 6.73 -0.49
C THR G 245 -29.89 7.09 -0.65
N ARG G 246 -29.10 6.13 -1.17
CA ARG G 246 -27.67 6.41 -1.51
C ARG G 246 -27.58 7.71 -2.26
N VAL G 247 -26.74 8.65 -1.81
CA VAL G 247 -26.63 9.97 -2.44
C VAL G 247 -25.27 9.96 -2.85
N GLY G 248 -25.13 9.46 -4.06
CA GLY G 248 -23.83 9.22 -4.64
C GLY G 248 -23.14 8.11 -3.93
N SER G 249 -21.88 8.39 -3.65
CA SER G 249 -21.09 7.59 -2.74
C SER G 249 -20.90 8.35 -1.46
N LEU G 250 -21.87 9.18 -1.12
CA LEU G 250 -21.77 10.04 0.00
C LEU G 250 -22.44 9.44 1.20
N GLY G 251 -22.72 8.14 1.18
CA GLY G 251 -23.54 7.63 2.30
C GLY G 251 -25.00 8.00 2.00
N TRP G 252 -25.78 8.13 3.05
CA TRP G 252 -27.25 8.09 2.76
C TRP G 252 -28.01 9.54 2.80
N ALA G 253 -29.35 9.59 2.66
CA ALA G 253 -30.06 10.91 2.57
C ALA G 253 -31.09 11.06 3.67
N ASN G 254 -30.92 11.92 4.65
CA ASN G 254 -31.85 11.90 5.78
C ASN G 254 -33.35 11.77 5.50
N LYS G 255 -33.89 12.60 4.64
CA LYS G 255 -35.26 12.39 4.02
C LYS G 255 -35.06 12.40 2.48
N ALA G 256 -35.94 11.79 1.74
CA ALA G 256 -35.85 11.98 0.29
C ALA G 256 -37.19 11.56 -0.23
N GLN G 257 -37.70 12.32 -1.19
CA GLN G 257 -38.97 11.93 -1.79
C GLN G 257 -38.65 11.57 -3.18
N ASN G 258 -39.03 10.33 -3.48
CA ASN G 258 -38.91 9.81 -4.83
C ASN G 258 -40.27 9.49 -5.53
N PHE G 259 -40.36 10.04 -6.75
CA PHE G 259 -41.52 9.98 -7.61
C PHE G 259 -41.10 9.48 -8.99
N GLU G 260 -41.94 8.73 -9.67
CA GLU G 260 -41.57 8.09 -10.96
C GLU G 260 -42.83 7.62 -11.67
N ALA G 261 -43.14 8.22 -12.83
CA ALA G 261 -44.33 7.91 -13.55
C ALA G 261 -43.91 7.54 -15.02
N VAL G 262 -44.49 6.44 -15.53
CA VAL G 262 -44.23 5.96 -16.88
C VAL G 262 -45.48 5.88 -17.72
N ALA G 263 -45.37 6.16 -19.00
CA ALA G 263 -46.54 5.84 -19.81
C ALA G 263 -46.19 5.14 -21.11
N GLN G 264 -46.86 4.04 -21.38
CA GLN G 264 -46.54 3.40 -22.62
C GLN G 264 -47.76 2.85 -23.37
N TYR G 265 -47.49 2.58 -24.61
CA TYR G 265 -48.45 1.91 -25.40
C TYR G 265 -47.81 0.83 -26.22
N GLN G 266 -48.42 -0.33 -26.16
CA GLN G 266 -47.86 -1.51 -26.86
C GLN G 266 -48.49 -1.77 -28.21
N PHE G 267 -47.78 -1.54 -29.27
CA PHE G 267 -48.44 -1.77 -30.55
C PHE G 267 -48.44 -3.21 -31.06
N ASP G 268 -49.56 -3.49 -31.65
CA ASP G 268 -49.91 -4.69 -32.27
C ASP G 268 -48.68 -5.19 -33.01
N PHE G 269 -48.00 -4.32 -33.77
CA PHE G 269 -46.82 -4.76 -34.62
C PHE G 269 -45.45 -4.79 -33.92
N GLY G 270 -45.37 -4.22 -32.73
CA GLY G 270 -44.19 -4.55 -31.89
C GLY G 270 -43.50 -3.37 -31.26
N LEU G 271 -43.86 -2.17 -31.66
CA LEU G 271 -43.11 -1.02 -31.21
C LEU G 271 -43.86 -0.56 -30.03
N ARG G 272 -43.15 0.07 -29.12
CA ARG G 272 -43.73 0.27 -27.85
C ARG G 272 -43.01 1.38 -27.27
N PRO G 273 -43.49 2.59 -27.54
CA PRO G 273 -42.99 3.84 -27.09
C PRO G 273 -43.23 3.89 -25.56
N SER G 274 -42.24 4.49 -24.88
CA SER G 274 -42.52 4.88 -23.46
C SER G 274 -42.25 6.37 -23.21
N LEU G 275 -42.85 6.95 -22.19
CA LEU G 275 -42.58 8.36 -21.83
C LEU G 275 -42.51 8.27 -20.29
N ALA G 276 -41.52 8.93 -19.61
CA ALA G 276 -41.42 8.79 -18.14
C ALA G 276 -40.83 9.91 -17.47
N TYR G 277 -41.29 10.07 -16.26
CA TYR G 277 -40.65 11.13 -15.47
C TYR G 277 -40.14 10.42 -14.29
N LEU G 278 -38.99 10.87 -13.77
CA LEU G 278 -38.49 10.37 -12.46
C LEU G 278 -37.79 11.48 -11.76
N GLN G 279 -38.07 11.59 -10.46
CA GLN G 279 -37.12 12.35 -9.69
C GLN G 279 -36.95 11.92 -8.29
N SER G 280 -35.92 12.49 -7.68
CA SER G 280 -35.61 12.27 -6.33
C SER G 280 -35.16 13.47 -5.59
N LYS G 281 -36.00 13.85 -4.63
CA LYS G 281 -35.78 15.13 -3.94
C LYS G 281 -35.17 14.86 -2.57
N GLY G 282 -33.92 15.24 -2.38
CA GLY G 282 -33.24 14.94 -1.12
C GLY G 282 -33.69 16.00 -0.18
N LYS G 283 -34.22 15.63 0.95
CA LYS G 283 -34.63 16.66 1.87
C LYS G 283 -33.63 16.78 2.99
N ASN G 284 -33.62 17.92 3.67
CA ASN G 284 -32.64 18.19 4.73
C ASN G 284 -31.33 17.31 4.80
N LEU G 285 -30.44 17.47 3.80
CA LEU G 285 -29.24 16.59 3.71
C LEU G 285 -28.33 17.14 4.70
N GLY G 286 -27.26 16.43 5.04
CA GLY G 286 -26.36 17.13 5.91
C GLY G 286 -25.39 18.11 5.22
N ARG G 287 -24.32 18.41 5.98
CA ARG G 287 -22.92 18.67 5.49
C ARG G 287 -22.95 19.73 4.38
N GLY G 288 -23.85 20.72 4.64
CA GLY G 288 -24.18 21.85 3.71
C GLY G 288 -25.28 21.32 2.80
N TYR G 289 -25.27 21.57 1.52
CA TYR G 289 -26.20 20.85 0.65
C TYR G 289 -27.71 21.05 0.82
N ASP G 290 -28.25 20.72 2.00
CA ASP G 290 -29.62 21.17 2.26
C ASP G 290 -30.84 20.40 1.58
N ASP G 291 -31.66 21.13 0.80
CA ASP G 291 -32.58 20.46 -0.03
C ASP G 291 -31.76 20.41 -1.30
N GLU G 292 -31.90 19.28 -2.00
CA GLU G 292 -31.12 18.99 -3.24
C GLU G 292 -31.56 17.75 -4.10
N ASP G 293 -31.65 17.90 -5.41
CA ASP G 293 -32.06 16.80 -6.26
C ASP G 293 -31.07 15.67 -6.54
N ILE G 294 -31.43 14.45 -6.14
CA ILE G 294 -30.49 13.25 -6.23
C ILE G 294 -30.49 12.74 -7.64
N LEU G 295 -31.65 13.00 -8.28
CA LEU G 295 -31.97 12.50 -9.58
C LEU G 295 -33.23 13.20 -10.00
N LYS G 296 -33.21 13.61 -11.28
CA LYS G 296 -34.25 14.34 -11.92
C LYS G 296 -34.16 14.14 -13.47
N TYR G 297 -35.12 13.50 -14.14
CA TYR G 297 -34.88 13.34 -15.63
C TYR G 297 -36.11 12.97 -16.44
N VAL G 298 -36.26 13.47 -17.67
CA VAL G 298 -37.38 12.93 -18.36
C VAL G 298 -36.82 11.82 -19.09
N ASP G 299 -37.53 10.69 -19.04
CA ASP G 299 -37.05 9.69 -19.95
C ASP G 299 -37.91 9.61 -21.21
N VAL G 300 -37.27 9.54 -22.37
CA VAL G 300 -38.02 9.36 -23.66
C VAL G 300 -37.34 8.24 -24.49
N GLY G 301 -38.13 7.27 -24.98
CA GLY G 301 -37.52 6.15 -25.59
C GLY G 301 -38.47 5.18 -26.17
N ALA G 302 -37.94 4.16 -26.85
CA ALA G 302 -38.83 3.13 -27.39
C ALA G 302 -38.05 1.97 -27.75
N THR G 303 -38.71 0.80 -27.76
CA THR G 303 -38.15 -0.54 -28.02
C THR G 303 -39.15 -1.18 -29.02
N TYR G 304 -38.66 -2.12 -29.81
CA TYR G 304 -39.47 -2.62 -30.88
C TYR G 304 -39.32 -4.09 -30.74
N TYR G 305 -40.38 -4.91 -30.61
CA TYR G 305 -40.11 -6.37 -30.47
C TYR G 305 -40.14 -7.06 -31.80
N PHE G 306 -39.02 -7.60 -32.32
CA PHE G 306 -39.19 -8.48 -33.58
C PHE G 306 -40.12 -9.65 -33.26
N ASN G 307 -39.88 -10.37 -32.19
CA ASN G 307 -40.79 -11.38 -31.65
C ASN G 307 -40.54 -11.54 -30.17
N LYS G 308 -41.01 -12.64 -29.55
CA LYS G 308 -40.68 -12.70 -28.09
C LYS G 308 -39.46 -13.41 -27.84
N ASN G 309 -38.36 -12.99 -28.39
CA ASN G 309 -37.07 -13.69 -28.40
C ASN G 309 -35.92 -12.74 -28.86
N MET G 310 -36.28 -11.52 -29.43
CA MET G 310 -35.39 -10.58 -30.09
C MET G 310 -36.04 -9.28 -30.22
N SER G 311 -35.25 -8.21 -30.25
CA SER G 311 -35.78 -6.86 -30.27
C SER G 311 -34.65 -5.81 -30.16
N THR G 312 -35.01 -4.56 -30.49
CA THR G 312 -34.12 -3.39 -30.30
C THR G 312 -34.85 -2.38 -29.56
N TYR G 313 -34.00 -1.46 -29.03
CA TYR G 313 -34.48 -0.27 -28.27
C TYR G 313 -33.61 0.88 -28.37
N VAL G 314 -34.23 2.01 -28.19
CA VAL G 314 -33.62 3.33 -28.08
C VAL G 314 -34.13 3.92 -26.79
N ASP G 315 -33.17 4.60 -26.19
CA ASP G 315 -33.48 5.21 -24.96
C ASP G 315 -32.66 6.43 -24.75
N TYR G 316 -33.38 7.43 -24.24
CA TYR G 316 -32.91 8.80 -24.14
C TYR G 316 -33.29 9.55 -22.77
N LYS G 317 -32.31 9.61 -21.88
CA LYS G 317 -32.44 10.32 -20.57
C LYS G 317 -32.11 11.74 -20.83
N ILE G 318 -33.16 12.57 -20.85
CA ILE G 318 -33.01 14.05 -20.91
C ILE G 318 -32.78 14.46 -19.45
N ASN G 319 -31.56 14.76 -19.13
CA ASN G 319 -31.30 14.63 -17.82
C ASN G 319 -31.47 15.95 -17.10
N LEU G 320 -32.48 16.05 -16.29
CA LEU G 320 -32.79 17.39 -15.84
C LEU G 320 -31.99 18.03 -14.67
N LEU G 321 -30.84 17.50 -14.22
CA LEU G 321 -29.97 18.12 -13.12
C LEU G 321 -28.83 19.13 -13.44
N ASP G 322 -28.56 20.14 -12.61
CA ASP G 322 -27.33 21.03 -12.83
C ASP G 322 -26.14 20.46 -12.14
N ASP G 323 -24.94 20.59 -12.74
CA ASP G 323 -23.68 20.55 -12.03
C ASP G 323 -23.47 21.38 -10.74
N ASN G 324 -23.02 20.83 -9.62
CA ASN G 324 -22.64 21.66 -8.41
C ASN G 324 -21.80 20.91 -7.39
N GLN G 325 -21.21 21.60 -6.39
CA GLN G 325 -20.10 20.90 -5.66
C GLN G 325 -20.96 19.70 -5.23
N PHE G 326 -22.29 19.79 -5.40
CA PHE G 326 -23.11 18.72 -4.90
C PHE G 326 -23.12 17.44 -5.69
N THR G 327 -23.81 17.49 -6.84
CA THR G 327 -23.75 16.37 -7.74
C THR G 327 -22.30 15.92 -7.80
N ARG G 328 -21.48 16.63 -8.56
CA ARG G 328 -20.04 16.53 -8.45
C ARG G 328 -19.57 15.79 -7.14
N ASP G 329 -19.73 16.32 -5.92
CA ASP G 329 -19.27 15.56 -4.73
C ASP G 329 -19.79 14.20 -4.77
N ALA G 330 -21.08 14.00 -4.94
CA ALA G 330 -21.60 12.64 -4.87
C ALA G 330 -21.25 11.77 -6.12
N GLY G 331 -20.87 12.43 -7.19
CA GLY G 331 -20.43 11.76 -8.37
C GLY G 331 -21.73 11.30 -8.89
N ILE G 332 -22.69 12.18 -9.02
CA ILE G 332 -23.97 11.77 -9.62
C ILE G 332 -23.94 12.23 -11.09
N ASN G 333 -24.34 11.36 -12.02
CA ASN G 333 -24.32 11.84 -13.44
C ASN G 333 -25.41 12.86 -13.58
N THR G 334 -25.15 13.88 -14.40
CA THR G 334 -26.04 14.94 -14.63
C THR G 334 -26.19 15.13 -16.10
N ASP G 335 -25.28 14.70 -16.94
CA ASP G 335 -25.56 14.73 -18.45
C ASP G 335 -26.62 13.80 -18.94
N ASN G 336 -27.24 14.14 -20.07
CA ASN G 336 -28.10 13.14 -20.86
C ASN G 336 -27.31 11.96 -21.28
N ILE G 337 -28.00 10.98 -21.77
CA ILE G 337 -27.32 9.83 -22.34
C ILE G 337 -28.23 9.23 -23.43
N VAL G 338 -27.65 8.58 -24.36
CA VAL G 338 -28.60 7.76 -25.13
C VAL G 338 -28.22 6.29 -25.19
N ALA G 339 -29.24 5.49 -25.11
CA ALA G 339 -28.90 4.12 -25.28
C ALA G 339 -29.47 3.59 -26.55
N LEU G 340 -28.68 2.75 -27.17
CA LEU G 340 -29.06 2.04 -28.39
C LEU G 340 -28.79 0.59 -28.06
N GLY G 341 -29.76 -0.26 -28.28
CA GLY G 341 -29.54 -1.66 -27.90
C GLY G 341 -30.20 -2.56 -28.94
N LEU G 342 -29.54 -3.72 -29.16
CA LEU G 342 -30.01 -4.87 -29.92
C LEU G 342 -29.91 -6.05 -28.93
N VAL G 343 -30.99 -6.80 -28.76
CA VAL G 343 -30.96 -7.86 -27.79
C VAL G 343 -31.60 -9.07 -28.42
N TYR G 344 -30.98 -10.23 -28.17
CA TYR G 344 -31.42 -11.59 -28.41
C TYR G 344 -31.48 -12.29 -27.06
N GLN G 345 -32.62 -12.93 -26.76
CA GLN G 345 -32.93 -13.65 -25.46
C GLN G 345 -33.59 -14.99 -25.65
N PHE G 346 -33.20 -15.91 -24.80
CA PHE G 346 -33.65 -17.25 -24.83
C PHE G 346 -34.26 -17.60 -23.45
N ALA H 1 16.77 -44.25 45.78
CA ALA H 1 15.80 -44.08 46.91
C ALA H 1 14.71 -43.07 46.49
N SER H 2 13.44 -43.41 46.83
CA SER H 2 12.20 -42.55 46.66
C SER H 2 11.15 -42.75 47.80
N LYS H 3 10.03 -42.02 47.79
CA LYS H 3 8.87 -42.23 48.81
C LYS H 3 7.44 -42.83 48.20
N LYS H 4 6.58 -43.53 49.03
CA LYS H 4 5.46 -44.47 48.54
C LYS H 4 4.51 -44.14 47.30
N SER H 5 3.46 -45.02 47.09
CA SER H 5 2.66 -45.32 45.78
C SER H 5 3.55 -45.58 44.46
N VAL H 6 4.18 -46.80 44.34
CA VAL H 6 5.38 -47.21 43.46
C VAL H 6 5.57 -46.69 41.90
N ARG H 7 6.84 -46.70 41.40
CA ARG H 7 7.57 -45.82 40.34
C ARG H 7 7.34 -45.75 38.74
N TRP H 8 6.71 -44.71 38.16
CA TRP H 8 6.44 -44.73 36.64
C TRP H 8 7.72 -44.65 35.69
N CYS H 9 8.61 -45.69 35.73
CA CYS H 9 9.80 -45.95 34.80
C CYS H 9 9.81 -45.30 33.39
N THR H 10 10.90 -45.56 32.64
CA THR H 10 10.95 -45.36 31.16
C THR H 10 12.21 -46.01 30.53
N THR H 11 12.55 -45.45 29.33
CA THR H 11 13.42 -45.96 28.24
C THR H 11 14.59 -45.01 27.84
N SER H 12 14.63 -44.69 26.49
CA SER H 12 15.47 -43.65 25.68
C SER H 12 14.66 -42.57 24.69
N PRO H 13 15.00 -42.39 23.33
CA PRO H 13 14.19 -41.39 22.46
C PRO H 13 12.56 -41.27 22.42
N ALA H 14 12.08 -40.45 21.44
CA ALA H 14 10.69 -39.89 21.40
C ALA H 14 10.07 -39.57 22.81
N GLU H 15 10.00 -40.61 23.68
CA GLU H 15 9.22 -40.71 25.01
C GLU H 15 9.00 -39.55 26.04
N SER H 16 10.04 -39.24 26.86
CA SER H 16 9.82 -38.49 28.14
C SER H 16 9.52 -36.95 28.24
N LYS H 17 9.68 -36.16 27.16
CA LYS H 17 9.45 -34.65 27.17
C LYS H 17 8.15 -34.14 27.82
N LYS H 18 6.96 -34.39 27.28
CA LYS H 18 5.74 -34.16 28.18
C LYS H 18 5.70 -34.91 29.68
N CYS H 19 6.75 -35.62 30.18
CA CYS H 19 6.63 -36.35 31.49
C CYS H 19 6.19 -35.30 32.55
N ALA H 20 6.53 -33.99 32.25
CA ALA H 20 5.98 -32.73 32.91
C ALA H 20 4.40 -32.77 33.10
N GLN H 21 3.73 -33.73 32.39
CA GLN H 21 2.33 -34.26 32.64
C GLN H 21 2.41 -35.55 33.55
N TRP H 22 2.42 -36.81 33.00
CA TRP H 22 2.45 -38.13 33.84
C TRP H 22 3.80 -38.52 34.69
N GLN H 23 4.28 -37.44 35.34
CA GLN H 23 4.83 -37.46 36.67
C GLN H 23 4.07 -36.32 37.40
N ARG H 24 3.67 -35.37 36.53
CA ARG H 24 3.34 -33.97 36.89
C ARG H 24 2.00 -33.31 36.35
N ARG H 25 1.21 -34.04 35.53
CA ARG H 25 -0.27 -33.78 35.52
C ARG H 25 -0.69 -34.62 36.71
N MET H 26 0.22 -35.56 37.08
CA MET H 26 0.29 -36.38 38.34
C MET H 26 -0.07 -35.49 39.50
N LYS H 27 0.69 -34.40 39.74
CA LYS H 27 0.16 -33.17 40.48
C LYS H 27 -0.39 -32.04 39.47
N LYS H 28 -1.64 -31.55 39.72
CA LYS H 28 -2.40 -30.49 38.94
C LYS H 28 -4.00 -30.47 39.10
N VAL H 29 -4.71 -31.19 40.01
CA VAL H 29 -4.44 -32.06 41.24
C VAL H 29 -3.41 -33.30 41.21
N ARG H 30 -3.04 -33.95 42.37
CA ARG H 30 -1.97 -35.09 42.47
C ARG H 30 -2.14 -36.70 42.12
N GLY H 31 -3.19 -37.09 41.32
CA GLY H 31 -3.59 -38.50 40.93
C GLY H 31 -2.60 -39.71 40.77
N PRO H 32 -3.10 -40.99 41.03
CA PRO H 32 -2.18 -42.17 41.29
C PRO H 32 -0.62 -41.75 41.40
N SER H 33 -0.32 -41.14 42.57
CA SER H 33 0.74 -40.08 42.78
C SER H 33 2.20 -40.34 42.32
N VAL H 34 2.38 -40.71 41.04
CA VAL H 34 3.71 -41.19 40.56
C VAL H 34 4.54 -40.32 39.51
N THR H 35 5.82 -40.06 39.87
CA THR H 35 6.71 -39.26 38.99
C THR H 35 7.34 -40.19 37.91
N CYS H 36 8.65 -40.06 37.67
CA CYS H 36 9.42 -40.91 36.71
C CYS H 36 10.95 -41.18 36.97
N VAL H 37 11.73 -40.70 35.97
CA VAL H 37 13.22 -40.87 35.76
C VAL H 37 13.54 -42.29 35.03
N LYS H 38 14.53 -42.37 34.10
CA LYS H 38 14.78 -43.62 33.27
C LYS H 38 15.42 -45.00 33.84
N LYS H 39 16.76 -45.12 33.95
CA LYS H 39 17.54 -46.39 33.67
C LYS H 39 17.36 -46.56 32.10
N THR H 40 18.39 -46.96 31.33
CA THR H 40 18.20 -46.96 29.81
C THR H 40 17.65 -48.29 29.07
N SER H 41 16.43 -48.71 29.57
CA SER H 41 15.37 -49.65 28.99
C SER H 41 14.18 -50.04 29.96
N ARG H 42 13.21 -50.81 29.40
CA ARG H 42 12.15 -51.65 30.16
C ARG H 42 12.38 -53.27 30.17
N PHE H 43 13.18 -53.78 29.17
CA PHE H 43 14.01 -55.05 29.28
C PHE H 43 15.45 -54.72 29.96
N GLU H 44 15.71 -53.42 30.22
CA GLU H 44 16.56 -52.97 31.38
C GLU H 44 15.57 -53.14 32.65
N CYS H 45 14.86 -52.05 33.08
CA CYS H 45 13.92 -51.94 34.29
C CYS H 45 13.27 -53.25 34.80
#